data_1H0H
#
_entry.id   1H0H
#
_cell.length_a   73.408
_cell.length_b   110.398
_cell.length_c   156.185
_cell.angle_alpha   90.00
_cell.angle_beta   93.53
_cell.angle_gamma   90.00
#
_symmetry.space_group_name_H-M   'P 1 21 1'
#
loop_
_entity.id
_entity.type
_entity.pdbx_description
1 polymer 'FORMATE DEHYDROGENASE SUBUNIT ALPHA'
2 polymer 'FORMATE DEHYDROGENASE SUBUNIT BETA'
3 non-polymer 'TUNGSTEN ION'
4 non-polymer "GUANYLATE-O'-PHOSPHORIC ACID MONO-(2-AMINO-5,6-DIMERCAPTO-4-OXO-3,5,6,7,8A,9,10,10A-OCTAHYDRO-4H-8-OXA-1,3,9,10-TETRAAZA-ANTHRACEN-7-YLMETHYL) ESTER"
5 non-polymer '2-AMINO-5,6-DIMERCAPTO-7-METHYL-3,7,8A,9-TETRAHYDRO-8-OXA-1,3,9,10-TETRAAZA-ANTHRACEN-4-ONE GUANOSINE DINUCLEOTIDE'
6 non-polymer 'UNKNOWN ATOM OR ION'
7 non-polymer 'IRON/SULFUR CLUSTER'
8 non-polymer 'CALCIUM ION'
9 non-polymer '4-(2-HYDROXYETHYL)-1-PIPERAZINE ETHANESULFONIC ACID'
10 water water
#
loop_
_entity_poly.entity_id
_entity_poly.type
_entity_poly.pdbx_seq_one_letter_code
_entity_poly.pdbx_strand_id
1 'polypeptide(L)'
;ATMALKTVDAKQTTSVCCYCSVGCGLIVHTDKKTNRAINVEGDPDHPINEGSLCAKGASTWQLAENERRPANPLYRAPGS
DQWEEKSWDWMLDTIAERVAKTREATFVTKNAKGQVVNRCDGIASVGSAAMDNEECWIYQAWLRSLGLFYIEHQARIUHS
ATVAALAESYGRGAMTNHWIDLKNSDVILMMGSNPAENHPISFKWVMRAKDKGATLIHVDPRYTRTSTKCDLYAPLRSGS
DIAFLNGMTKYILEKELYFKDYVVNYTNASFIVGEGFAFEEGLFAGYNKETRKYDKSKWGFERDENGNPKRDETLKHPRC
VFQIMKKHYERYDLDKISAICGTPKELILKVYDAYCATGKPDKAGTIMYAMGWTQHTVGVQNIRAMSINQLLLGNIGVAG
GGVNALRGEANVQGSTDHGLLMHIYPGYLGTARASIPTYEEYTKKFTPVSKDPQSANWWSNFPKYSASYIKSMWPDADLN
EAYGYLPKGEDGKDYSWLTLFDDMFQGKIKGFFAWGQNPACSGANSNKTREALTKLDWMVNVNIFDNETGSFWRGPDMDP
KKIKTEVFFLPCAVAIEKEGSISNSGRWMQWRYVGPEPRKNAIPDGDLIVELAKRVQKLLAKTPGKLAAPVTKLKTDYWV
NDHGHFDPHKIAKLINGFALKDFKVGDVEYKAGQQIATFGHLQADGSTTSGCWIYTGSYTEKGNMAARRDKTQTDMQAKI
GLYPGWTWAWPVNRRIIYNRASVDLNGKPYAPEKAVVEWNAAEKKWVGDVPDGPWPPQADKEKGKRAFIMKPEGYAYLYG
PGREDGPLPEYYEPMECPVIEHPFSKTLHNPTALHFATEEKAVCDPRYPFICSTYRVTEHWQTGLMTRNTPWLLEAEPQM
FCEMSEELATLRGIKNGDKVILESVRGKLWAKAIITKRIKPFAIQGQQVHMVGIPWHYGWSFPKNGGDAANILTPSVGNP
NTGIPETKAFMVNVTKA
;
A,K
2 'polypeptide(L)'
;SKGFFVDTTRCTACRGCQVACKQWHGNPATPTENTGFHQNPPDFNFHTYKLVRMHEQEIDGRIDWLFFPDQCRHCIAPPC
KATADMEDESAIIHDDATGCVLFTPKTKDLEDYESVISACPYDVPRKVAESNQMAKCDMCIDRITNGLRPACVTSCPTGA
MNFGDLSEMEAMASARLAEIKAAYSDAKLCDPDDVRVIFLTAHNPKLYHEYAVA
;
B,L
#
loop_
_chem_comp.id
_chem_comp.type
_chem_comp.name
_chem_comp.formula
2MD non-polymer 'GUANYLATE-O'-PHOSPHORIC ACID MONO-(2-AMINO-5,6-DIMERCAPTO-4-OXO-3,5,6,7,8A,9,10,10A-OCTAHYDRO-4H-8-OXA-1,3,9,10-TETRAAZA-ANTHRACEN-7-YLMETHYL) ESTER' 'C20 H28 N10 O13 P2 S2'
CA non-polymer 'CALCIUM ION' 'Ca 2'
EPE non-polymer '4-(2-HYDROXYETHYL)-1-PIPERAZINE ETHANESULFONIC ACID' 'C8 H18 N2 O4 S'
MGD non-polymer '2-AMINO-5,6-DIMERCAPTO-7-METHYL-3,7,8A,9-TETRAHYDRO-8-OXA-1,3,9,10-TETRAAZA-ANTHRACEN-4-ONE GUANOSINE DINUCLEOTIDE' 'C20 H26 N10 O13 P2 S2'
SF4 non-polymer 'IRON/SULFUR CLUSTER' 'Fe4 S4'
UNX non-polymer 'UNKNOWN ATOM OR ION' ?
W non-polymer 'TUNGSTEN ION' 'W 6'
#
# COMPACT_ATOMS: atom_id res chain seq x y z
N ALA A 1 -10.43 -48.46 -5.09
CA ALA A 1 -11.43 -48.93 -4.09
C ALA A 1 -12.86 -48.79 -4.65
N THR A 2 -13.58 -47.78 -4.19
CA THR A 2 -14.92 -47.51 -4.69
C THR A 2 -14.82 -46.30 -5.62
N MET A 3 -14.24 -45.23 -5.08
CA MET A 3 -14.02 -43.97 -5.76
C MET A 3 -13.78 -43.99 -7.27
N ALA A 4 -14.59 -43.21 -7.97
CA ALA A 4 -14.44 -43.05 -9.39
C ALA A 4 -13.55 -41.85 -9.64
N LEU A 5 -12.80 -41.91 -10.74
CA LEU A 5 -11.99 -40.78 -11.16
C LEU A 5 -12.91 -39.87 -11.94
N LYS A 6 -12.76 -38.56 -11.75
CA LYS A 6 -13.51 -37.57 -12.52
C LYS A 6 -13.40 -37.85 -14.05
N THR A 7 -12.33 -38.50 -14.49
CA THR A 7 -12.06 -38.69 -15.93
C THR A 7 -12.51 -39.98 -16.62
N VAL A 8 -13.16 -40.89 -15.91
CA VAL A 8 -13.36 -42.24 -16.44
C VAL A 8 -13.93 -42.43 -17.87
N ASP A 9 -14.91 -41.62 -18.25
CA ASP A 9 -15.51 -41.78 -19.56
C ASP A 9 -15.16 -40.63 -20.52
N ALA A 10 -14.11 -39.91 -20.17
CA ALA A 10 -13.70 -38.75 -20.98
C ALA A 10 -12.87 -39.15 -22.20
N LYS A 11 -12.86 -38.30 -23.22
CA LYS A 11 -12.00 -38.59 -24.37
C LYS A 11 -10.59 -38.16 -23.96
N GLN A 12 -9.62 -39.03 -24.15
CA GLN A 12 -8.24 -38.73 -23.79
C GLN A 12 -7.41 -38.43 -25.02
N THR A 13 -6.78 -37.28 -25.05
CA THR A 13 -5.89 -36.92 -26.16
C THR A 13 -4.54 -36.41 -25.65
N THR A 14 -3.55 -36.29 -26.52
CA THR A 14 -2.26 -35.70 -26.11
C THR A 14 -2.11 -34.28 -26.66
N SER A 15 -1.25 -33.52 -26.00
CA SER A 15 -0.89 -32.17 -26.45
C SER A 15 0.52 -31.93 -25.92
N VAL A 16 1.04 -30.72 -26.13
CA VAL A 16 2.35 -30.28 -25.71
C VAL A 16 2.14 -28.87 -25.16
N CYS A 17 2.75 -28.58 -24.02
CA CYS A 17 2.59 -27.32 -23.33
C CYS A 17 2.76 -26.14 -24.28
N CYS A 18 1.91 -25.14 -24.10
CA CYS A 18 1.97 -23.95 -24.96
C CYS A 18 2.80 -22.82 -24.37
N TYR A 19 3.48 -23.06 -23.24
CA TYR A 19 4.28 -21.99 -22.64
C TYR A 19 5.74 -22.00 -23.15
N CYS A 20 6.70 -22.51 -22.36
CA CYS A 20 8.11 -22.40 -22.80
C CYS A 20 8.61 -23.50 -23.75
N SER A 21 9.83 -23.37 -24.21
CA SER A 21 10.34 -24.24 -25.26
C SER A 21 10.83 -25.60 -24.79
N VAL A 22 10.61 -25.96 -23.54
CA VAL A 22 10.98 -27.32 -23.11
C VAL A 22 10.21 -28.42 -23.87
N GLY A 23 8.93 -28.21 -24.14
CA GLY A 23 8.20 -29.16 -24.96
C GLY A 23 7.53 -30.26 -24.15
N CYS A 24 7.16 -29.95 -22.89
CA CYS A 24 6.54 -30.97 -22.01
C CYS A 24 5.28 -31.55 -22.62
N GLY A 25 5.10 -32.88 -22.55
CA GLY A 25 3.87 -33.48 -23.03
C GLY A 25 2.72 -33.36 -22.03
N LEU A 26 1.49 -33.26 -22.56
CA LEU A 26 0.30 -33.16 -21.76
C LEU A 26 -0.67 -34.26 -22.10
N ILE A 27 -1.53 -34.62 -21.16
CA ILE A 27 -2.65 -35.52 -21.43
C ILE A 27 -3.90 -34.71 -21.14
N VAL A 28 -4.85 -34.71 -22.08
CA VAL A 28 -6.05 -33.92 -21.94
C VAL A 28 -7.27 -34.82 -21.92
N HIS A 29 -8.18 -34.60 -20.96
CA HIS A 29 -9.41 -35.36 -20.85
C HIS A 29 -10.58 -34.41 -21.09
N THR A 30 -11.39 -34.73 -22.10
CA THR A 30 -12.49 -33.92 -22.56
C THR A 30 -13.82 -34.64 -22.37
N ASP A 31 -14.78 -33.94 -21.78
CA ASP A 31 -16.13 -34.48 -21.58
C ASP A 31 -16.74 -34.62 -22.98
N LYS A 32 -17.23 -35.81 -23.30
CA LYS A 32 -17.79 -36.09 -24.61
C LYS A 32 -19.12 -35.36 -24.89
N LYS A 33 -19.85 -34.99 -23.84
CA LYS A 33 -21.09 -34.23 -24.01
C LYS A 33 -20.86 -32.72 -24.12
N THR A 34 -19.99 -32.15 -23.30
CA THR A 34 -19.82 -30.71 -23.36
C THR A 34 -18.71 -30.27 -24.27
N ASN A 35 -17.85 -31.21 -24.63
CA ASN A 35 -16.66 -30.90 -25.42
C ASN A 35 -15.70 -29.92 -24.73
N ARG A 36 -15.77 -29.84 -23.40
CA ARG A 36 -14.84 -29.00 -22.63
C ARG A 36 -13.87 -29.90 -21.89
N ALA A 37 -12.69 -29.39 -21.60
CA ALA A 37 -11.70 -30.13 -20.85
C ALA A 37 -12.23 -30.35 -19.43
N ILE A 38 -12.03 -31.53 -18.88
CA ILE A 38 -12.32 -31.71 -17.47
C ILE A 38 -11.05 -31.94 -16.69
N ASN A 39 -9.93 -32.19 -17.39
CA ASN A 39 -8.63 -32.37 -16.77
C ASN A 39 -7.52 -32.18 -17.78
N VAL A 40 -6.43 -31.59 -17.31
CA VAL A 40 -5.22 -31.41 -18.11
C VAL A 40 -4.05 -31.61 -17.17
N GLU A 41 -3.21 -32.59 -17.52
CA GLU A 41 -2.04 -32.88 -16.70
C GLU A 41 -0.92 -33.41 -17.58
N GLY A 42 0.18 -33.79 -16.93
CA GLY A 42 1.33 -34.24 -17.68
C GLY A 42 1.19 -35.64 -18.23
N ASP A 43 1.83 -35.86 -19.37
CA ASP A 43 1.90 -37.16 -20.00
C ASP A 43 3.07 -37.97 -19.42
N PRO A 44 2.77 -38.96 -18.60
CA PRO A 44 3.81 -39.73 -17.91
C PRO A 44 4.78 -40.42 -18.88
N ASP A 45 4.34 -40.68 -20.10
CA ASP A 45 5.17 -41.39 -21.09
C ASP A 45 6.08 -40.48 -21.91
N HIS A 46 5.88 -39.18 -21.84
CA HIS A 46 6.71 -38.27 -22.65
C HIS A 46 8.12 -38.29 -22.10
N PRO A 47 9.11 -38.54 -22.96
CA PRO A 47 10.50 -38.69 -22.51
C PRO A 47 11.12 -37.42 -21.90
N ILE A 48 10.69 -36.22 -22.27
CA ILE A 48 11.26 -35.03 -21.72
C ILE A 48 10.77 -34.73 -20.29
N ASN A 49 9.45 -34.72 -20.08
CA ASN A 49 8.91 -34.37 -18.75
C ASN A 49 8.48 -35.54 -17.85
N GLU A 50 8.22 -36.68 -18.45
CA GLU A 50 7.80 -37.87 -17.72
C GLU A 50 6.59 -37.55 -16.84
N GLY A 51 5.72 -36.67 -17.34
CA GLY A 51 4.48 -36.27 -16.67
C GLY A 51 4.57 -35.04 -15.78
N SER A 52 5.80 -34.57 -15.53
CA SER A 52 5.97 -33.40 -14.67
C SER A 52 5.59 -32.14 -15.45
N LEU A 53 5.22 -31.11 -14.69
CA LEU A 53 4.86 -29.80 -15.24
C LEU A 53 5.15 -28.73 -14.19
N CYS A 54 5.66 -27.58 -14.61
CA CYS A 54 5.78 -26.49 -13.66
C CYS A 54 4.42 -25.80 -13.40
N ALA A 55 4.39 -24.76 -12.58
CA ALA A 55 3.14 -24.08 -12.30
C ALA A 55 2.38 -23.79 -13.57
N LYS A 56 3.09 -23.31 -14.59
CA LYS A 56 2.41 -22.92 -15.83
C LYS A 56 1.73 -24.05 -16.61
N GLY A 57 2.47 -25.11 -16.91
CA GLY A 57 1.87 -26.26 -17.56
C GLY A 57 0.75 -26.84 -16.71
N ALA A 58 0.96 -26.85 -15.41
CA ALA A 58 -0.01 -27.47 -14.51
C ALA A 58 -1.35 -26.72 -14.52
N SER A 59 -1.34 -25.44 -14.90
CA SER A 59 -2.50 -24.58 -14.80
C SER A 59 -3.30 -24.56 -16.10
N THR A 60 -2.85 -25.29 -17.10
CA THR A 60 -3.43 -25.28 -18.46
C THR A 60 -4.96 -25.32 -18.53
N TRP A 61 -5.57 -26.14 -17.70
CA TRP A 61 -7.03 -26.26 -17.69
C TRP A 61 -7.68 -24.89 -17.56
N GLN A 62 -7.14 -24.06 -16.67
CA GLN A 62 -7.67 -22.73 -16.44
C GLN A 62 -7.51 -21.78 -17.61
N LEU A 63 -6.52 -22.04 -18.47
CA LEU A 63 -6.30 -21.22 -19.66
C LEU A 63 -7.48 -21.44 -20.64
N ALA A 64 -7.80 -22.70 -20.88
CA ALA A 64 -8.90 -23.03 -21.79
C ALA A 64 -10.29 -22.71 -21.20
N GLU A 65 -10.52 -23.21 -20.01
CA GLU A 65 -11.84 -23.13 -19.42
C GLU A 65 -11.95 -21.79 -18.66
N ASN A 66 -12.05 -20.73 -19.44
CA ASN A 66 -11.87 -19.38 -18.92
C ASN A 66 -12.94 -18.40 -19.38
N GLU A 67 -13.67 -17.89 -18.42
CA GLU A 67 -14.79 -17.01 -18.70
C GLU A 67 -14.32 -15.65 -19.20
N ARG A 68 -13.04 -15.36 -19.08
CA ARG A 68 -12.55 -14.06 -19.55
C ARG A 68 -12.24 -14.06 -21.05
N ARG A 69 -12.27 -15.23 -21.68
CA ARG A 69 -12.12 -15.28 -23.14
C ARG A 69 -13.37 -14.67 -23.80
N PRO A 70 -13.20 -13.57 -24.56
CA PRO A 70 -14.35 -12.98 -25.24
C PRO A 70 -14.95 -14.01 -26.18
N ALA A 71 -16.23 -14.31 -26.00
CA ALA A 71 -16.93 -15.31 -26.81
C ALA A 71 -17.10 -14.92 -28.27
N ASN A 72 -17.17 -13.62 -28.54
CA ASN A 72 -17.47 -13.14 -29.87
C ASN A 72 -16.53 -12.03 -30.32
N PRO A 73 -16.35 -11.88 -31.63
CA PRO A 73 -15.50 -10.81 -32.15
C PRO A 73 -15.98 -9.45 -31.66
N LEU A 74 -15.02 -8.55 -31.50
CA LEU A 74 -15.28 -7.23 -30.97
C LEU A 74 -14.72 -6.19 -31.91
N TYR A 75 -15.54 -5.18 -32.19
CA TYR A 75 -15.15 -4.12 -33.08
C TYR A 75 -15.17 -2.79 -32.36
N ARG A 76 -14.14 -2.00 -32.60
CA ARG A 76 -14.09 -0.67 -32.01
C ARG A 76 -14.03 0.31 -33.16
N ALA A 77 -15.03 1.17 -33.23
CA ALA A 77 -15.11 2.15 -34.30
C ALA A 77 -14.22 3.36 -34.02
N PRO A 78 -13.85 4.10 -35.06
CA PRO A 78 -13.06 5.32 -34.85
C PRO A 78 -13.70 6.19 -33.77
N GLY A 79 -12.90 6.63 -32.81
CA GLY A 79 -13.39 7.54 -31.78
C GLY A 79 -14.30 6.98 -30.70
N SER A 80 -14.59 5.69 -30.77
CA SER A 80 -15.54 5.10 -29.83
C SER A 80 -14.88 4.69 -28.51
N ASP A 81 -15.61 4.75 -27.40
CA ASP A 81 -15.05 4.32 -26.11
C ASP A 81 -15.47 2.91 -25.67
N GLN A 82 -16.11 2.16 -26.57
CA GLN A 82 -16.53 0.81 -26.19
C GLN A 82 -16.46 -0.16 -27.35
N TRP A 83 -16.25 -1.43 -27.02
CA TRP A 83 -16.28 -2.48 -28.03
C TRP A 83 -17.74 -2.68 -28.44
N GLU A 84 -17.92 -3.20 -29.65
CA GLU A 84 -19.23 -3.60 -30.12
C GLU A 84 -19.11 -5.04 -30.60
N GLU A 85 -19.97 -5.95 -30.18
CA GLU A 85 -19.86 -7.32 -30.69
C GLU A 85 -20.35 -7.35 -32.14
N LYS A 86 -19.69 -8.13 -32.99
CA LYS A 86 -20.06 -8.25 -34.41
C LYS A 86 -19.98 -9.73 -34.79
N SER A 87 -20.66 -10.09 -35.89
CA SER A 87 -20.61 -11.46 -36.39
C SER A 87 -19.27 -11.74 -37.08
N TRP A 88 -18.91 -13.01 -37.16
CA TRP A 88 -17.65 -13.37 -37.78
C TRP A 88 -17.67 -12.96 -39.23
N ASP A 89 -18.83 -13.05 -39.88
CA ASP A 89 -18.86 -12.73 -41.30
C ASP A 89 -18.63 -11.27 -41.58
N TRP A 90 -19.27 -10.42 -40.77
CA TRP A 90 -19.08 -8.99 -40.85
C TRP A 90 -17.61 -8.64 -40.65
N MET A 91 -17.01 -9.25 -39.63
CA MET A 91 -15.63 -8.91 -39.31
C MET A 91 -14.68 -9.34 -40.40
N LEU A 92 -14.80 -10.60 -40.83
CA LEU A 92 -13.92 -11.14 -41.86
C LEU A 92 -14.05 -10.41 -43.19
N ASP A 93 -15.28 -10.10 -43.61
CA ASP A 93 -15.45 -9.35 -44.86
C ASP A 93 -14.95 -7.92 -44.73
N THR A 94 -15.18 -7.31 -43.56
CA THR A 94 -14.73 -5.94 -43.36
C THR A 94 -13.22 -5.87 -43.36
N ILE A 95 -12.57 -6.76 -42.61
CA ILE A 95 -11.11 -6.81 -42.62
C ILE A 95 -10.61 -7.02 -44.05
N ALA A 96 -11.26 -7.92 -44.78
CA ALA A 96 -10.81 -8.18 -46.12
C ALA A 96 -10.84 -6.90 -46.96
N GLU A 97 -11.88 -6.10 -46.78
CA GLU A 97 -12.00 -4.84 -47.50
C GLU A 97 -10.88 -3.88 -47.09
N ARG A 98 -10.64 -3.75 -45.78
CA ARG A 98 -9.59 -2.86 -45.29
C ARG A 98 -8.22 -3.26 -45.87
N VAL A 99 -7.95 -4.56 -45.87
CA VAL A 99 -6.67 -5.09 -46.37
C VAL A 99 -6.54 -4.79 -47.86
N ALA A 100 -7.60 -5.02 -48.62
CA ALA A 100 -7.55 -4.77 -50.05
C ALA A 100 -7.35 -3.30 -50.37
N LYS A 101 -8.10 -2.42 -49.71
CA LYS A 101 -8.03 -0.99 -49.99
C LYS A 101 -6.70 -0.36 -49.52
N THR A 102 -6.30 -0.70 -48.30
CA THR A 102 -5.06 -0.18 -47.76
C THR A 102 -3.87 -0.72 -48.54
N ARG A 103 -3.91 -2.00 -48.89
CA ARG A 103 -2.84 -2.54 -49.71
C ARG A 103 -2.74 -1.69 -50.99
N GLU A 104 -3.86 -1.48 -51.68
CA GLU A 104 -3.81 -0.76 -52.94
C GLU A 104 -3.26 0.64 -52.77
N ALA A 105 -3.74 1.35 -51.76
CA ALA A 105 -3.30 2.71 -51.56
C ALA A 105 -1.82 2.86 -51.24
N THR A 106 -1.21 1.84 -50.65
CA THR A 106 0.19 1.95 -50.24
C THR A 106 1.13 1.02 -51.00
N PHE A 107 0.65 0.51 -52.12
CA PHE A 107 1.45 -0.45 -52.87
C PHE A 107 2.33 0.24 -53.88
N VAL A 108 3.60 -0.18 -53.88
CA VAL A 108 4.61 0.34 -54.80
C VAL A 108 4.98 -0.74 -55.81
N THR A 109 4.79 -0.45 -57.10
CA THR A 109 5.23 -1.37 -58.13
C THR A 109 6.68 -1.05 -58.39
N LYS A 110 6.92 0.11 -59.01
CA LYS A 110 8.27 0.63 -59.22
C LYS A 110 8.55 1.73 -58.24
N ASN A 111 9.65 1.64 -57.51
CA ASN A 111 9.99 2.69 -56.54
C ASN A 111 10.56 3.93 -57.26
N ALA A 112 10.91 4.95 -56.47
CA ALA A 112 11.46 6.17 -57.04
C ALA A 112 12.80 5.97 -57.77
N LYS A 113 13.58 4.97 -57.39
CA LYS A 113 14.83 4.71 -58.09
C LYS A 113 14.59 3.88 -59.36
N GLY A 114 13.34 3.56 -59.68
CA GLY A 114 13.05 2.81 -60.89
C GLY A 114 13.19 1.30 -60.76
N GLN A 115 13.28 0.79 -59.55
CA GLN A 115 13.39 -0.64 -59.33
C GLN A 115 12.01 -1.23 -59.09
N VAL A 116 11.73 -2.36 -59.73
CA VAL A 116 10.50 -3.09 -59.46
C VAL A 116 10.58 -3.78 -58.09
N VAL A 117 9.71 -3.40 -57.18
CA VAL A 117 9.73 -3.96 -55.84
C VAL A 117 8.44 -4.67 -55.47
N ASN A 118 7.32 -4.30 -56.10
CA ASN A 118 6.04 -4.96 -55.79
C ASN A 118 5.83 -5.17 -54.28
N ARG A 119 5.84 -4.06 -53.56
CA ARG A 119 5.83 -4.09 -52.10
C ARG A 119 4.76 -3.21 -51.50
N CYS A 120 4.10 -3.71 -50.47
CA CYS A 120 3.10 -2.92 -49.77
C CYS A 120 3.81 -2.22 -48.60
N ASP A 121 3.83 -0.89 -48.59
CA ASP A 121 4.52 -0.17 -47.52
C ASP A 121 3.63 0.24 -46.37
N GLY A 122 2.33 0.05 -46.48
CA GLY A 122 1.45 0.60 -45.47
C GLY A 122 0.83 -0.37 -44.48
N ILE A 123 1.13 -1.66 -44.63
CA ILE A 123 0.63 -2.66 -43.68
C ILE A 123 1.79 -3.39 -43.05
N ALA A 124 1.69 -3.64 -41.75
CA ALA A 124 2.76 -4.34 -41.04
C ALA A 124 2.13 -5.45 -40.19
N SER A 125 2.95 -6.40 -39.78
CA SER A 125 2.48 -7.49 -38.95
C SER A 125 3.49 -7.92 -37.89
N VAL A 126 3.02 -8.14 -36.67
CA VAL A 126 3.81 -8.83 -35.69
C VAL A 126 3.06 -10.07 -35.23
N GLY A 127 3.80 -11.16 -35.09
CA GLY A 127 3.26 -12.39 -34.56
C GLY A 127 3.37 -13.59 -35.48
N SER A 128 3.49 -14.80 -34.92
CA SER A 128 3.69 -15.02 -33.47
C SER A 128 4.21 -16.43 -33.23
N ALA A 129 5.15 -16.54 -32.29
CA ALA A 129 5.66 -17.83 -31.82
C ALA A 129 4.55 -18.63 -31.12
N ALA A 130 3.42 -18.00 -30.82
CA ALA A 130 2.31 -18.71 -30.20
C ALA A 130 1.54 -19.63 -31.18
N MET A 131 1.73 -19.40 -32.47
CA MET A 131 1.01 -20.19 -33.48
C MET A 131 1.68 -21.52 -33.81
N ASP A 132 0.89 -22.47 -34.32
CA ASP A 132 1.45 -23.75 -34.74
C ASP A 132 2.32 -23.53 -35.98
N ASN A 133 3.20 -24.48 -36.25
CA ASN A 133 4.05 -24.42 -37.45
C ASN A 133 3.23 -24.22 -38.73
N GLU A 134 2.13 -24.95 -38.81
CA GLU A 134 1.33 -24.94 -40.05
C GLU A 134 0.60 -23.60 -40.20
N GLU A 135 0.24 -22.99 -39.06
CA GLU A 135 -0.30 -21.63 -39.06
C GLU A 135 0.75 -20.56 -39.39
N CYS A 136 1.94 -20.68 -38.80
CA CYS A 136 3.01 -19.72 -39.09
C CYS A 136 3.33 -19.71 -40.58
N TRP A 137 3.39 -20.87 -41.18
CA TRP A 137 3.77 -20.92 -42.58
C TRP A 137 2.74 -20.33 -43.49
N ILE A 138 1.48 -20.67 -43.30
CA ILE A 138 0.51 -20.05 -44.18
C ILE A 138 0.38 -18.56 -43.88
N TYR A 139 0.68 -18.13 -42.65
CA TYR A 139 0.57 -16.72 -42.28
C TYR A 139 1.62 -15.91 -43.07
N GLN A 140 2.87 -16.35 -43.07
CA GLN A 140 3.89 -15.61 -43.84
C GLN A 140 3.59 -15.68 -45.32
N ALA A 141 3.07 -16.82 -45.77
CA ALA A 141 2.74 -16.95 -47.18
C ALA A 141 1.69 -15.91 -47.58
N TRP A 142 0.62 -15.83 -46.80
CA TRP A 142 -0.43 -14.85 -47.02
C TRP A 142 0.14 -13.45 -47.03
N LEU A 143 0.87 -13.09 -46.00
CA LEU A 143 1.42 -11.74 -45.90
C LEU A 143 2.34 -11.38 -47.07
N ARG A 144 3.18 -12.32 -47.49
CA ARG A 144 4.05 -12.04 -48.61
C ARG A 144 3.27 -11.88 -49.92
N SER A 145 2.21 -12.66 -50.07
CA SER A 145 1.39 -12.58 -51.28
C SER A 145 0.74 -11.21 -51.33
N LEU A 146 0.54 -10.61 -50.16
CA LEU A 146 0.00 -9.26 -50.08
C LEU A 146 1.05 -8.19 -50.36
N GLY A 147 2.31 -8.59 -50.39
CA GLY A 147 3.40 -7.66 -50.61
C GLY A 147 4.00 -7.06 -49.35
N LEU A 148 3.65 -7.58 -48.19
CA LEU A 148 4.25 -7.10 -46.94
C LEU A 148 5.72 -7.44 -46.81
N PHE A 149 6.50 -6.51 -46.24
CA PHE A 149 7.90 -6.76 -45.94
C PHE A 149 8.07 -6.56 -44.43
N TYR A 150 7.26 -5.71 -43.82
CA TYR A 150 7.27 -5.55 -42.35
C TYR A 150 6.56 -6.76 -41.71
N ILE A 151 7.30 -7.83 -41.47
CA ILE A 151 6.78 -9.09 -40.93
C ILE A 151 7.77 -9.49 -39.88
N GLU A 152 7.34 -9.38 -38.62
CA GLU A 152 8.21 -9.65 -37.49
C GLU A 152 7.49 -10.46 -36.41
N HIS A 153 8.22 -10.94 -35.40
CA HIS A 153 7.62 -11.53 -34.24
C HIS A 153 8.64 -11.59 -33.10
N GLN A 154 8.28 -12.30 -32.04
CA GLN A 154 9.12 -12.55 -30.85
C GLN A 154 10.62 -12.72 -31.09
N ALA A 155 10.96 -13.68 -31.96
CA ALA A 155 12.36 -14.01 -32.19
C ALA A 155 13.29 -12.85 -32.45
N ARG A 156 12.78 -11.72 -32.94
CA ARG A 156 13.68 -10.62 -33.25
C ARG A 156 14.32 -10.13 -31.97
N ILE A 157 13.56 -10.19 -30.89
CA ILE A 157 13.99 -9.53 -29.67
C ILE A 157 15.03 -10.33 -28.91
N SEC A 158 14.86 -11.60 -28.70
CA SEC A 158 15.76 -12.33 -27.81
C SEC A 158 16.62 -13.31 -28.56
N HIS A 159 16.35 -13.61 -29.85
CA HIS A 159 17.19 -14.73 -30.38
C HIS A 159 17.94 -14.24 -31.65
N SER A 160 17.72 -13.00 -32.09
CA SER A 160 18.46 -12.52 -33.28
C SER A 160 19.98 -12.47 -33.08
N ALA A 161 20.42 -12.10 -31.88
CA ALA A 161 21.85 -12.08 -31.56
C ALA A 161 22.40 -13.49 -31.57
N THR A 162 21.64 -14.40 -31.01
CA THR A 162 22.05 -15.79 -30.95
C THR A 162 22.21 -16.35 -32.34
N VAL A 163 21.23 -16.11 -33.21
CA VAL A 163 21.31 -16.65 -34.56
C VAL A 163 22.57 -16.16 -35.25
N ALA A 164 22.80 -14.85 -35.16
CA ALA A 164 23.96 -14.23 -35.77
C ALA A 164 25.26 -14.78 -35.22
N ALA A 165 25.37 -14.86 -33.90
CA ALA A 165 26.59 -15.34 -33.33
C ALA A 165 26.84 -16.81 -33.62
N LEU A 166 25.84 -17.65 -33.43
CA LEU A 166 26.10 -19.08 -33.57
C LEU A 166 26.22 -19.49 -35.02
N ALA A 167 25.54 -18.79 -35.92
CA ALA A 167 25.67 -19.13 -37.33
C ALA A 167 27.10 -18.81 -37.76
N GLU A 168 27.65 -17.72 -37.24
CA GLU A 168 29.04 -17.38 -37.55
C GLU A 168 29.97 -18.49 -37.07
N SER A 169 29.76 -18.92 -35.83
CA SER A 169 30.66 -19.90 -35.23
C SER A 169 30.48 -21.30 -35.79
N TYR A 170 29.24 -21.78 -35.85
CA TYR A 170 28.97 -23.18 -36.14
C TYR A 170 28.24 -23.43 -37.46
N GLY A 171 27.60 -22.41 -37.99
CA GLY A 171 26.90 -22.58 -39.24
C GLY A 171 25.38 -22.56 -39.16
N ARG A 172 24.83 -22.75 -37.95
CA ARG A 172 23.39 -22.66 -37.74
C ARG A 172 23.14 -21.83 -36.46
N GLY A 173 21.96 -21.24 -36.34
CA GLY A 173 21.61 -20.46 -35.16
C GLY A 173 20.92 -21.24 -34.04
N ALA A 174 20.66 -22.52 -34.27
CA ALA A 174 19.87 -23.31 -33.31
C ALA A 174 20.58 -23.81 -32.07
N MET A 175 19.79 -24.11 -31.06
CA MET A 175 20.29 -24.81 -29.88
C MET A 175 21.01 -26.10 -30.37
N THR A 176 22.25 -26.35 -29.94
CA THR A 176 23.03 -27.45 -30.54
C THR A 176 22.70 -28.83 -30.04
N ASN A 177 22.24 -28.94 -28.81
CA ASN A 177 21.93 -30.22 -28.21
C ASN A 177 20.42 -30.27 -27.90
N HIS A 178 20.02 -30.89 -26.80
CA HIS A 178 18.59 -30.98 -26.49
C HIS A 178 18.41 -31.20 -25.00
N TRP A 179 17.18 -31.08 -24.51
CA TRP A 179 16.95 -31.06 -23.08
C TRP A 179 17.46 -32.28 -22.31
N ILE A 180 17.08 -33.45 -22.76
CA ILE A 180 17.43 -34.69 -22.06
C ILE A 180 18.94 -34.88 -22.01
N ASP A 181 19.61 -34.41 -23.06
CA ASP A 181 21.05 -34.49 -23.15
C ASP A 181 21.82 -33.82 -22.03
N LEU A 182 21.19 -32.87 -21.34
CA LEU A 182 21.81 -32.18 -20.22
C LEU A 182 22.27 -33.16 -19.14
N LYS A 183 21.60 -34.31 -19.04
CA LYS A 183 21.98 -35.29 -18.02
C LYS A 183 23.39 -35.83 -18.26
N ASN A 184 23.88 -35.67 -19.50
CA ASN A 184 25.19 -36.21 -19.85
C ASN A 184 26.34 -35.28 -19.59
N SER A 185 26.03 -34.08 -19.10
N SER A 185 26.03 -34.10 -19.09
CA SER A 185 27.05 -33.06 -18.87
CA SER A 185 27.04 -33.08 -18.86
C SER A 185 27.87 -33.29 -17.59
C SER A 185 27.87 -33.29 -17.59
N ASP A 186 29.17 -33.00 -17.67
CA ASP A 186 30.04 -33.09 -16.52
C ASP A 186 30.03 -31.75 -15.78
N VAL A 187 29.85 -30.66 -16.52
CA VAL A 187 29.74 -29.34 -15.90
C VAL A 187 28.68 -28.53 -16.65
N ILE A 188 27.70 -27.99 -15.94
CA ILE A 188 26.63 -27.21 -16.56
C ILE A 188 26.78 -25.76 -16.10
N LEU A 189 27.11 -24.88 -17.04
CA LEU A 189 27.26 -23.46 -16.75
C LEU A 189 26.01 -22.73 -17.21
N MET A 190 25.28 -22.21 -16.25
CA MET A 190 24.09 -21.43 -16.55
C MET A 190 24.43 -19.95 -16.40
N MET A 191 24.52 -19.25 -17.50
CA MET A 191 24.99 -17.89 -17.43
C MET A 191 24.18 -17.03 -18.40
N GLY A 192 23.51 -16.01 -17.90
CA GLY A 192 22.56 -15.28 -18.75
C GLY A 192 21.30 -16.12 -18.96
N SER A 193 20.98 -16.92 -17.94
CA SER A 193 19.77 -17.74 -17.94
C SER A 193 19.35 -18.01 -16.49
N ASN A 194 18.14 -18.51 -16.33
CA ASN A 194 17.63 -18.87 -15.02
C ASN A 194 16.69 -20.06 -15.22
N PRO A 195 17.27 -21.16 -15.69
CA PRO A 195 16.47 -22.29 -16.17
C PRO A 195 15.53 -22.92 -15.16
N ALA A 196 15.81 -22.84 -13.86
CA ALA A 196 14.85 -23.44 -12.93
C ALA A 196 13.51 -22.67 -12.95
N GLU A 197 13.55 -21.38 -13.32
CA GLU A 197 12.32 -20.60 -13.40
C GLU A 197 11.80 -20.46 -14.81
N ASN A 198 12.71 -20.38 -15.77
CA ASN A 198 12.29 -20.10 -17.12
C ASN A 198 12.19 -21.28 -18.07
N HIS A 199 12.80 -22.41 -17.68
CA HIS A 199 12.70 -23.64 -18.45
C HIS A 199 12.63 -24.79 -17.47
N PRO A 200 11.67 -24.71 -16.58
CA PRO A 200 11.69 -25.51 -15.35
C PRO A 200 11.95 -26.99 -15.50
N ILE A 201 11.31 -27.66 -16.46
CA ILE A 201 11.50 -29.11 -16.56
C ILE A 201 12.93 -29.46 -16.96
N SER A 202 13.65 -28.48 -17.50
CA SER A 202 15.08 -28.74 -17.75
C SER A 202 15.78 -29.18 -16.49
N PHE A 203 15.29 -28.73 -15.33
CA PHE A 203 15.96 -29.10 -14.08
C PHE A 203 15.86 -30.58 -13.74
N LYS A 204 14.94 -31.28 -14.36
CA LYS A 204 14.90 -32.73 -14.15
C LYS A 204 16.26 -33.30 -14.63
N TRP A 205 16.70 -32.80 -15.78
CA TRP A 205 17.92 -33.33 -16.42
C TRP A 205 19.20 -32.73 -15.83
N VAL A 206 19.14 -31.45 -15.52
CA VAL A 206 20.26 -30.79 -14.86
C VAL A 206 20.52 -31.50 -13.53
N MET A 207 19.47 -31.81 -12.76
CA MET A 207 19.66 -32.47 -11.45
C MET A 207 20.09 -33.92 -11.67
N ARG A 208 19.63 -34.56 -12.74
CA ARG A 208 20.16 -35.89 -13.05
C ARG A 208 21.66 -35.86 -13.34
N ALA A 209 22.16 -34.81 -14.02
CA ALA A 209 23.60 -34.69 -14.17
C ALA A 209 24.29 -34.52 -12.81
N LYS A 210 23.71 -33.68 -11.97
CA LYS A 210 24.29 -33.43 -10.64
C LYS A 210 24.37 -34.75 -9.87
N ASP A 211 23.33 -35.59 -10.01
CA ASP A 211 23.29 -36.88 -9.34
C ASP A 211 24.43 -37.78 -9.79
N LYS A 212 24.96 -37.48 -10.96
CA LYS A 212 26.05 -38.27 -11.55
C LYS A 212 27.42 -37.69 -11.25
N GLY A 213 27.43 -36.59 -10.54
CA GLY A 213 28.69 -35.98 -10.17
C GLY A 213 28.97 -34.66 -10.88
N ALA A 214 28.03 -34.18 -11.68
CA ALA A 214 28.24 -32.93 -12.39
C ALA A 214 28.30 -31.74 -11.45
N THR A 215 29.06 -30.73 -11.86
CA THR A 215 29.15 -29.48 -11.16
C THR A 215 28.19 -28.50 -11.84
N LEU A 216 27.31 -27.89 -11.06
CA LEU A 216 26.37 -26.92 -11.58
C LEU A 216 26.81 -25.52 -11.16
N ILE A 217 26.86 -24.61 -12.14
CA ILE A 217 27.33 -23.26 -11.93
C ILE A 217 26.33 -22.25 -12.46
N HIS A 218 26.07 -21.24 -11.65
CA HIS A 218 25.18 -20.17 -12.07
C HIS A 218 25.90 -18.86 -11.97
N VAL A 219 25.91 -18.07 -13.06
CA VAL A 219 26.59 -16.78 -13.06
C VAL A 219 25.51 -15.78 -13.45
N ASP A 220 25.17 -14.91 -12.51
CA ASP A 220 23.99 -14.06 -12.62
C ASP A 220 24.16 -12.96 -11.58
N PRO A 221 23.78 -11.74 -11.92
CA PRO A 221 23.78 -10.62 -10.96
C PRO A 221 22.85 -10.87 -9.78
N ARG A 222 21.91 -11.81 -9.89
CA ARG A 222 20.99 -12.09 -8.77
C ARG A 222 21.07 -13.56 -8.37
N TYR A 223 20.81 -13.85 -7.09
CA TYR A 223 20.67 -15.23 -6.64
C TYR A 223 19.19 -15.61 -6.82
N THR A 224 18.91 -16.68 -7.55
CA THR A 224 17.56 -17.03 -7.90
C THR A 224 17.18 -18.45 -7.49
N ARG A 225 15.99 -18.89 -7.90
CA ARG A 225 15.61 -20.28 -7.63
C ARG A 225 16.61 -21.27 -8.25
N THR A 226 17.20 -20.93 -9.40
CA THR A 226 18.24 -21.76 -9.99
C THR A 226 19.47 -21.85 -9.09
N SER A 227 19.94 -20.70 -8.61
CA SER A 227 21.15 -20.63 -7.77
C SER A 227 21.13 -21.63 -6.59
N THR A 228 19.95 -21.85 -6.01
CA THR A 228 19.81 -22.73 -4.83
C THR A 228 20.37 -24.12 -5.05
N LYS A 229 20.45 -24.55 -6.29
CA LYS A 229 20.86 -25.92 -6.61
C LYS A 229 22.31 -26.02 -7.07
N CYS A 230 22.99 -24.90 -7.14
CA CYS A 230 24.30 -24.91 -7.79
C CYS A 230 25.43 -25.06 -6.82
N ASP A 231 26.46 -25.76 -7.27
CA ASP A 231 27.71 -25.94 -6.55
C ASP A 231 28.47 -24.62 -6.46
N LEU A 232 28.36 -23.78 -7.50
CA LEU A 232 29.06 -22.50 -7.55
C LEU A 232 28.08 -21.44 -8.02
N TYR A 233 27.91 -20.37 -7.24
CA TYR A 233 27.10 -19.25 -7.68
C TYR A 233 28.02 -18.05 -7.73
N ALA A 234 28.03 -17.34 -8.85
CA ALA A 234 28.90 -16.21 -8.99
C ALA A 234 28.13 -14.99 -9.41
N PRO A 235 28.13 -13.97 -8.57
CA PRO A 235 27.48 -12.71 -8.93
C PRO A 235 28.43 -11.97 -9.87
N LEU A 236 27.89 -11.30 -10.87
CA LEU A 236 28.70 -10.42 -11.67
C LEU A 236 27.86 -9.25 -12.13
N ARG A 237 28.51 -8.10 -12.34
CA ARG A 237 27.83 -6.86 -12.70
C ARG A 237 27.12 -6.99 -14.03
N SER A 238 25.94 -6.40 -14.15
CA SER A 238 25.18 -6.46 -15.40
C SER A 238 26.03 -6.04 -16.59
N GLY A 239 26.00 -6.85 -17.63
CA GLY A 239 26.68 -6.56 -18.88
C GLY A 239 28.19 -6.74 -18.89
N SER A 240 28.77 -7.31 -17.83
CA SER A 240 30.21 -7.48 -17.78
C SER A 240 30.64 -8.88 -18.24
N ASP A 241 29.67 -9.65 -18.71
CA ASP A 241 29.92 -11.05 -19.05
C ASP A 241 31.09 -11.28 -19.98
N ILE A 242 31.27 -10.40 -20.97
CA ILE A 242 32.38 -10.56 -21.90
C ILE A 242 33.73 -10.64 -21.21
N ALA A 243 33.92 -9.87 -20.15
CA ALA A 243 35.17 -9.90 -19.41
C ALA A 243 35.37 -11.28 -18.80
N PHE A 244 34.32 -11.79 -18.18
CA PHE A 244 34.35 -13.09 -17.51
C PHE A 244 34.67 -14.18 -18.53
N LEU A 245 34.01 -14.11 -19.68
CA LEU A 245 34.20 -15.12 -20.73
C LEU A 245 35.54 -15.01 -21.45
N ASN A 246 36.03 -13.81 -21.70
CA ASN A 246 37.32 -13.68 -22.38
C ASN A 246 38.43 -14.08 -21.43
N GLY A 247 38.24 -13.83 -20.15
CA GLY A 247 39.18 -14.28 -19.14
C GLY A 247 39.27 -15.80 -19.15
N MET A 248 38.14 -16.46 -19.36
CA MET A 248 38.16 -17.92 -19.49
C MET A 248 38.97 -18.35 -20.75
N THR A 249 38.80 -17.63 -21.85
CA THR A 249 39.54 -17.98 -23.05
C THR A 249 41.05 -17.89 -22.81
N LYS A 250 41.48 -16.81 -22.17
CA LYS A 250 42.87 -16.62 -21.81
C LYS A 250 43.33 -17.81 -20.99
N TYR A 251 42.54 -18.15 -19.99
CA TYR A 251 42.90 -19.24 -19.08
C TYR A 251 43.04 -20.56 -19.83
N ILE A 252 42.08 -20.84 -20.71
CA ILE A 252 42.13 -22.05 -21.53
C ILE A 252 43.40 -22.13 -22.39
N LEU A 253 43.71 -21.04 -23.09
CA LEU A 253 44.87 -21.02 -23.96
C LEU A 253 46.16 -21.07 -23.19
N GLU A 254 46.27 -20.27 -22.13
CA GLU A 254 47.55 -20.20 -21.41
C GLU A 254 47.88 -21.44 -20.59
N LYS A 255 46.86 -22.08 -20.04
CA LYS A 255 47.10 -23.28 -19.25
C LYS A 255 47.04 -24.52 -20.13
N GLU A 256 46.85 -24.31 -21.43
CA GLU A 256 46.77 -25.42 -22.38
C GLU A 256 45.69 -26.44 -21.96
N LEU A 257 44.50 -25.94 -21.68
CA LEU A 257 43.41 -26.79 -21.26
C LEU A 257 42.51 -27.14 -22.44
N TYR A 258 42.89 -26.64 -23.61
CA TYR A 258 42.13 -26.89 -24.81
C TYR A 258 42.42 -28.31 -25.31
N PHE A 259 41.53 -28.83 -26.15
CA PHE A 259 41.65 -30.17 -26.71
C PHE A 259 42.25 -30.01 -28.09
N LYS A 260 43.56 -30.16 -28.15
CA LYS A 260 44.32 -29.85 -29.35
C LYS A 260 43.85 -30.54 -30.63
N ASP A 261 43.72 -31.87 -30.60
CA ASP A 261 43.29 -32.59 -31.78
C ASP A 261 41.95 -32.06 -32.30
N TYR A 262 41.02 -31.83 -31.39
CA TYR A 262 39.70 -31.33 -31.79
C TYR A 262 39.86 -29.93 -32.42
N VAL A 263 40.67 -29.10 -31.79
CA VAL A 263 40.87 -27.74 -32.31
C VAL A 263 41.46 -27.76 -33.73
N VAL A 264 42.46 -28.60 -33.93
CA VAL A 264 43.10 -28.74 -35.24
C VAL A 264 42.11 -29.27 -36.29
N ASN A 265 41.38 -30.32 -35.93
CA ASN A 265 40.48 -30.98 -36.85
C ASN A 265 39.22 -30.23 -37.23
N TYR A 266 38.65 -29.52 -36.27
CA TYR A 266 37.27 -29.04 -36.44
C TYR A 266 37.06 -27.55 -36.31
N THR A 267 38.12 -26.81 -35.97
CA THR A 267 38.02 -25.35 -35.92
C THR A 267 38.98 -24.69 -36.89
N ASN A 268 38.77 -23.40 -37.08
CA ASN A 268 39.65 -22.62 -37.94
C ASN A 268 40.90 -22.07 -37.28
N ALA A 269 41.33 -22.73 -36.21
CA ALA A 269 42.54 -22.33 -35.49
C ALA A 269 43.80 -22.30 -36.39
N SER A 270 43.85 -23.20 -37.38
CA SER A 270 44.99 -23.27 -38.30
C SER A 270 44.94 -22.24 -39.45
N PHE A 271 43.80 -21.61 -39.68
CA PHE A 271 43.68 -20.64 -40.76
C PHE A 271 44.69 -19.51 -40.62
N ILE A 272 45.29 -19.10 -41.75
CA ILE A 272 46.20 -18.00 -41.76
C ILE A 272 45.37 -16.77 -42.06
N VAL A 273 45.43 -15.81 -41.17
CA VAL A 273 44.75 -14.56 -41.34
C VAL A 273 45.66 -13.60 -42.15
N GLY A 274 45.07 -12.82 -43.05
CA GLY A 274 45.83 -11.92 -43.88
C GLY A 274 46.63 -10.85 -43.13
N GLU A 275 47.55 -10.20 -43.83
CA GLU A 275 48.40 -9.20 -43.21
C GLU A 275 47.64 -7.93 -42.81
N GLY A 276 46.45 -7.75 -43.38
CA GLY A 276 45.60 -6.61 -43.04
C GLY A 276 45.03 -6.64 -41.63
N PHE A 277 44.98 -7.81 -41.01
CA PHE A 277 44.46 -7.87 -39.66
C PHE A 277 45.39 -7.19 -38.66
N ALA A 278 44.77 -6.50 -37.70
CA ALA A 278 45.49 -5.86 -36.61
C ALA A 278 44.45 -5.51 -35.55
N PHE A 279 44.93 -5.18 -34.36
CA PHE A 279 44.06 -4.73 -33.30
C PHE A 279 44.89 -3.80 -32.44
N GLU A 280 44.34 -2.63 -32.13
CA GLU A 280 45.10 -1.66 -31.36
C GLU A 280 44.17 -0.84 -30.49
N GLU A 281 44.41 -0.89 -29.19
CA GLU A 281 43.65 -0.13 -28.22
C GLU A 281 42.14 -0.17 -28.41
N GLY A 282 41.59 -1.38 -28.58
CA GLY A 282 40.15 -1.50 -28.68
C GLY A 282 39.56 -1.48 -30.08
N LEU A 283 40.36 -1.11 -31.08
CA LEU A 283 39.87 -1.09 -32.45
C LEU A 283 40.57 -2.11 -33.32
N PHE A 284 39.79 -2.91 -34.02
CA PHE A 284 40.36 -3.78 -35.02
C PHE A 284 40.74 -2.93 -36.22
N ALA A 285 41.54 -3.49 -37.13
CA ALA A 285 41.95 -2.75 -38.31
C ALA A 285 40.71 -2.45 -39.17
N GLY A 286 40.79 -1.39 -39.96
CA GLY A 286 39.71 -1.06 -40.85
C GLY A 286 38.61 -0.18 -40.28
N TYR A 287 38.85 0.42 -39.12
CA TYR A 287 37.80 1.23 -38.51
C TYR A 287 37.68 2.58 -39.21
N ASN A 288 36.44 2.94 -39.56
CA ASN A 288 36.13 4.22 -40.18
C ASN A 288 35.42 5.04 -39.10
N LYS A 289 36.10 6.03 -38.55
CA LYS A 289 35.50 6.75 -37.43
C LYS A 289 34.28 7.62 -37.78
N GLU A 290 34.10 8.00 -39.05
CA GLU A 290 32.93 8.79 -39.42
C GLU A 290 31.68 7.92 -39.60
N THR A 291 31.82 6.72 -40.14
CA THR A 291 30.68 5.86 -40.31
C THR A 291 30.48 4.95 -39.10
N ARG A 292 31.51 4.87 -38.24
CA ARG A 292 31.50 3.97 -37.09
C ARG A 292 31.30 2.51 -37.54
N LYS A 293 31.85 2.20 -38.70
CA LYS A 293 31.80 0.83 -39.22
C LYS A 293 33.20 0.37 -39.56
N TYR A 294 33.35 -0.94 -39.60
CA TYR A 294 34.62 -1.54 -39.95
C TYR A 294 34.60 -2.01 -41.38
N ASP A 295 35.75 -1.89 -42.02
CA ASP A 295 35.97 -2.47 -43.32
C ASP A 295 36.44 -3.90 -43.01
N LYS A 296 35.52 -4.84 -43.09
CA LYS A 296 35.79 -6.24 -42.73
C LYS A 296 36.74 -6.97 -43.68
N SER A 297 37.01 -6.40 -44.85
CA SER A 297 37.89 -7.07 -45.78
C SER A 297 39.28 -7.09 -45.19
N LYS A 298 39.56 -6.18 -44.26
CA LYS A 298 40.84 -6.19 -43.59
C LYS A 298 41.07 -7.47 -42.77
N TRP A 299 40.02 -8.23 -42.49
CA TRP A 299 40.13 -9.37 -41.58
C TRP A 299 40.12 -10.72 -42.27
N GLY A 300 40.10 -10.71 -43.60
CA GLY A 300 40.00 -11.95 -44.35
C GLY A 300 41.18 -12.90 -44.23
N PHE A 301 40.96 -14.16 -44.59
CA PHE A 301 42.01 -15.16 -44.56
C PHE A 301 42.89 -15.10 -45.81
N GLU A 302 44.14 -15.54 -45.66
CA GLU A 302 45.08 -15.61 -46.78
C GLU A 302 44.72 -16.90 -47.52
N ARG A 303 44.54 -16.83 -48.85
CA ARG A 303 44.08 -18.00 -49.61
C ARG A 303 45.12 -18.56 -50.58
N ASP A 304 45.02 -19.87 -50.80
CA ASP A 304 45.90 -20.59 -51.70
C ASP A 304 45.45 -20.51 -53.16
N GLU A 305 46.21 -21.17 -54.03
CA GLU A 305 45.98 -21.14 -55.49
C GLU A 305 44.57 -21.52 -55.91
N ASN A 306 43.92 -22.30 -55.06
CA ASN A 306 42.57 -22.77 -55.31
C ASN A 306 41.54 -21.86 -54.67
N GLY A 307 42.00 -20.84 -53.96
CA GLY A 307 41.09 -19.93 -53.29
C GLY A 307 40.60 -20.46 -51.96
N ASN A 308 41.33 -21.40 -51.35
CA ASN A 308 40.94 -21.91 -50.05
C ASN A 308 41.88 -21.33 -49.03
N PRO A 309 41.35 -21.03 -47.84
CA PRO A 309 42.15 -20.45 -46.77
C PRO A 309 43.37 -21.33 -46.51
N LYS A 310 44.54 -20.72 -46.42
CA LYS A 310 45.74 -21.45 -46.06
C LYS A 310 45.62 -21.89 -44.61
N ARG A 311 46.25 -23.01 -44.29
CA ARG A 311 46.24 -23.52 -42.93
C ARG A 311 47.61 -23.98 -42.42
N ASP A 312 47.90 -23.67 -41.15
CA ASP A 312 49.08 -24.22 -40.48
C ASP A 312 48.54 -25.08 -39.35
N GLU A 313 48.47 -26.38 -39.59
CA GLU A 313 47.93 -27.28 -38.57
C GLU A 313 48.80 -27.48 -37.34
N THR A 314 50.01 -26.94 -37.35
CA THR A 314 50.82 -26.98 -36.15
C THR A 314 50.43 -25.84 -35.23
N LEU A 315 49.62 -24.91 -35.74
CA LEU A 315 49.16 -23.76 -34.95
C LEU A 315 50.31 -22.86 -34.48
N LYS A 316 51.37 -22.79 -35.26
CA LYS A 316 52.53 -22.01 -34.81
C LYS A 316 52.72 -20.71 -35.58
N HIS A 317 52.24 -20.67 -36.82
CA HIS A 317 52.35 -19.49 -37.67
C HIS A 317 51.89 -18.24 -36.91
N PRO A 318 52.68 -17.17 -36.92
CA PRO A 318 52.32 -15.97 -36.15
C PRO A 318 51.00 -15.33 -36.60
N ARG A 319 50.52 -15.64 -37.79
CA ARG A 319 49.19 -15.14 -38.23
C ARG A 319 48.11 -16.22 -38.30
N CYS A 320 48.36 -17.39 -37.74
CA CYS A 320 47.29 -18.38 -37.69
C CYS A 320 46.37 -17.90 -36.60
N VAL A 321 45.11 -18.25 -36.74
CA VAL A 321 44.07 -17.85 -35.81
C VAL A 321 44.45 -18.15 -34.36
N PHE A 322 45.03 -19.31 -34.15
CA PHE A 322 45.43 -19.67 -32.81
C PHE A 322 46.41 -18.68 -32.15
N GLN A 323 47.45 -18.29 -32.88
CA GLN A 323 48.41 -17.35 -32.32
C GLN A 323 47.82 -15.95 -32.20
N ILE A 324 46.92 -15.60 -33.12
CA ILE A 324 46.29 -14.29 -33.03
C ILE A 324 45.44 -14.28 -31.74
N MET A 325 44.84 -15.43 -31.43
CA MET A 325 44.03 -15.53 -30.23
C MET A 325 44.88 -15.40 -28.98
N LYS A 326 45.99 -16.10 -28.97
CA LYS A 326 46.88 -16.03 -27.82
C LYS A 326 47.23 -14.59 -27.51
N LYS A 327 47.57 -13.82 -28.53
CA LYS A 327 47.91 -12.42 -28.35
C LYS A 327 46.72 -11.58 -27.89
N HIS A 328 45.61 -11.78 -28.57
CA HIS A 328 44.41 -11.00 -28.30
C HIS A 328 43.96 -11.12 -26.86
N TYR A 329 43.97 -12.35 -26.35
CA TYR A 329 43.43 -12.60 -25.03
C TYR A 329 44.35 -12.35 -23.85
N GLU A 330 45.63 -12.09 -24.11
CA GLU A 330 46.58 -11.92 -23.02
C GLU A 330 46.18 -10.84 -22.00
N ARG A 331 45.39 -9.86 -22.42
CA ARG A 331 45.02 -8.78 -21.53
C ARG A 331 43.97 -9.12 -20.47
N TYR A 332 43.34 -10.30 -20.56
CA TYR A 332 42.20 -10.61 -19.70
C TYR A 332 42.58 -11.33 -18.42
N ASP A 333 43.55 -10.77 -17.71
CA ASP A 333 43.98 -11.39 -16.47
C ASP A 333 42.91 -11.29 -15.39
N LEU A 334 43.04 -12.17 -14.39
CA LEU A 334 42.03 -12.34 -13.36
C LEU A 334 41.77 -11.12 -12.52
N ASP A 335 42.83 -10.40 -12.16
CA ASP A 335 42.64 -9.20 -11.37
C ASP A 335 41.71 -8.24 -12.11
N LYS A 336 41.94 -8.09 -13.40
CA LYS A 336 41.12 -7.20 -14.23
C LYS A 336 39.67 -7.67 -14.29
N ILE A 337 39.46 -8.95 -14.53
CA ILE A 337 38.12 -9.49 -14.53
C ILE A 337 37.39 -9.27 -13.20
N SER A 338 38.06 -9.56 -12.09
CA SER A 338 37.43 -9.35 -10.79
C SER A 338 37.04 -7.88 -10.57
N ALA A 339 37.91 -6.96 -10.96
CA ALA A 339 37.69 -5.52 -10.83
C ALA A 339 36.49 -5.02 -11.63
N ILE A 340 36.36 -5.50 -12.85
CA ILE A 340 35.32 -4.99 -13.74
C ILE A 340 33.98 -5.72 -13.59
N CYS A 341 34.03 -6.99 -13.19
CA CYS A 341 32.84 -7.82 -13.00
C CYS A 341 32.29 -7.72 -11.56
N GLY A 342 33.14 -7.34 -10.61
CA GLY A 342 32.75 -7.26 -9.22
C GLY A 342 32.79 -8.60 -8.51
N THR A 343 33.19 -9.64 -9.24
CA THR A 343 33.23 -11.01 -8.74
C THR A 343 34.58 -11.31 -8.08
N PRO A 344 34.58 -11.88 -6.87
CA PRO A 344 35.86 -12.19 -6.22
C PRO A 344 36.73 -13.08 -7.11
N LYS A 345 38.01 -12.74 -7.22
CA LYS A 345 38.97 -13.48 -8.00
C LYS A 345 38.92 -14.98 -7.69
N GLU A 346 38.86 -15.32 -6.40
CA GLU A 346 38.87 -16.71 -5.97
C GLU A 346 37.72 -17.51 -6.59
N LEU A 347 36.57 -16.86 -6.67
CA LEU A 347 35.38 -17.45 -7.21
C LEU A 347 35.47 -17.58 -8.73
N ILE A 348 35.99 -16.56 -9.42
CA ILE A 348 36.20 -16.67 -10.86
C ILE A 348 37.09 -17.88 -11.12
N LEU A 349 38.17 -17.99 -10.36
CA LEU A 349 39.10 -19.09 -10.57
C LEU A 349 38.43 -20.41 -10.34
N LYS A 350 37.56 -20.50 -9.33
CA LYS A 350 36.82 -21.74 -9.10
C LYS A 350 35.97 -22.11 -10.31
N VAL A 351 35.34 -21.12 -10.91
CA VAL A 351 34.50 -21.40 -12.07
C VAL A 351 35.39 -21.84 -13.21
N TYR A 352 36.48 -21.12 -13.46
CA TYR A 352 37.34 -21.46 -14.57
C TYR A 352 37.89 -22.86 -14.42
N ASP A 353 38.36 -23.17 -13.22
CA ASP A 353 38.97 -24.47 -13.01
C ASP A 353 37.98 -25.59 -13.23
N ALA A 354 36.79 -25.43 -12.63
CA ALA A 354 35.75 -26.44 -12.78
C ALA A 354 35.33 -26.57 -14.24
N TYR A 355 35.08 -25.47 -14.90
CA TYR A 355 34.60 -25.55 -16.29
C TYR A 355 35.65 -26.04 -17.26
N CYS A 356 36.85 -25.50 -17.14
CA CYS A 356 37.89 -25.86 -18.09
C CYS A 356 38.37 -27.29 -17.98
N ALA A 357 37.99 -27.97 -16.90
CA ALA A 357 38.36 -29.38 -16.77
C ALA A 357 37.63 -30.22 -17.83
N THR A 358 36.59 -29.66 -18.45
CA THR A 358 35.85 -30.39 -19.49
C THR A 358 36.54 -30.42 -20.86
N GLY A 359 37.74 -29.86 -20.96
CA GLY A 359 38.48 -29.91 -22.20
C GLY A 359 39.01 -31.30 -22.50
N LYS A 360 38.89 -32.23 -21.55
CA LYS A 360 39.26 -33.63 -21.82
C LYS A 360 38.32 -34.25 -22.90
N PRO A 361 38.89 -35.09 -23.75
CA PRO A 361 38.13 -35.69 -24.84
C PRO A 361 36.90 -36.43 -24.36
N ASP A 362 36.96 -37.04 -23.18
CA ASP A 362 35.81 -37.78 -22.68
C ASP A 362 34.93 -37.05 -21.67
N LYS A 363 35.12 -35.73 -21.56
CA LYS A 363 34.30 -34.92 -20.67
C LYS A 363 33.54 -33.91 -21.51
N ALA A 364 32.46 -33.38 -20.96
CA ALA A 364 31.64 -32.44 -21.67
C ALA A 364 31.10 -31.37 -20.73
N GLY A 365 31.25 -30.12 -21.14
CA GLY A 365 30.66 -29.01 -20.44
C GLY A 365 29.59 -28.39 -21.34
N THR A 366 28.51 -27.88 -20.77
CA THR A 366 27.53 -27.19 -21.58
C THR A 366 27.29 -25.81 -21.02
N ILE A 367 26.84 -24.92 -21.89
CA ILE A 367 26.43 -23.59 -21.45
C ILE A 367 24.95 -23.40 -21.82
N MET A 368 24.15 -23.02 -20.82
CA MET A 368 22.75 -22.72 -21.00
C MET A 368 22.59 -21.21 -20.88
N TYR A 369 22.15 -20.57 -21.94
CA TYR A 369 21.92 -19.15 -21.88
C TYR A 369 20.70 -18.91 -22.73
N ALA A 370 20.01 -17.83 -22.42
CA ALA A 370 18.72 -17.67 -23.04
C ALA A 370 18.67 -16.35 -23.75
N MET A 371 18.20 -15.33 -23.07
CA MET A 371 17.99 -14.09 -23.79
C MET A 371 19.27 -13.26 -23.93
N GLY A 372 19.92 -13.00 -22.82
CA GLY A 372 21.09 -12.13 -22.84
C GLY A 372 20.62 -10.72 -23.14
N TRP A 373 21.56 -9.79 -23.30
CA TRP A 373 21.23 -8.42 -23.63
C TRP A 373 20.62 -8.34 -25.02
N THR A 374 19.68 -7.44 -25.19
CA THR A 374 19.03 -7.32 -26.48
C THR A 374 19.84 -6.49 -27.47
N GLN A 375 20.71 -5.63 -26.97
CA GLN A 375 21.58 -4.84 -27.83
C GLN A 375 22.56 -5.82 -28.48
N HIS A 376 22.66 -5.85 -29.80
CA HIS A 376 23.58 -6.79 -30.43
C HIS A 376 25.03 -6.39 -30.09
N THR A 377 25.27 -5.09 -29.88
CA THR A 377 26.62 -4.61 -29.60
C THR A 377 27.11 -4.99 -28.20
N VAL A 378 26.25 -5.69 -27.47
CA VAL A 378 26.64 -6.31 -26.23
C VAL A 378 26.47 -7.84 -26.38
N GLY A 379 25.32 -8.24 -26.87
CA GLY A 379 24.97 -9.65 -26.95
C GLY A 379 25.72 -10.57 -27.89
N VAL A 380 25.93 -10.12 -29.11
CA VAL A 380 26.52 -10.99 -30.11
C VAL A 380 27.88 -11.45 -29.68
N GLN A 381 28.75 -10.52 -29.30
CA GLN A 381 30.12 -10.93 -28.95
C GLN A 381 30.18 -11.78 -27.67
N ASN A 382 29.23 -11.58 -26.78
CA ASN A 382 29.16 -12.38 -25.58
C ASN A 382 28.87 -13.85 -25.96
N ILE A 383 27.91 -14.07 -26.84
CA ILE A 383 27.63 -15.42 -27.30
C ILE A 383 28.81 -15.99 -28.10
N ARG A 384 29.45 -15.15 -28.91
CA ARG A 384 30.63 -15.60 -29.63
C ARG A 384 31.70 -16.11 -28.65
N ALA A 385 31.92 -15.36 -27.56
CA ALA A 385 32.92 -15.77 -26.56
C ALA A 385 32.58 -17.15 -25.98
N MET A 386 31.32 -17.36 -25.61
CA MET A 386 30.89 -18.67 -25.15
C MET A 386 31.17 -19.76 -26.18
N SER A 387 30.87 -19.44 -27.44
CA SER A 387 31.00 -20.40 -28.52
C SER A 387 32.44 -20.80 -28.78
N ILE A 388 33.33 -19.83 -28.59
CA ILE A 388 34.77 -20.00 -28.75
C ILE A 388 35.28 -20.94 -27.67
N ASN A 389 34.89 -20.65 -26.44
CA ASN A 389 35.32 -21.46 -25.33
C ASN A 389 34.86 -22.91 -25.50
N GLN A 390 33.64 -23.11 -25.98
CA GLN A 390 33.13 -24.46 -26.22
C GLN A 390 33.94 -25.16 -27.29
N LEU A 391 34.36 -24.45 -28.33
CA LEU A 391 35.15 -25.09 -29.38
C LEU A 391 36.53 -25.45 -28.83
N LEU A 392 37.13 -24.58 -28.03
CA LEU A 392 38.47 -24.88 -27.54
C LEU A 392 38.46 -26.08 -26.62
N LEU A 393 37.37 -26.29 -25.90
CA LEU A 393 37.27 -27.41 -25.00
C LEU A 393 36.70 -28.69 -25.64
N GLY A 394 36.48 -28.67 -26.96
CA GLY A 394 35.93 -29.83 -27.65
C GLY A 394 34.54 -30.17 -27.16
N ASN A 395 33.74 -29.15 -26.85
CA ASN A 395 32.42 -29.38 -26.31
C ASN A 395 31.29 -29.33 -27.33
N ILE A 396 31.59 -29.06 -28.61
CA ILE A 396 30.50 -28.93 -29.57
C ILE A 396 30.32 -30.24 -30.34
N GLY A 397 29.08 -30.72 -30.45
CA GLY A 397 28.80 -31.99 -31.12
C GLY A 397 28.84 -33.22 -30.22
N VAL A 398 29.23 -33.07 -28.94
CA VAL A 398 29.27 -34.21 -28.02
C VAL A 398 28.08 -34.27 -27.04
N ALA A 399 27.83 -35.46 -26.49
CA ALA A 399 26.80 -35.62 -25.48
C ALA A 399 27.15 -34.86 -24.19
N GLY A 400 26.21 -34.07 -23.69
CA GLY A 400 26.44 -33.26 -22.51
C GLY A 400 27.20 -31.98 -22.78
N GLY A 401 27.46 -31.70 -24.06
CA GLY A 401 28.20 -30.49 -24.42
C GLY A 401 27.26 -29.43 -25.02
N GLY A 402 27.78 -28.68 -26.00
CA GLY A 402 26.97 -27.74 -26.81
C GLY A 402 26.75 -26.32 -26.32
N VAL A 403 26.22 -25.48 -27.20
CA VAL A 403 25.72 -24.20 -26.75
C VAL A 403 24.24 -24.38 -26.74
N ASN A 404 23.69 -24.58 -25.54
CA ASN A 404 22.26 -24.75 -25.38
C ASN A 404 21.63 -23.37 -25.19
N ALA A 405 21.44 -22.74 -26.34
CA ALA A 405 20.87 -21.43 -26.47
C ALA A 405 19.40 -21.72 -26.35
N LEU A 406 18.85 -21.53 -25.16
CA LEU A 406 17.49 -21.91 -24.87
C LEU A 406 16.46 -21.05 -25.61
N ARG A 407 15.56 -21.66 -26.37
CA ARG A 407 14.52 -20.87 -27.01
C ARG A 407 13.51 -20.35 -25.95
N GLY A 408 12.80 -19.28 -26.29
CA GLY A 408 11.79 -18.69 -25.42
C GLY A 408 10.47 -19.40 -25.44
N GLU A 409 9.61 -18.99 -26.38
CA GLU A 409 8.29 -19.59 -26.52
C GLU A 409 8.30 -21.04 -27.02
N ALA A 410 7.22 -21.75 -26.75
CA ALA A 410 7.04 -23.15 -27.14
C ALA A 410 7.32 -23.34 -28.63
N ASN A 411 6.95 -22.37 -29.47
CA ASN A 411 7.19 -22.51 -30.91
C ASN A 411 7.97 -21.36 -31.55
N VAL A 412 8.79 -20.67 -30.76
CA VAL A 412 9.64 -19.62 -31.36
C VAL A 412 10.64 -20.25 -32.31
N GLN A 413 11.05 -21.48 -32.06
CA GLN A 413 11.91 -22.13 -33.02
C GLN A 413 11.17 -22.20 -34.36
N GLY A 414 9.92 -22.66 -34.31
CA GLY A 414 9.13 -22.84 -35.51
C GLY A 414 8.76 -21.56 -36.22
N SER A 415 8.38 -20.53 -35.46
CA SER A 415 8.04 -19.25 -36.06
C SER A 415 9.30 -18.62 -36.71
N THR A 416 10.48 -18.92 -36.16
CA THR A 416 11.70 -18.47 -36.81
C THR A 416 11.97 -19.31 -38.07
N ASP A 417 11.87 -20.63 -37.94
CA ASP A 417 12.04 -21.53 -39.09
C ASP A 417 11.11 -21.16 -40.25
N HIS A 418 9.91 -20.70 -39.90
CA HIS A 418 8.92 -20.31 -40.88
C HIS A 418 8.95 -18.85 -41.31
N GLY A 419 10.08 -18.20 -41.08
CA GLY A 419 10.28 -16.90 -41.67
C GLY A 419 9.36 -15.75 -41.31
N LEU A 420 8.91 -15.69 -40.07
CA LEU A 420 8.13 -14.55 -39.61
C LEU A 420 9.06 -13.39 -39.13
N LEU A 421 10.06 -13.09 -39.94
CA LEU A 421 11.05 -12.04 -39.70
C LEU A 421 11.32 -11.39 -41.03
N MET A 422 11.61 -10.10 -41.03
CA MET A 422 11.69 -9.37 -42.29
C MET A 422 12.82 -9.79 -43.22
N HIS A 423 13.88 -10.36 -42.65
CA HIS A 423 15.08 -10.62 -43.40
C HIS A 423 15.21 -12.04 -43.95
N ILE A 424 14.26 -12.91 -43.58
CA ILE A 424 14.28 -14.29 -44.06
C ILE A 424 12.91 -14.86 -44.40
N TYR A 425 12.88 -15.64 -45.47
CA TYR A 425 11.73 -16.51 -45.79
C TYR A 425 11.91 -17.80 -44.98
N PRO A 426 10.88 -18.62 -44.93
CA PRO A 426 11.01 -19.94 -44.33
C PRO A 426 12.29 -20.68 -44.82
N GLY A 427 12.99 -21.29 -43.88
CA GLY A 427 14.19 -22.04 -44.21
C GLY A 427 15.45 -21.18 -44.23
N TYR A 428 15.38 -19.99 -43.66
CA TYR A 428 16.58 -19.15 -43.55
C TYR A 428 17.10 -18.66 -44.89
N LEU A 429 16.18 -18.42 -45.81
CA LEU A 429 16.53 -17.90 -47.12
C LEU A 429 16.34 -16.38 -47.09
N GLY A 430 17.41 -15.65 -47.40
CA GLY A 430 17.36 -14.20 -47.36
C GLY A 430 16.26 -13.62 -48.22
N THR A 431 15.62 -12.56 -47.71
CA THR A 431 14.49 -11.99 -48.43
C THR A 431 14.98 -11.11 -49.58
N ALA A 432 14.16 -11.02 -50.62
CA ALA A 432 14.50 -10.23 -51.79
C ALA A 432 14.65 -8.75 -51.42
N ARG A 433 15.55 -8.05 -52.13
CA ARG A 433 15.79 -6.62 -51.95
C ARG A 433 15.76 -5.94 -53.31
N ALA A 434 15.53 -4.63 -53.33
CA ALA A 434 15.35 -3.90 -54.58
C ALA A 434 16.47 -4.06 -55.60
N SER A 435 17.70 -4.18 -55.12
CA SER A 435 18.84 -4.33 -56.03
C SER A 435 19.06 -5.77 -56.51
N ILE A 436 18.10 -6.66 -56.27
CA ILE A 436 18.16 -8.02 -56.78
C ILE A 436 16.95 -8.28 -57.69
N PRO A 437 17.03 -7.79 -58.93
CA PRO A 437 15.87 -7.76 -59.81
C PRO A 437 15.40 -9.06 -60.40
N THR A 438 16.28 -10.05 -60.48
CA THR A 438 15.91 -11.31 -61.09
C THR A 438 16.25 -12.52 -60.24
N TYR A 439 15.53 -13.60 -60.51
CA TYR A 439 15.73 -14.83 -59.76
C TYR A 439 17.13 -15.38 -59.90
N GLU A 440 17.75 -15.22 -61.07
CA GLU A 440 19.08 -15.74 -61.30
C GLU A 440 20.07 -14.98 -60.42
N GLU A 441 19.85 -13.68 -60.27
CA GLU A 441 20.72 -12.90 -59.42
C GLU A 441 20.50 -13.24 -57.97
N TYR A 442 19.25 -13.54 -57.62
CA TYR A 442 18.93 -13.92 -56.26
C TYR A 442 19.67 -15.21 -55.89
N THR A 443 19.55 -16.25 -56.70
CA THR A 443 20.24 -17.51 -56.38
C THR A 443 21.75 -17.35 -56.44
N LYS A 444 22.26 -16.52 -57.34
CA LYS A 444 23.70 -16.36 -57.40
C LYS A 444 24.21 -15.72 -56.11
N LYS A 445 23.48 -14.73 -55.63
CA LYS A 445 23.92 -14.04 -54.42
C LYS A 445 23.95 -14.92 -53.19
N PHE A 446 22.98 -15.82 -53.09
CA PHE A 446 22.83 -16.56 -51.85
C PHE A 446 23.38 -17.97 -51.86
N THR A 447 24.09 -18.33 -52.93
CA THR A 447 24.70 -19.65 -53.01
C THR A 447 26.22 -19.59 -52.87
N PRO A 448 26.71 -19.97 -51.71
CA PRO A 448 28.15 -19.93 -51.46
C PRO A 448 28.92 -20.96 -52.25
N VAL A 449 30.15 -20.61 -52.58
CA VAL A 449 31.00 -21.47 -53.39
C VAL A 449 32.27 -21.81 -52.63
N SER A 450 32.63 -23.08 -52.65
CA SER A 450 33.92 -23.48 -52.11
C SER A 450 34.54 -24.41 -53.15
N LYS A 451 35.83 -24.27 -53.42
CA LYS A 451 36.44 -25.20 -54.38
C LYS A 451 37.16 -26.35 -53.67
N ASP A 452 36.94 -26.44 -52.37
CA ASP A 452 37.56 -27.47 -51.57
C ASP A 452 36.63 -28.71 -51.52
N PRO A 453 37.05 -29.81 -52.12
CA PRO A 453 36.17 -30.98 -52.23
C PRO A 453 35.96 -31.70 -50.90
N GLN A 454 36.75 -31.41 -49.88
CA GLN A 454 36.53 -32.02 -48.56
C GLN A 454 35.51 -31.24 -47.74
N SER A 455 35.02 -30.14 -48.30
CA SER A 455 34.01 -29.35 -47.60
C SER A 455 32.63 -29.57 -48.18
N ALA A 456 31.73 -30.07 -47.34
CA ALA A 456 30.34 -30.26 -47.77
C ALA A 456 29.73 -28.96 -48.31
N ASN A 457 30.01 -27.85 -47.63
CA ASN A 457 29.43 -26.55 -47.99
C ASN A 457 27.96 -26.73 -48.37
N TRP A 458 27.17 -27.17 -47.40
CA TRP A 458 25.79 -27.59 -47.66
C TRP A 458 24.88 -26.52 -48.26
N TRP A 459 25.18 -25.25 -48.00
CA TRP A 459 24.37 -24.17 -48.55
C TRP A 459 24.55 -24.02 -50.05
N SER A 460 25.47 -24.75 -50.66
CA SER A 460 25.55 -24.75 -52.12
C SER A 460 24.22 -25.23 -52.71
N ASN A 461 23.44 -25.96 -51.89
CA ASN A 461 22.10 -26.39 -52.24
C ASN A 461 21.00 -25.32 -52.26
N PHE A 462 21.38 -24.10 -51.94
CA PHE A 462 20.42 -23.01 -51.86
C PHE A 462 19.34 -22.98 -52.94
N PRO A 463 19.71 -23.07 -54.22
CA PRO A 463 18.72 -22.92 -55.29
C PRO A 463 17.62 -23.98 -55.24
N LYS A 464 17.91 -25.12 -54.64
CA LYS A 464 16.93 -26.17 -54.49
C LYS A 464 15.87 -25.69 -53.51
N TYR A 465 16.31 -24.97 -52.48
CA TYR A 465 15.40 -24.50 -51.43
C TYR A 465 14.59 -23.28 -51.85
N SER A 466 15.22 -22.34 -52.53
CA SER A 466 14.51 -21.17 -53.02
C SER A 466 13.45 -21.60 -54.05
N ALA A 467 13.78 -22.48 -54.99
CA ALA A 467 12.80 -22.90 -55.98
C ALA A 467 11.60 -23.57 -55.32
N SER A 468 11.91 -24.44 -54.36
CA SER A 468 10.91 -25.24 -53.67
C SER A 468 10.02 -24.35 -52.81
N TYR A 469 10.60 -23.31 -52.20
CA TYR A 469 9.77 -22.37 -51.42
C TYR A 469 8.84 -21.59 -52.34
N ILE A 470 9.42 -21.07 -53.42
CA ILE A 470 8.64 -20.28 -54.35
C ILE A 470 7.49 -21.11 -54.96
N LYS A 471 7.79 -22.33 -55.39
CA LYS A 471 6.78 -23.23 -55.92
C LYS A 471 5.71 -23.61 -54.90
N SER A 472 6.06 -23.68 -53.62
CA SER A 472 5.06 -24.04 -52.63
C SER A 472 4.01 -22.93 -52.55
N MET A 473 4.37 -21.74 -52.99
CA MET A 473 3.42 -20.62 -52.95
C MET A 473 2.71 -20.38 -54.29
N TRP A 474 3.46 -20.40 -55.37
CA TRP A 474 2.92 -20.17 -56.71
C TRP A 474 3.38 -21.30 -57.62
N PRO A 475 2.81 -22.48 -57.41
CA PRO A 475 3.26 -23.69 -58.11
C PRO A 475 3.03 -23.65 -59.61
N ASP A 476 2.10 -22.82 -60.06
CA ASP A 476 1.74 -22.79 -61.48
C ASP A 476 2.47 -21.71 -62.27
N ALA A 477 3.32 -20.95 -61.59
CA ALA A 477 4.05 -19.87 -62.23
C ALA A 477 5.44 -20.35 -62.50
N ASP A 478 6.14 -19.76 -63.45
CA ASP A 478 7.53 -20.18 -63.56
C ASP A 478 8.34 -19.38 -62.56
N LEU A 479 9.51 -19.88 -62.24
CA LEU A 479 10.28 -19.31 -61.13
C LEU A 479 10.64 -17.84 -61.33
N ASN A 480 11.04 -17.47 -62.55
CA ASN A 480 11.37 -16.06 -62.79
C ASN A 480 10.18 -15.15 -62.50
N GLU A 481 9.01 -15.54 -63.01
CA GLU A 481 7.81 -14.73 -62.80
C GLU A 481 7.37 -14.73 -61.34
N ALA A 482 7.45 -15.89 -60.71
CA ALA A 482 7.06 -16.03 -59.30
C ALA A 482 8.00 -15.25 -58.38
N TYR A 483 9.27 -15.20 -58.73
CA TYR A 483 10.23 -14.45 -57.92
C TYR A 483 9.84 -12.99 -57.89
N GLY A 484 9.30 -12.52 -59.01
CA GLY A 484 8.86 -11.13 -59.10
C GLY A 484 7.65 -10.84 -58.25
N TYR A 485 6.90 -11.88 -57.87
CA TYR A 485 5.76 -11.69 -56.99
C TYR A 485 6.18 -11.39 -55.54
N LEU A 486 7.40 -11.78 -55.17
CA LEU A 486 7.89 -11.56 -53.82
C LEU A 486 8.19 -10.09 -53.64
N PRO A 487 7.72 -9.48 -52.56
CA PRO A 487 7.98 -8.05 -52.36
C PRO A 487 9.47 -7.85 -52.07
N LYS A 488 10.03 -6.76 -52.62
CA LYS A 488 11.44 -6.47 -52.39
C LYS A 488 11.64 -5.28 -51.48
N GLY A 489 12.44 -5.45 -50.43
CA GLY A 489 12.73 -4.37 -49.52
C GLY A 489 13.63 -3.30 -50.13
N GLU A 490 13.41 -2.04 -49.76
CA GLU A 490 14.27 -0.95 -50.21
C GLU A 490 15.67 -1.31 -49.77
N ASP A 491 16.66 -1.05 -50.60
CA ASP A 491 18.05 -1.36 -50.22
C ASP A 491 18.46 -0.62 -48.96
N GLY A 492 19.05 -1.34 -48.03
CA GLY A 492 19.56 -0.76 -46.81
C GLY A 492 18.52 -0.36 -45.78
N LYS A 493 17.24 -0.64 -46.05
CA LYS A 493 16.22 -0.26 -45.10
C LYS A 493 15.86 -1.39 -44.12
N ASP A 494 15.81 -1.05 -42.84
CA ASP A 494 15.44 -2.01 -41.81
C ASP A 494 13.93 -2.04 -41.69
N TYR A 495 13.36 -3.24 -41.73
CA TYR A 495 11.92 -3.39 -41.60
C TYR A 495 11.63 -4.19 -40.34
N SER A 496 12.59 -4.24 -39.41
CA SER A 496 12.37 -5.06 -38.22
C SER A 496 11.61 -4.32 -37.12
N TRP A 497 11.31 -5.05 -36.04
CA TRP A 497 10.72 -4.49 -34.86
C TRP A 497 11.53 -3.26 -34.44
N LEU A 498 12.82 -3.28 -34.75
CA LEU A 498 13.69 -2.16 -34.41
C LEU A 498 13.11 -0.81 -34.85
N THR A 499 12.52 -0.76 -36.07
CA THR A 499 12.05 0.47 -36.74
C THR A 499 10.56 0.43 -37.15
N LEU A 500 9.97 -0.76 -37.16
CA LEU A 500 8.55 -0.90 -37.48
C LEU A 500 7.70 0.08 -36.63
N PHE A 501 7.94 0.09 -35.32
CA PHE A 501 7.17 0.98 -34.46
C PHE A 501 7.51 2.46 -34.59
N ASP A 502 8.76 2.77 -34.89
CA ASP A 502 9.15 4.17 -35.17
C ASP A 502 8.41 4.69 -36.44
N ASP A 503 8.40 3.86 -37.47
CA ASP A 503 7.72 4.19 -38.71
C ASP A 503 6.23 4.30 -38.45
N MET A 504 5.69 3.42 -37.62
CA MET A 504 4.27 3.53 -37.28
C MET A 504 4.00 4.86 -36.59
N PHE A 505 4.92 5.26 -35.70
CA PHE A 505 4.80 6.53 -34.99
C PHE A 505 4.83 7.69 -35.98
N GLN A 506 5.69 7.59 -36.99
CA GLN A 506 5.84 8.64 -38.01
C GLN A 506 4.71 8.68 -39.02
N GLY A 507 3.71 7.82 -38.85
CA GLY A 507 2.56 7.80 -39.74
C GLY A 507 2.73 6.97 -41.01
N LYS A 508 3.79 6.18 -41.12
CA LYS A 508 3.98 5.41 -42.37
C LYS A 508 3.17 4.11 -42.47
N ILE A 509 2.65 3.64 -41.34
CA ILE A 509 1.96 2.36 -41.34
C ILE A 509 0.47 2.58 -41.16
N LYS A 510 -0.33 2.17 -42.13
CA LYS A 510 -1.77 2.44 -42.02
C LYS A 510 -2.55 1.29 -41.39
N GLY A 511 -2.16 0.06 -41.69
CA GLY A 511 -2.86 -1.09 -41.18
C GLY A 511 -1.86 -1.98 -40.46
N PHE A 512 -2.29 -2.62 -39.38
CA PHE A 512 -1.36 -3.40 -38.58
C PHE A 512 -2.00 -4.69 -38.08
N PHE A 513 -1.32 -5.82 -38.21
CA PHE A 513 -1.80 -7.03 -37.57
C PHE A 513 -1.00 -7.26 -36.30
N ALA A 514 -1.69 -7.27 -35.15
CA ALA A 514 -1.03 -7.64 -33.89
C ALA A 514 -1.55 -9.05 -33.66
N TRP A 515 -0.91 -9.99 -34.34
CA TRP A 515 -1.41 -11.37 -34.36
C TRP A 515 -0.73 -12.22 -33.31
N GLY A 516 -1.38 -12.41 -32.16
CA GLY A 516 -0.78 -13.25 -31.13
C GLY A 516 0.43 -12.62 -30.41
N GLN A 517 0.46 -11.29 -30.31
CA GLN A 517 1.50 -10.60 -29.53
C GLN A 517 0.86 -9.38 -28.86
N ASN A 518 1.54 -8.87 -27.83
CA ASN A 518 1.03 -7.75 -27.04
C ASN A 518 2.08 -6.63 -26.97
N PRO A 519 2.35 -6.05 -28.12
CA PRO A 519 3.39 -5.01 -28.21
C PRO A 519 3.17 -3.79 -27.31
N ALA A 520 1.93 -3.53 -26.88
CA ALA A 520 1.66 -2.42 -25.96
C ALA A 520 2.28 -2.68 -24.58
N CYS A 521 2.68 -3.93 -24.36
CA CYS A 521 3.41 -4.26 -23.16
C CYS A 521 4.81 -4.75 -23.47
N SER A 522 5.00 -5.41 -24.61
CA SER A 522 6.30 -6.04 -24.89
C SER A 522 7.30 -5.16 -25.62
N GLY A 523 6.84 -4.16 -26.34
CA GLY A 523 7.76 -3.26 -27.05
C GLY A 523 8.42 -2.31 -26.07
N ALA A 524 9.61 -1.81 -26.39
CA ALA A 524 10.24 -0.81 -25.54
C ALA A 524 9.42 0.48 -25.44
N ASN A 525 9.54 1.18 -24.31
CA ASN A 525 8.93 2.50 -24.17
C ASN A 525 7.43 2.43 -24.40
N SER A 526 6.72 1.76 -23.50
CA SER A 526 5.29 1.52 -23.73
C SER A 526 4.48 2.78 -23.94
N ASN A 527 4.85 3.88 -23.28
CA ASN A 527 4.08 5.10 -23.45
C ASN A 527 4.09 5.53 -24.91
N LYS A 528 5.26 5.44 -25.52
CA LYS A 528 5.39 5.86 -26.92
C LYS A 528 4.85 4.81 -27.90
N THR A 529 4.99 3.53 -27.55
CA THR A 529 4.48 2.45 -28.37
C THR A 529 2.95 2.55 -28.42
N ARG A 530 2.36 2.84 -27.26
CA ARG A 530 0.94 2.97 -27.18
C ARG A 530 0.46 4.16 -28.01
N GLU A 531 1.18 5.29 -27.95
CA GLU A 531 0.86 6.43 -28.81
C GLU A 531 1.04 6.09 -30.31
N ALA A 532 2.04 5.26 -30.63
CA ALA A 532 2.29 4.86 -32.03
C ALA A 532 1.06 4.17 -32.63
N LEU A 533 0.38 3.38 -31.80
CA LEU A 533 -0.80 2.64 -32.24
C LEU A 533 -1.92 3.60 -32.67
N THR A 534 -1.98 4.77 -32.06
CA THR A 534 -3.00 5.74 -32.45
C THR A 534 -2.81 6.29 -33.87
N LYS A 535 -1.63 6.12 -34.46
CA LYS A 535 -1.42 6.62 -35.81
C LYS A 535 -1.99 5.70 -36.87
N LEU A 536 -2.45 4.53 -36.45
CA LEU A 536 -2.96 3.53 -37.38
C LEU A 536 -4.39 3.80 -37.82
N ASP A 537 -4.70 3.55 -39.09
CA ASP A 537 -6.09 3.61 -39.53
C ASP A 537 -6.82 2.39 -38.99
N TRP A 538 -6.18 1.23 -39.03
CA TRP A 538 -6.81 0.05 -38.48
C TRP A 538 -5.82 -0.93 -37.92
N MET A 539 -6.32 -1.74 -36.99
CA MET A 539 -5.55 -2.82 -36.41
C MET A 539 -6.42 -4.05 -36.27
N VAL A 540 -5.86 -5.20 -36.63
CA VAL A 540 -6.50 -6.48 -36.41
C VAL A 540 -5.70 -7.14 -35.30
N ASN A 541 -6.36 -7.45 -34.19
CA ASN A 541 -5.70 -8.06 -33.05
C ASN A 541 -6.34 -9.42 -32.84
N VAL A 542 -5.53 -10.47 -32.94
CA VAL A 542 -6.00 -11.85 -32.79
C VAL A 542 -5.38 -12.43 -31.52
N ASN A 543 -6.20 -12.68 -30.52
CA ASN A 543 -5.64 -13.12 -29.24
C ASN A 543 -6.70 -13.86 -28.44
N ILE A 544 -6.24 -14.52 -27.37
CA ILE A 544 -7.12 -15.31 -26.52
C ILE A 544 -7.99 -14.43 -25.65
N PHE A 545 -7.40 -13.33 -25.15
CA PHE A 545 -8.07 -12.43 -24.26
C PHE A 545 -8.01 -11.00 -24.79
N ASP A 546 -8.94 -10.16 -24.33
CA ASP A 546 -8.83 -8.70 -24.53
C ASP A 546 -7.54 -8.34 -23.79
N ASN A 547 -6.87 -7.28 -24.23
CA ASN A 547 -5.53 -7.03 -23.79
C ASN A 547 -5.09 -5.58 -24.04
N GLU A 548 -3.91 -5.23 -23.53
CA GLU A 548 -3.38 -3.87 -23.60
C GLU A 548 -3.22 -3.38 -25.03
N THR A 549 -3.03 -4.31 -25.97
CA THR A 549 -2.84 -3.91 -27.37
C THR A 549 -4.17 -3.68 -28.08
N GLY A 550 -5.02 -4.70 -28.10
CA GLY A 550 -6.34 -4.54 -28.71
C GLY A 550 -7.15 -3.39 -28.13
N SER A 551 -7.00 -3.14 -26.83
CA SER A 551 -7.74 -2.08 -26.16
C SER A 551 -6.86 -0.89 -25.80
N PHE A 552 -5.83 -0.63 -26.62
CA PHE A 552 -4.91 0.45 -26.34
C PHE A 552 -5.64 1.79 -26.30
N TRP A 553 -6.70 1.89 -27.10
CA TRP A 553 -7.48 3.12 -27.20
C TRP A 553 -8.24 3.48 -25.91
N ARG A 554 -8.29 2.59 -24.94
CA ARG A 554 -8.93 2.89 -23.66
C ARG A 554 -7.94 2.70 -22.50
N GLY A 555 -6.65 2.72 -22.83
CA GLY A 555 -5.60 2.55 -21.85
C GLY A 555 -5.27 3.84 -21.11
N PRO A 556 -4.24 3.76 -20.26
CA PRO A 556 -3.85 4.90 -19.42
C PRO A 556 -3.65 6.18 -20.22
N ASP A 557 -4.26 7.27 -19.75
CA ASP A 557 -4.10 8.60 -20.35
C ASP A 557 -4.60 8.71 -21.78
N MET A 558 -5.43 7.78 -22.21
CA MET A 558 -5.93 7.86 -23.57
C MET A 558 -7.33 8.47 -23.60
N ASP A 559 -7.53 9.35 -24.55
CA ASP A 559 -8.87 9.89 -24.77
C ASP A 559 -9.45 9.22 -26.00
N PRO A 560 -10.36 8.27 -25.81
CA PRO A 560 -10.87 7.52 -26.98
C PRO A 560 -11.43 8.43 -28.08
N LYS A 561 -12.00 9.58 -27.75
CA LYS A 561 -12.54 10.43 -28.81
C LYS A 561 -11.46 10.93 -29.76
N LYS A 562 -10.23 11.01 -29.27
CA LYS A 562 -9.18 11.54 -30.12
C LYS A 562 -8.39 10.46 -30.86
N ILE A 563 -8.80 9.21 -30.69
CA ILE A 563 -8.10 8.10 -31.34
C ILE A 563 -8.92 7.57 -32.50
N LYS A 564 -8.37 7.65 -33.70
CA LYS A 564 -9.15 7.33 -34.91
C LYS A 564 -9.14 5.86 -35.27
N THR A 565 -8.34 5.05 -34.57
CA THR A 565 -8.06 3.70 -35.03
C THR A 565 -9.23 2.73 -34.97
N GLU A 566 -9.51 2.09 -36.08
CA GLU A 566 -10.50 1.02 -36.10
C GLU A 566 -9.86 -0.28 -35.58
N VAL A 567 -10.43 -0.91 -34.57
CA VAL A 567 -9.84 -2.15 -34.06
C VAL A 567 -10.76 -3.34 -34.23
N PHE A 568 -10.24 -4.41 -34.81
CA PHE A 568 -10.95 -5.67 -34.99
C PHE A 568 -10.33 -6.72 -34.05
N PHE A 569 -11.04 -7.10 -33.02
CA PHE A 569 -10.52 -8.12 -32.12
C PHE A 569 -11.16 -9.47 -32.41
N LEU A 570 -10.34 -10.44 -32.74
CA LEU A 570 -10.78 -11.77 -33.13
C LEU A 570 -10.34 -12.80 -32.07
N PRO A 571 -11.26 -13.29 -31.24
CA PRO A 571 -10.90 -14.26 -30.19
C PRO A 571 -10.47 -15.59 -30.81
N CYS A 572 -9.30 -16.09 -30.43
CA CYS A 572 -8.79 -17.32 -31.00
C CYS A 572 -8.85 -18.53 -30.04
N ALA A 573 -8.61 -19.69 -30.61
CA ALA A 573 -8.52 -20.95 -29.86
C ALA A 573 -7.24 -20.98 -29.01
N VAL A 574 -7.21 -21.83 -27.98
CA VAL A 574 -6.01 -22.01 -27.17
C VAL A 574 -5.38 -23.31 -27.64
N ALA A 575 -4.12 -23.56 -27.29
CA ALA A 575 -3.41 -24.72 -27.79
C ALA A 575 -4.10 -26.09 -27.69
N ILE A 576 -4.73 -26.38 -26.56
CA ILE A 576 -5.35 -27.72 -26.41
C ILE A 576 -6.61 -27.86 -27.24
N GLU A 577 -7.06 -26.77 -27.85
CA GLU A 577 -8.22 -26.78 -28.76
C GLU A 577 -7.79 -26.83 -30.24
N LYS A 578 -6.52 -27.09 -30.49
CA LYS A 578 -5.94 -27.06 -31.84
C LYS A 578 -5.15 -28.32 -32.27
N GLU A 579 -5.10 -28.60 -33.57
CA GLU A 579 -4.27 -29.67 -34.07
C GLU A 579 -3.22 -29.11 -35.03
N GLY A 580 -1.97 -29.43 -34.73
CA GLY A 580 -0.85 -28.99 -35.55
C GLY A 580 0.43 -29.31 -34.83
N SER A 581 1.52 -28.70 -35.28
CA SER A 581 2.82 -28.97 -34.63
C SER A 581 3.48 -27.72 -34.10
N ILE A 582 4.35 -27.95 -33.13
CA ILE A 582 5.20 -26.91 -32.59
C ILE A 582 6.58 -27.52 -32.41
N SER A 583 7.61 -26.72 -32.65
CA SER A 583 8.98 -27.19 -32.53
C SER A 583 9.69 -26.62 -31.30
N ASN A 584 10.17 -27.51 -30.44
CA ASN A 584 10.79 -27.10 -29.19
C ASN A 584 12.23 -26.58 -29.31
N SER A 585 12.86 -26.32 -28.17
CA SER A 585 14.20 -25.74 -28.21
C SER A 585 15.21 -26.68 -28.84
N GLY A 586 14.99 -27.97 -28.68
CA GLY A 586 15.86 -29.00 -29.24
C GLY A 586 15.57 -29.34 -30.70
N ARG A 587 14.74 -28.52 -31.34
CA ARG A 587 14.25 -28.68 -32.70
C ARG A 587 13.30 -29.89 -32.85
N TRP A 588 12.74 -30.36 -31.74
CA TRP A 588 11.82 -31.50 -31.83
C TRP A 588 10.47 -31.00 -32.29
N MET A 589 10.04 -31.45 -33.45
CA MET A 589 8.77 -31.04 -34.01
C MET A 589 7.73 -32.01 -33.48
N GLN A 590 6.82 -31.47 -32.67
CA GLN A 590 5.84 -32.30 -31.99
C GLN A 590 4.38 -32.05 -32.39
N TRP A 591 3.70 -33.13 -32.79
CA TRP A 591 2.29 -33.06 -33.20
C TRP A 591 1.32 -33.02 -32.01
N ARG A 592 0.38 -32.10 -32.03
CA ARG A 592 -0.62 -31.95 -30.96
C ARG A 592 -1.99 -32.15 -31.53
N TYR A 593 -2.94 -32.51 -30.67
CA TYR A 593 -4.31 -32.81 -31.09
C TYR A 593 -5.37 -31.98 -30.38
N VAL A 594 -6.54 -31.89 -30.99
CA VAL A 594 -7.65 -31.21 -30.33
C VAL A 594 -8.19 -32.03 -29.19
N GLY A 595 -8.26 -31.42 -28.02
CA GLY A 595 -8.96 -32.03 -26.88
C GLY A 595 -10.36 -31.44 -26.88
N PRO A 596 -10.55 -30.37 -26.14
CA PRO A 596 -11.81 -29.65 -26.21
C PRO A 596 -11.91 -28.91 -27.53
N GLU A 597 -13.14 -28.68 -27.98
CA GLU A 597 -13.35 -27.90 -29.19
C GLU A 597 -12.97 -26.45 -28.89
N PRO A 598 -12.69 -25.66 -29.91
CA PRO A 598 -12.47 -24.23 -29.69
C PRO A 598 -13.68 -23.65 -28.96
N ARG A 599 -13.43 -23.06 -27.79
CA ARG A 599 -14.48 -22.52 -26.94
C ARG A 599 -15.34 -21.56 -27.73
N LYS A 600 -16.66 -21.73 -27.67
CA LYS A 600 -17.55 -20.90 -28.49
C LYS A 600 -17.36 -19.41 -28.19
N ASN A 601 -17.24 -18.54 -29.18
CA ASN A 601 -17.22 -18.83 -30.62
C ASN A 601 -15.88 -18.47 -31.20
N ALA A 602 -14.82 -18.79 -30.46
CA ALA A 602 -13.43 -18.55 -30.90
C ALA A 602 -13.10 -19.41 -32.12
N ILE A 603 -12.15 -18.94 -32.93
CA ILE A 603 -11.66 -19.65 -34.10
C ILE A 603 -10.10 -19.79 -34.05
N PRO A 604 -9.59 -20.97 -34.38
CA PRO A 604 -8.15 -21.20 -34.42
C PRO A 604 -7.50 -20.28 -35.46
N ASP A 605 -6.24 -19.89 -35.27
CA ASP A 605 -5.58 -18.98 -36.21
C ASP A 605 -5.58 -19.46 -37.63
N GLY A 606 -5.31 -20.75 -37.84
CA GLY A 606 -5.20 -21.28 -39.19
C GLY A 606 -6.45 -21.00 -39.99
N ASP A 607 -7.60 -21.21 -39.36
CA ASP A 607 -8.83 -20.93 -40.08
C ASP A 607 -9.09 -19.46 -40.30
N LEU A 608 -8.73 -18.64 -39.33
CA LEU A 608 -8.84 -17.18 -39.50
C LEU A 608 -8.02 -16.73 -40.73
N ILE A 609 -6.81 -17.25 -40.85
CA ILE A 609 -5.95 -16.91 -41.98
C ILE A 609 -6.54 -17.40 -43.29
N VAL A 610 -7.05 -18.63 -43.28
CA VAL A 610 -7.66 -19.18 -44.49
C VAL A 610 -8.84 -18.31 -44.90
N GLU A 611 -9.67 -17.95 -43.93
CA GLU A 611 -10.86 -17.15 -44.25
C GLU A 611 -10.49 -15.77 -44.76
N LEU A 612 -9.45 -15.16 -44.19
CA LEU A 612 -9.07 -13.83 -44.65
C LEU A 612 -8.45 -13.86 -46.03
N ALA A 613 -7.57 -14.82 -46.24
CA ALA A 613 -6.86 -14.94 -47.49
C ALA A 613 -7.85 -15.20 -48.64
N LYS A 614 -8.81 -16.10 -48.43
CA LYS A 614 -9.76 -16.41 -49.49
C LYS A 614 -10.64 -15.23 -49.83
N ARG A 615 -11.04 -14.48 -48.82
CA ARG A 615 -11.90 -13.34 -49.08
C ARG A 615 -11.10 -12.28 -49.83
N VAL A 616 -9.86 -12.06 -49.42
CA VAL A 616 -9.08 -11.06 -50.10
C VAL A 616 -8.77 -11.49 -51.55
N GLN A 617 -8.53 -12.78 -51.76
CA GLN A 617 -8.31 -13.27 -53.11
C GLN A 617 -9.51 -13.01 -54.01
N LYS A 618 -10.71 -13.17 -53.48
CA LYS A 618 -11.93 -12.98 -54.27
C LYS A 618 -12.16 -11.51 -54.57
N LEU A 619 -11.83 -10.63 -53.61
CA LEU A 619 -11.91 -9.21 -53.95
C LEU A 619 -10.94 -8.83 -55.06
N LEU A 620 -9.68 -9.29 -54.97
CA LEU A 620 -8.69 -8.94 -56.00
C LEU A 620 -8.98 -9.62 -57.34
N ALA A 621 -9.69 -10.74 -57.30
CA ALA A 621 -10.02 -11.42 -58.53
C ALA A 621 -11.06 -10.60 -59.30
N LYS A 622 -11.93 -9.91 -58.57
CA LYS A 622 -12.96 -9.06 -59.21
C LYS A 622 -12.42 -7.67 -59.58
N THR A 623 -11.59 -7.12 -58.71
CA THR A 623 -11.02 -5.81 -58.93
C THR A 623 -9.53 -5.86 -58.69
N PRO A 624 -8.76 -6.12 -59.75
CA PRO A 624 -7.32 -6.34 -59.63
C PRO A 624 -6.41 -5.19 -59.23
N GLY A 625 -6.78 -3.94 -59.45
CA GLY A 625 -5.87 -2.86 -59.11
C GLY A 625 -4.52 -3.01 -59.81
N LYS A 626 -3.45 -2.52 -59.18
CA LYS A 626 -2.12 -2.40 -59.79
C LYS A 626 -1.40 -3.70 -60.06
N LEU A 627 -1.63 -4.66 -59.18
CA LEU A 627 -0.89 -5.87 -59.29
C LEU A 627 -1.56 -6.99 -58.49
N ALA A 628 -2.59 -7.60 -59.07
CA ALA A 628 -3.34 -8.64 -58.38
C ALA A 628 -2.65 -10.00 -58.34
N ALA A 629 -1.76 -10.26 -59.28
CA ALA A 629 -1.19 -11.62 -59.44
C ALA A 629 -0.64 -12.37 -58.21
N PRO A 630 0.22 -11.76 -57.42
CA PRO A 630 0.78 -12.50 -56.29
C PRO A 630 -0.35 -12.88 -55.34
N VAL A 631 -1.37 -12.01 -55.24
CA VAL A 631 -2.49 -12.27 -54.35
C VAL A 631 -3.37 -13.42 -54.87
N THR A 632 -3.83 -13.31 -56.12
CA THR A 632 -4.79 -14.28 -56.64
C THR A 632 -4.17 -15.60 -57.01
N LYS A 633 -2.87 -15.62 -57.30
CA LYS A 633 -2.21 -16.84 -57.78
C LYS A 633 -1.68 -17.69 -56.63
N LEU A 634 -1.68 -17.13 -55.43
CA LEU A 634 -1.25 -17.86 -54.25
C LEU A 634 -2.10 -19.12 -54.14
N LYS A 635 -1.42 -20.24 -53.98
CA LYS A 635 -2.11 -21.52 -53.94
C LYS A 635 -2.68 -21.88 -52.57
N THR A 636 -3.72 -21.16 -52.17
CA THR A 636 -4.38 -21.45 -50.92
C THR A 636 -5.13 -22.79 -50.92
N ASP A 637 -5.43 -23.33 -52.10
CA ASP A 637 -6.06 -24.63 -52.15
C ASP A 637 -5.16 -25.69 -51.48
N TYR A 638 -3.86 -25.45 -51.47
CA TYR A 638 -2.93 -26.34 -50.78
C TYR A 638 -3.15 -26.33 -49.27
N TRP A 639 -3.84 -25.32 -48.75
CA TRP A 639 -3.96 -25.20 -47.31
C TRP A 639 -5.23 -25.77 -46.70
N VAL A 640 -6.19 -26.12 -47.57
CA VAL A 640 -7.51 -26.49 -47.09
C VAL A 640 -8.03 -27.86 -47.54
N ASN A 641 -8.96 -28.43 -46.78
CA ASN A 641 -9.59 -29.70 -47.16
C ASN A 641 -10.65 -29.48 -48.24
N ASP A 642 -11.43 -30.49 -48.55
CA ASP A 642 -12.42 -30.33 -49.62
C ASP A 642 -13.58 -29.43 -49.22
N HIS A 643 -13.72 -29.22 -47.91
CA HIS A 643 -14.71 -28.34 -47.30
C HIS A 643 -14.26 -26.88 -47.11
N GLY A 644 -13.06 -26.56 -47.61
CA GLY A 644 -12.52 -25.20 -47.51
C GLY A 644 -11.90 -24.84 -46.17
N HIS A 645 -11.76 -25.80 -45.27
CA HIS A 645 -11.20 -25.46 -43.96
C HIS A 645 -9.71 -25.78 -43.86
N PHE A 646 -9.02 -25.04 -43.00
CA PHE A 646 -7.63 -25.24 -42.67
C PHE A 646 -7.37 -26.72 -42.41
N ASP A 647 -6.38 -27.26 -43.10
CA ASP A 647 -6.00 -28.65 -42.92
C ASP A 647 -4.52 -28.74 -42.54
N PRO A 648 -4.23 -29.01 -41.29
CA PRO A 648 -2.82 -29.02 -40.82
C PRO A 648 -1.99 -30.14 -41.46
N HIS A 649 -2.62 -31.25 -41.80
CA HIS A 649 -1.90 -32.37 -42.42
C HIS A 649 -1.49 -31.97 -43.82
N LYS A 650 -2.41 -31.35 -44.55
CA LYS A 650 -2.07 -30.85 -45.87
C LYS A 650 -0.94 -29.81 -45.82
N ILE A 651 -1.05 -28.83 -44.93
CA ILE A 651 0.00 -27.82 -44.82
C ILE A 651 1.35 -28.42 -44.39
N ALA A 652 1.34 -29.31 -43.39
CA ALA A 652 2.55 -29.97 -43.00
C ALA A 652 3.19 -30.78 -44.15
N LYS A 653 2.35 -31.35 -45.01
CA LYS A 653 2.93 -32.06 -46.15
C LYS A 653 3.53 -31.08 -47.15
N LEU A 654 2.94 -29.90 -47.28
CA LEU A 654 3.51 -28.88 -48.16
C LEU A 654 4.82 -28.36 -47.60
N ILE A 655 4.86 -28.18 -46.28
CA ILE A 655 6.06 -27.68 -45.64
C ILE A 655 7.17 -28.69 -45.88
N ASN A 656 6.81 -29.97 -45.80
CA ASN A 656 7.79 -31.02 -46.05
C ASN A 656 8.14 -30.93 -47.54
N GLY A 657 7.10 -30.91 -48.37
CA GLY A 657 7.23 -30.78 -49.81
C GLY A 657 6.91 -32.03 -50.57
N PHE A 658 6.48 -31.87 -51.82
CA PHE A 658 6.13 -33.01 -52.68
C PHE A 658 6.48 -32.73 -54.13
N ALA A 659 6.45 -33.77 -54.96
CA ALA A 659 6.78 -33.61 -56.36
C ALA A 659 5.64 -32.93 -57.12
N LEU A 660 5.98 -31.92 -57.91
CA LEU A 660 5.02 -31.29 -58.82
C LEU A 660 5.03 -31.99 -60.18
N LYS A 661 6.15 -32.65 -60.48
CA LYS A 661 6.31 -33.45 -61.71
C LYS A 661 7.20 -34.64 -61.43
N ASP A 662 7.14 -35.65 -62.29
CA ASP A 662 7.98 -36.81 -62.08
C ASP A 662 9.41 -36.36 -62.28
N PHE A 663 10.31 -36.90 -61.48
CA PHE A 663 11.72 -36.62 -61.64
C PHE A 663 12.50 -37.69 -60.94
N LYS A 664 13.80 -37.74 -61.22
CA LYS A 664 14.67 -38.73 -60.59
C LYS A 664 15.87 -37.98 -59.99
N VAL A 665 16.32 -38.48 -58.86
CA VAL A 665 17.47 -37.87 -58.22
C VAL A 665 18.31 -39.01 -57.70
N GLY A 666 19.52 -39.14 -58.23
CA GLY A 666 20.36 -40.28 -57.89
C GLY A 666 19.66 -41.55 -58.33
N ASP A 667 19.47 -42.48 -57.39
CA ASP A 667 18.80 -43.72 -57.70
C ASP A 667 17.33 -43.70 -57.28
N VAL A 668 16.83 -42.52 -56.89
CA VAL A 668 15.46 -42.40 -56.40
C VAL A 668 14.53 -41.72 -57.39
N GLU A 669 13.39 -42.36 -57.61
CA GLU A 669 12.40 -41.81 -58.52
C GLU A 669 11.18 -41.33 -57.76
N TYR A 670 10.69 -40.16 -58.18
CA TYR A 670 9.50 -39.57 -57.61
C TYR A 670 8.43 -39.38 -58.67
N LYS A 671 7.19 -39.58 -58.27
CA LYS A 671 6.07 -39.33 -59.14
C LYS A 671 5.35 -38.08 -58.64
N ALA A 672 4.80 -37.30 -59.56
CA ALA A 672 4.01 -36.15 -59.21
C ALA A 672 3.06 -36.50 -58.06
N GLY A 673 3.03 -35.63 -57.05
CA GLY A 673 2.17 -35.86 -55.91
C GLY A 673 2.78 -36.55 -54.70
N GLN A 674 3.96 -37.14 -54.87
CA GLN A 674 4.57 -37.87 -53.76
C GLN A 674 5.33 -36.94 -52.84
N GLN A 675 5.25 -37.19 -51.54
CA GLN A 675 6.03 -36.42 -50.56
C GLN A 675 7.53 -36.62 -50.75
N ILE A 676 8.33 -35.57 -50.58
CA ILE A 676 9.78 -35.76 -50.74
C ILE A 676 10.35 -36.31 -49.44
N ALA A 677 11.29 -37.25 -49.54
CA ALA A 677 11.78 -37.92 -48.32
C ALA A 677 12.84 -37.20 -47.51
N THR A 678 13.61 -36.32 -48.15
CA THR A 678 14.65 -35.58 -47.45
C THR A 678 14.98 -34.35 -48.26
N PHE A 679 15.47 -33.32 -47.61
CA PHE A 679 15.82 -32.12 -48.38
C PHE A 679 16.91 -32.37 -49.40
N GLY A 680 17.67 -33.44 -49.21
CA GLY A 680 18.68 -33.82 -50.18
C GLY A 680 18.09 -34.12 -51.56
N HIS A 681 16.78 -34.34 -51.65
CA HIS A 681 16.15 -34.68 -52.92
C HIS A 681 15.42 -33.50 -53.58
N LEU A 682 15.35 -32.36 -52.89
CA LEU A 682 14.67 -31.19 -53.46
C LEU A 682 15.29 -30.70 -54.77
N GLN A 683 14.50 -30.02 -55.59
CA GLN A 683 14.96 -29.69 -56.92
C GLN A 683 15.01 -28.21 -57.20
N ALA A 684 16.09 -27.82 -57.86
CA ALA A 684 16.31 -26.45 -58.24
C ALA A 684 15.48 -26.02 -59.46
N ASP A 685 14.96 -27.00 -60.22
CA ASP A 685 14.29 -26.66 -61.49
C ASP A 685 12.77 -26.43 -61.39
N GLY A 686 12.24 -26.43 -60.18
CA GLY A 686 10.81 -26.22 -60.02
C GLY A 686 9.97 -27.48 -59.92
N SER A 687 10.63 -28.63 -59.94
CA SER A 687 9.97 -29.92 -59.81
C SER A 687 9.40 -30.26 -58.44
N THR A 688 9.82 -29.52 -57.41
CA THR A 688 9.33 -29.79 -56.05
C THR A 688 8.84 -28.56 -55.29
N THR A 689 7.85 -28.78 -54.44
CA THR A 689 7.52 -27.78 -53.44
C THR A 689 8.28 -28.18 -52.18
N SER A 690 8.32 -27.25 -51.23
CA SER A 690 8.73 -27.45 -49.83
C SER A 690 8.63 -26.10 -49.19
N GLY A 691 7.66 -25.94 -48.31
CA GLY A 691 7.48 -24.66 -47.66
C GLY A 691 8.68 -24.26 -46.82
N CYS A 692 9.36 -25.26 -46.26
CA CYS A 692 10.51 -24.98 -45.40
C CYS A 692 11.45 -26.17 -45.48
N TRP A 693 12.56 -26.02 -46.21
CA TRP A 693 13.40 -27.17 -46.56
C TRP A 693 13.98 -27.95 -45.38
N ILE A 694 14.19 -27.28 -44.26
CA ILE A 694 14.70 -27.99 -43.09
C ILE A 694 13.72 -29.02 -42.54
N TYR A 695 12.46 -28.92 -42.95
CA TYR A 695 11.43 -29.85 -42.51
C TYR A 695 11.19 -31.01 -43.49
N THR A 696 11.94 -31.03 -44.58
CA THR A 696 11.77 -32.10 -45.55
C THR A 696 12.31 -33.38 -44.93
N GLY A 697 11.44 -34.36 -44.75
CA GLY A 697 11.76 -35.56 -44.00
C GLY A 697 10.82 -35.68 -42.81
N SER A 698 10.08 -34.62 -42.49
CA SER A 698 9.15 -34.63 -41.36
C SER A 698 7.81 -35.35 -41.65
N TYR A 699 7.37 -35.35 -42.90
CA TYR A 699 6.08 -35.87 -43.27
C TYR A 699 6.23 -36.39 -44.69
N THR A 700 6.61 -37.65 -44.78
CA THR A 700 6.97 -38.23 -46.06
C THR A 700 5.92 -39.24 -46.45
N GLU A 701 6.25 -40.04 -47.45
CA GLU A 701 5.36 -41.11 -47.87
C GLU A 701 5.17 -42.12 -46.74
N LYS A 702 6.08 -42.14 -45.76
CA LYS A 702 5.99 -43.09 -44.64
C LYS A 702 5.21 -42.51 -43.44
N GLY A 703 4.71 -41.30 -43.61
CA GLY A 703 3.87 -40.70 -42.57
C GLY A 703 4.38 -39.51 -41.80
N ASN A 704 3.63 -39.17 -40.77
CA ASN A 704 3.87 -37.99 -39.95
C ASN A 704 4.87 -38.29 -38.82
N MET A 705 6.13 -37.97 -39.05
CA MET A 705 7.18 -38.31 -38.11
C MET A 705 7.01 -37.55 -36.79
N ALA A 706 6.36 -36.39 -36.86
CA ALA A 706 6.14 -35.58 -35.68
C ALA A 706 5.08 -36.16 -34.72
N ALA A 707 4.29 -37.11 -35.20
CA ALA A 707 3.24 -37.71 -34.38
C ALA A 707 3.72 -39.02 -33.75
N ARG A 708 4.98 -39.38 -34.00
CA ARG A 708 5.50 -40.66 -33.51
C ARG A 708 5.73 -40.66 -31.98
N ARG A 709 5.43 -41.77 -31.34
CA ARG A 709 5.59 -41.87 -29.88
C ARG A 709 6.37 -43.16 -29.57
N ASP A 710 7.41 -43.41 -30.35
CA ASP A 710 8.15 -44.67 -30.20
C ASP A 710 9.37 -44.49 -29.34
N LYS A 711 9.39 -45.12 -28.18
CA LYS A 711 10.49 -44.97 -27.22
C LYS A 711 11.61 -45.98 -27.42
N THR A 712 11.52 -46.77 -28.48
CA THR A 712 12.59 -47.72 -28.79
C THR A 712 13.93 -47.01 -29.01
N GLN A 713 14.97 -47.52 -28.35
CA GLN A 713 16.32 -47.03 -28.54
C GLN A 713 17.30 -48.19 -28.59
N THR A 714 18.36 -48.01 -29.36
CA THR A 714 19.47 -48.95 -29.27
C THR A 714 20.15 -48.64 -27.95
N ASP A 715 21.01 -49.56 -27.52
CA ASP A 715 21.75 -49.36 -26.29
C ASP A 715 22.55 -48.05 -26.35
N MET A 716 23.18 -47.80 -27.49
CA MET A 716 23.94 -46.57 -27.72
C MET A 716 23.05 -45.33 -27.61
N GLN A 717 21.94 -45.34 -28.32
CA GLN A 717 21.02 -44.23 -28.26
C GLN A 717 20.51 -44.06 -26.83
N ALA A 718 20.17 -45.16 -26.18
CA ALA A 718 19.61 -45.08 -24.82
C ALA A 718 20.58 -44.49 -23.78
N LYS A 719 21.87 -44.72 -23.98
CA LYS A 719 22.88 -44.30 -23.03
C LYS A 719 22.86 -42.79 -22.88
N ILE A 720 22.57 -42.09 -23.97
CA ILE A 720 22.53 -40.63 -23.91
C ILE A 720 21.14 -40.00 -24.02
N GLY A 721 20.09 -40.79 -24.26
CA GLY A 721 18.74 -40.26 -24.29
C GLY A 721 18.29 -39.54 -25.58
N LEU A 722 18.64 -40.09 -26.73
CA LEU A 722 18.28 -39.48 -28.02
C LEU A 722 16.79 -39.61 -28.36
N TYR A 723 16.20 -40.75 -28.02
CA TYR A 723 14.80 -41.03 -28.35
C TYR A 723 14.43 -40.66 -29.80
N PRO A 724 15.16 -41.17 -30.78
CA PRO A 724 14.93 -40.80 -32.17
C PRO A 724 13.58 -41.21 -32.71
N GLY A 725 12.88 -42.14 -32.04
CA GLY A 725 11.55 -42.55 -32.42
C GLY A 725 10.46 -41.67 -31.80
N TRP A 726 10.84 -40.75 -30.91
CA TRP A 726 9.87 -39.86 -30.26
C TRP A 726 9.75 -38.55 -31.04
N THR A 727 8.61 -38.35 -31.70
CA THR A 727 8.45 -37.18 -32.60
C THR A 727 9.62 -37.15 -33.63
N TRP A 728 10.08 -35.96 -34.00
CA TRP A 728 11.08 -35.83 -35.06
C TRP A 728 11.76 -34.50 -34.94
N ALA A 729 13.09 -34.50 -35.06
CA ALA A 729 13.84 -33.26 -34.95
C ALA A 729 14.44 -32.85 -36.31
N TRP A 730 14.44 -31.55 -36.60
CA TRP A 730 15.17 -31.08 -37.79
C TRP A 730 16.61 -30.82 -37.37
N PRO A 731 17.58 -31.00 -38.28
CA PRO A 731 17.36 -31.45 -39.67
C PRO A 731 17.45 -32.96 -39.76
N VAL A 732 16.59 -33.58 -40.56
CA VAL A 732 16.60 -35.05 -40.77
C VAL A 732 16.83 -35.89 -39.52
N ASN A 733 16.22 -35.47 -38.41
CA ASN A 733 16.29 -36.19 -37.13
C ASN A 733 17.68 -36.26 -36.46
N ARG A 734 18.55 -35.30 -36.78
CA ARG A 734 19.85 -35.21 -36.12
C ARG A 734 19.62 -34.48 -34.81
N ARG A 735 19.68 -35.22 -33.71
CA ARG A 735 19.28 -34.65 -32.43
C ARG A 735 20.35 -33.78 -31.80
N ILE A 736 21.60 -34.13 -32.04
CA ILE A 736 22.72 -33.34 -31.60
C ILE A 736 23.41 -32.89 -32.87
N ILE A 737 23.26 -31.62 -33.24
CA ILE A 737 23.94 -31.14 -34.45
C ILE A 737 25.44 -30.97 -34.22
N TYR A 738 26.18 -30.97 -35.32
CA TYR A 738 27.64 -30.92 -35.31
C TYR A 738 28.26 -32.21 -34.74
N ASN A 739 27.49 -33.31 -34.71
CA ASN A 739 27.96 -34.53 -34.07
C ASN A 739 29.18 -35.21 -34.71
N ARG A 740 29.54 -34.82 -35.94
CA ARG A 740 30.76 -35.37 -36.53
C ARG A 740 31.98 -34.95 -35.70
N ALA A 741 31.87 -33.85 -34.96
CA ALA A 741 33.02 -33.40 -34.16
C ALA A 741 33.19 -34.19 -32.84
N SER A 742 32.24 -35.06 -32.54
CA SER A 742 32.30 -35.92 -31.34
C SER A 742 33.18 -37.17 -31.55
N VAL A 743 33.67 -37.35 -32.77
CA VAL A 743 34.53 -38.49 -33.12
C VAL A 743 35.86 -38.03 -33.70
N ASP A 744 36.85 -38.92 -33.73
CA ASP A 744 38.12 -38.58 -34.34
C ASP A 744 38.05 -38.68 -35.86
N LEU A 745 39.18 -38.43 -36.54
CA LEU A 745 39.18 -38.41 -37.97
C LEU A 745 38.75 -39.76 -38.56
N ASN A 746 38.91 -40.82 -37.79
CA ASN A 746 38.56 -42.16 -38.22
C ASN A 746 37.09 -42.54 -37.95
N GLY A 747 36.38 -41.70 -37.19
CA GLY A 747 34.98 -41.97 -36.88
C GLY A 747 34.82 -42.65 -35.53
N LYS A 748 35.87 -42.66 -34.71
CA LYS A 748 35.77 -43.27 -33.40
C LYS A 748 35.43 -42.24 -32.32
N PRO A 749 34.43 -42.50 -31.50
CA PRO A 749 34.02 -41.54 -30.46
C PRO A 749 35.12 -41.11 -29.48
N TYR A 750 35.17 -39.80 -29.20
CA TYR A 750 36.06 -39.25 -28.19
C TYR A 750 35.58 -39.64 -26.78
N ALA A 751 34.26 -39.82 -26.62
CA ALA A 751 33.70 -40.23 -25.32
C ALA A 751 32.90 -41.52 -25.46
N PRO A 752 33.60 -42.65 -25.44
CA PRO A 752 32.99 -43.97 -25.68
C PRO A 752 31.83 -44.26 -24.73
N GLU A 753 31.87 -43.72 -23.52
CA GLU A 753 30.82 -43.96 -22.53
C GLU A 753 29.56 -43.16 -22.81
N LYS A 754 29.64 -42.16 -23.68
CA LYS A 754 28.46 -41.37 -24.00
C LYS A 754 28.54 -40.93 -25.46
N ALA A 755 28.88 -41.88 -26.32
CA ALA A 755 29.04 -41.63 -27.75
C ALA A 755 27.76 -41.14 -28.41
N VAL A 756 27.90 -40.26 -29.40
CA VAL A 756 26.78 -39.73 -30.13
C VAL A 756 26.65 -40.47 -31.44
N VAL A 757 27.74 -40.50 -32.22
CA VAL A 757 27.79 -41.27 -33.46
C VAL A 757 29.07 -42.10 -33.48
N GLU A 758 29.04 -43.17 -34.28
CA GLU A 758 30.21 -43.98 -34.47
C GLU A 758 30.18 -44.57 -35.88
N TRP A 759 31.31 -44.53 -36.55
CA TRP A 759 31.38 -45.07 -37.90
C TRP A 759 31.50 -46.59 -37.86
N ASN A 760 30.62 -47.24 -38.59
CA ASN A 760 30.62 -48.69 -38.77
C ASN A 760 31.29 -48.95 -40.12
N ALA A 761 32.56 -49.30 -40.12
CA ALA A 761 33.29 -49.48 -41.37
C ALA A 761 32.74 -50.60 -42.25
N ALA A 762 32.32 -51.70 -41.64
CA ALA A 762 31.82 -52.81 -42.45
C ALA A 762 30.54 -52.43 -43.20
N GLU A 763 29.67 -51.61 -42.59
CA GLU A 763 28.41 -51.24 -43.25
C GLU A 763 28.45 -49.87 -43.98
N LYS A 764 29.54 -49.16 -43.83
CA LYS A 764 29.67 -47.84 -44.41
C LYS A 764 28.55 -46.97 -43.94
N LYS A 765 28.37 -46.95 -42.62
CA LYS A 765 27.33 -46.12 -42.10
C LYS A 765 27.63 -45.68 -40.67
N TRP A 766 26.99 -44.59 -40.28
CA TRP A 766 27.15 -44.09 -38.93
C TRP A 766 26.01 -44.63 -38.07
N VAL A 767 26.35 -45.08 -36.85
CA VAL A 767 25.32 -45.49 -35.92
C VAL A 767 25.26 -44.55 -34.71
N GLY A 768 24.08 -44.51 -34.09
CA GLY A 768 23.77 -43.71 -32.91
C GLY A 768 22.73 -42.66 -33.31
N ASP A 769 23.11 -41.39 -33.23
CA ASP A 769 22.32 -40.27 -33.72
C ASP A 769 22.39 -40.33 -35.24
N VAL A 770 21.51 -39.60 -35.92
CA VAL A 770 21.67 -39.43 -37.35
C VAL A 770 22.91 -38.53 -37.48
N PRO A 771 23.89 -38.93 -38.29
CA PRO A 771 25.11 -38.12 -38.40
C PRO A 771 24.77 -36.80 -39.05
N ASP A 772 25.28 -35.71 -38.49
CA ASP A 772 25.09 -34.38 -39.09
C ASP A 772 26.06 -34.32 -40.27
N GLY A 773 25.67 -34.95 -41.38
CA GLY A 773 26.57 -35.12 -42.51
C GLY A 773 26.92 -36.59 -42.54
N PRO A 774 26.38 -37.29 -43.53
CA PRO A 774 26.43 -38.75 -43.60
C PRO A 774 27.66 -39.36 -44.26
N TRP A 775 28.51 -38.52 -44.84
CA TRP A 775 29.70 -38.97 -45.56
C TRP A 775 30.67 -39.70 -44.67
N PRO A 776 31.57 -40.48 -45.27
CA PRO A 776 32.60 -41.19 -44.49
C PRO A 776 33.41 -40.24 -43.63
N PRO A 777 34.12 -40.81 -42.67
CA PRO A 777 34.95 -40.06 -41.76
C PRO A 777 35.92 -39.13 -42.47
N GLN A 778 36.31 -38.09 -41.77
CA GLN A 778 37.15 -37.03 -42.28
C GLN A 778 38.53 -37.49 -42.71
N ALA A 779 39.00 -38.61 -42.19
CA ALA A 779 40.30 -39.15 -42.58
C ALA A 779 40.27 -39.63 -44.03
N ASP A 780 39.07 -39.91 -44.52
CA ASP A 780 38.88 -40.30 -45.90
C ASP A 780 38.98 -39.05 -46.76
N LYS A 781 40.18 -38.81 -47.28
CA LYS A 781 40.39 -37.59 -48.06
C LYS A 781 39.59 -37.56 -49.36
N GLU A 782 39.21 -38.72 -49.88
CA GLU A 782 38.51 -38.78 -51.16
C GLU A 782 37.00 -38.64 -51.06
N LYS A 783 36.42 -39.21 -50.01
CA LYS A 783 34.97 -39.26 -49.89
C LYS A 783 34.45 -38.63 -48.59
N GLY A 784 35.32 -38.52 -47.59
CA GLY A 784 34.91 -37.95 -46.31
C GLY A 784 34.78 -36.44 -46.42
N LYS A 785 34.16 -35.83 -45.40
CA LYS A 785 34.01 -34.39 -45.34
C LYS A 785 34.34 -33.89 -43.94
N ARG A 786 34.43 -32.58 -43.82
CA ARG A 786 34.74 -31.95 -42.55
C ARG A 786 33.49 -31.80 -41.70
N ALA A 787 33.69 -31.55 -40.41
CA ALA A 787 32.62 -31.63 -39.42
C ALA A 787 31.49 -30.60 -39.45
N PHE A 788 31.83 -29.35 -39.78
CA PHE A 788 30.86 -28.27 -39.74
C PHE A 788 30.36 -28.03 -41.16
N ILE A 789 29.35 -28.81 -41.52
CA ILE A 789 28.91 -28.90 -42.93
C ILE A 789 28.21 -27.66 -43.46
N MET A 790 27.76 -26.81 -42.57
CA MET A 790 27.10 -25.61 -43.02
C MET A 790 28.09 -24.48 -43.22
N LYS A 791 29.30 -24.62 -42.68
CA LYS A 791 30.34 -23.60 -42.89
C LYS A 791 31.02 -23.80 -44.27
N PRO A 792 31.51 -22.73 -44.90
CA PRO A 792 32.08 -22.83 -46.26
C PRO A 792 33.27 -23.77 -46.40
N GLU A 793 34.12 -23.85 -45.39
CA GLU A 793 35.27 -24.78 -45.41
C GLU A 793 35.08 -26.06 -44.56
N GLY A 794 34.00 -26.16 -43.81
CA GLY A 794 33.79 -27.33 -42.95
C GLY A 794 34.35 -27.21 -41.54
N TYR A 795 34.93 -26.06 -41.22
CA TYR A 795 35.54 -25.80 -39.92
C TYR A 795 34.75 -24.74 -39.14
N ALA A 796 34.52 -25.01 -37.85
CA ALA A 796 33.87 -23.99 -37.02
C ALA A 796 34.79 -22.75 -36.87
N TYR A 797 34.20 -21.58 -36.72
CA TYR A 797 34.99 -20.37 -36.65
C TYR A 797 35.24 -19.90 -35.21
N LEU A 798 36.49 -20.01 -34.78
CA LEU A 798 36.94 -19.34 -33.54
C LEU A 798 37.00 -17.85 -33.86
N TYR A 799 37.82 -17.52 -34.86
CA TYR A 799 37.98 -16.19 -35.44
C TYR A 799 36.85 -16.08 -36.50
N GLY A 800 35.97 -15.10 -36.35
CA GLY A 800 34.75 -15.06 -37.18
C GLY A 800 34.58 -13.72 -37.81
N PRO A 801 35.16 -13.55 -39.00
CA PRO A 801 35.26 -12.26 -39.70
C PRO A 801 33.95 -11.69 -40.23
N GLY A 802 32.84 -12.39 -40.06
CA GLY A 802 31.55 -11.89 -40.51
C GLY A 802 30.89 -10.93 -39.53
N ARG A 803 31.32 -10.90 -38.27
CA ARG A 803 30.65 -10.03 -37.29
C ARG A 803 31.07 -8.58 -37.45
N GLU A 804 30.08 -7.70 -37.50
CA GLU A 804 30.32 -6.28 -37.74
C GLU A 804 31.17 -5.59 -36.69
N ASP A 805 31.22 -6.15 -35.49
CA ASP A 805 32.06 -5.53 -34.48
C ASP A 805 33.34 -6.27 -34.13
N GLY A 806 33.77 -7.18 -35.00
CA GLY A 806 35.10 -7.78 -34.84
C GLY A 806 35.14 -9.30 -34.94
N PRO A 807 36.27 -9.81 -35.42
CA PRO A 807 36.44 -11.26 -35.61
C PRO A 807 36.68 -12.05 -34.31
N LEU A 808 36.98 -11.34 -33.22
CA LEU A 808 37.07 -11.93 -31.89
C LEU A 808 36.33 -10.99 -30.94
N PRO A 809 35.79 -11.54 -29.86
CA PRO A 809 35.13 -10.73 -28.83
C PRO A 809 36.09 -9.82 -28.12
N GLU A 810 35.60 -8.66 -27.70
CA GLU A 810 36.39 -7.69 -26.99
C GLU A 810 35.51 -6.95 -26.01
N TYR A 811 36.02 -6.72 -24.81
CA TYR A 811 35.23 -6.08 -23.80
C TYR A 811 35.03 -4.61 -24.07
N TYR A 812 33.78 -4.14 -24.00
CA TYR A 812 33.52 -2.70 -23.96
C TYR A 812 32.44 -2.51 -22.88
N GLU A 813 32.41 -1.35 -22.25
CA GLU A 813 31.39 -1.03 -21.22
C GLU A 813 30.02 -0.91 -21.89
N PRO A 814 29.02 -1.64 -21.38
CA PRO A 814 27.72 -1.68 -22.04
C PRO A 814 26.80 -0.50 -21.76
N MET A 815 27.07 0.25 -20.71
CA MET A 815 26.19 1.37 -20.41
C MET A 815 26.96 2.67 -20.25
N GLU A 816 26.27 3.78 -20.51
CA GLU A 816 26.86 5.10 -20.33
C GLU A 816 26.95 5.46 -18.87
N CYS A 817 25.91 5.12 -18.13
CA CYS A 817 25.79 5.57 -16.75
C CYS A 817 25.58 4.43 -15.77
N PRO A 818 26.18 4.53 -14.59
CA PRO A 818 27.12 5.61 -14.27
C PRO A 818 28.41 5.39 -15.04
N VAL A 819 29.26 6.40 -15.13
CA VAL A 819 30.49 6.27 -15.90
C VAL A 819 31.50 5.33 -15.23
N ILE A 820 31.77 4.21 -15.90
CA ILE A 820 32.73 3.22 -15.42
C ILE A 820 33.78 2.98 -16.49
N GLU A 821 35.05 3.15 -16.16
CA GLU A 821 36.14 2.93 -17.12
C GLU A 821 36.53 1.48 -17.04
N HIS A 822 36.99 0.92 -18.15
CA HIS A 822 37.42 -0.46 -18.10
C HIS A 822 38.91 -0.53 -18.43
N PRO A 823 39.59 -1.57 -17.97
CA PRO A 823 41.04 -1.67 -18.10
C PRO A 823 41.57 -2.41 -19.33
N PHE A 824 40.73 -2.74 -20.30
CA PHE A 824 41.20 -3.55 -21.41
C PHE A 824 41.72 -2.79 -22.61
N SER A 825 41.29 -1.54 -22.74
CA SER A 825 41.77 -0.68 -23.82
C SER A 825 41.27 0.74 -23.60
N LYS A 826 41.69 1.64 -24.49
CA LYS A 826 41.24 3.03 -24.47
C LYS A 826 39.90 3.21 -25.17
N THR A 827 39.35 2.14 -25.75
CA THR A 827 38.05 2.25 -26.37
C THR A 827 36.97 1.91 -25.35
N LEU A 828 36.28 2.94 -24.85
CA LEU A 828 35.32 2.72 -23.75
C LEU A 828 34.10 1.89 -24.10
N HIS A 829 33.38 2.30 -25.15
CA HIS A 829 32.20 1.61 -25.60
C HIS A 829 32.43 1.02 -26.99
N ASN A 830 31.52 0.14 -27.39
CA ASN A 830 31.62 -0.59 -28.65
C ASN A 830 31.69 0.43 -29.78
N PRO A 831 32.74 0.37 -30.58
CA PRO A 831 32.97 1.39 -31.60
C PRO A 831 31.96 1.36 -32.73
N THR A 832 31.13 0.33 -32.80
CA THR A 832 30.09 0.27 -33.83
C THR A 832 28.75 0.73 -33.29
N ALA A 833 28.68 0.97 -31.99
CA ALA A 833 27.42 1.44 -31.43
C ALA A 833 27.34 2.92 -31.77
N LEU A 834 26.13 3.38 -32.03
CA LEU A 834 25.94 4.77 -32.43
C LEU A 834 25.26 5.63 -31.36
N HIS A 835 24.70 5.00 -30.34
CA HIS A 835 23.91 5.73 -29.36
C HIS A 835 24.70 6.35 -28.20
N PHE A 836 26.02 6.23 -28.23
CA PHE A 836 26.82 6.71 -27.12
C PHE A 836 27.31 8.13 -27.32
N ALA A 837 27.54 8.82 -26.21
CA ALA A 837 28.16 10.12 -26.26
C ALA A 837 29.63 9.82 -26.48
N THR A 838 30.20 10.41 -27.52
N THR A 838 30.15 10.23 -27.63
CA THR A 838 31.60 10.22 -27.83
CA THR A 838 31.52 9.89 -27.97
C THR A 838 32.46 11.43 -27.47
C THR A 838 32.37 11.14 -28.13
N GLU A 839 32.37 12.47 -28.30
N GLU A 839 31.68 12.27 -28.30
CA GLU A 839 33.17 13.68 -28.11
CA GLU A 839 32.37 13.54 -28.46
C GLU A 839 33.00 14.34 -26.75
C GLU A 839 32.70 14.17 -27.10
N GLU A 840 31.80 14.27 -26.19
N GLU A 840 32.16 13.58 -26.03
CA GLU A 840 31.56 14.86 -24.88
CA GLU A 840 32.37 14.13 -24.69
C GLU A 840 31.62 13.76 -23.84
C GLU A 840 31.84 13.27 -23.51
N LYS A 841 31.78 14.16 -22.59
N LYS A 841 32.49 13.48 -22.37
CA LYS A 841 31.73 13.24 -21.48
CA LYS A 841 32.28 12.81 -21.07
C LYS A 841 30.26 12.92 -21.34
C LYS A 841 30.93 12.27 -20.53
N ALA A 842 29.93 11.69 -20.98
N ALA A 842 29.93 12.01 -21.38
CA ALA A 842 28.53 11.36 -20.81
CA ALA A 842 28.63 11.50 -20.88
C ALA A 842 27.97 12.26 -19.68
C ALA A 842 28.01 12.33 -19.73
N VAL A 843 26.74 12.72 -19.88
CA VAL A 843 26.08 13.57 -18.88
C VAL A 843 24.97 12.85 -18.06
N CYS A 844 25.39 12.12 -17.04
CA CYS A 844 24.52 11.25 -16.24
C CYS A 844 23.59 11.94 -15.23
N ASP A 845 22.28 11.94 -15.50
CA ASP A 845 21.32 12.64 -14.64
C ASP A 845 21.15 12.00 -13.25
N PRO A 846 21.38 12.77 -12.19
CA PRO A 846 21.25 12.26 -10.82
C PRO A 846 19.81 11.94 -10.44
N ARG A 847 18.84 12.38 -11.23
CA ARG A 847 17.44 12.03 -10.98
C ARG A 847 17.21 10.52 -11.14
N TYR A 848 18.07 9.85 -11.89
CA TYR A 848 17.88 8.42 -12.20
C TYR A 848 19.15 7.63 -11.93
N PRO A 849 19.46 7.44 -10.65
CA PRO A 849 20.77 6.93 -10.23
C PRO A 849 20.92 5.42 -10.20
N PHE A 850 19.83 4.68 -10.30
CA PHE A 850 19.94 3.25 -10.19
C PHE A 850 19.68 2.50 -11.47
N ILE A 851 20.32 1.35 -11.57
CA ILE A 851 20.15 0.48 -12.70
C ILE A 851 18.97 -0.43 -12.40
N CYS A 852 18.06 -0.52 -13.36
CA CYS A 852 16.92 -1.42 -13.26
C CYS A 852 17.02 -2.47 -14.35
N SER A 853 16.76 -3.72 -14.00
CA SER A 853 16.73 -4.79 -14.98
C SER A 853 15.32 -5.42 -15.02
N THR A 854 14.92 -6.06 -16.14
CA THR A 854 13.66 -6.76 -16.15
C THR A 854 13.95 -8.24 -16.38
N TYR A 855 13.17 -9.10 -15.74
CA TYR A 855 13.32 -10.52 -15.93
C TYR A 855 12.01 -11.19 -15.60
N ARG A 856 12.00 -12.51 -15.60
CA ARG A 856 10.78 -13.27 -15.40
C ARG A 856 10.75 -13.98 -14.07
N VAL A 857 9.55 -14.47 -13.72
CA VAL A 857 9.35 -15.42 -12.62
C VAL A 857 8.69 -16.68 -13.16
N THR A 858 8.80 -17.77 -12.41
CA THR A 858 8.35 -19.03 -12.93
C THR A 858 6.88 -19.02 -13.27
N GLU A 859 6.08 -18.34 -12.45
CA GLU A 859 4.63 -18.46 -12.59
C GLU A 859 3.95 -17.65 -13.68
N HIS A 860 4.64 -16.67 -14.24
CA HIS A 860 4.04 -15.84 -15.28
C HIS A 860 4.70 -16.02 -16.64
N TRP A 861 3.95 -15.63 -17.66
CA TRP A 861 4.35 -15.84 -19.04
C TRP A 861 4.35 -14.53 -19.84
N GLN A 862 5.53 -14.14 -20.28
CA GLN A 862 5.65 -13.00 -21.20
C GLN A 862 5.06 -11.72 -20.66
N THR A 863 4.21 -11.01 -21.43
CA THR A 863 3.62 -9.80 -20.86
C THR A 863 2.60 -10.14 -19.76
N GLY A 864 2.40 -11.42 -19.51
CA GLY A 864 1.45 -11.83 -18.49
C GLY A 864 0.00 -11.92 -18.94
N LEU A 865 -0.28 -11.60 -20.19
CA LEU A 865 -1.64 -11.65 -20.62
C LEU A 865 -2.27 -13.01 -20.27
N MET A 866 -1.60 -14.09 -20.63
CA MET A 866 -2.14 -15.41 -20.38
C MET A 866 -2.25 -15.79 -18.90
N THR A 867 -1.22 -15.45 -18.14
CA THR A 867 -1.12 -15.93 -16.75
C THR A 867 -1.77 -14.99 -15.73
N ARG A 868 -1.82 -13.71 -16.04
CA ARG A 868 -2.63 -12.78 -15.25
C ARG A 868 -4.10 -13.18 -15.36
N ASN A 869 -4.50 -13.75 -16.50
CA ASN A 869 -5.88 -14.21 -16.68
C ASN A 869 -6.10 -15.67 -16.23
N THR A 870 -5.08 -16.27 -15.62
CA THR A 870 -5.12 -17.61 -15.04
C THR A 870 -5.13 -17.49 -13.50
N PRO A 871 -6.28 -17.63 -12.85
CA PRO A 871 -6.35 -17.41 -11.40
C PRO A 871 -5.30 -18.09 -10.54
N TRP A 872 -5.02 -19.36 -10.80
CA TRP A 872 -4.03 -20.06 -10.00
C TRP A 872 -2.62 -19.47 -10.05
N LEU A 873 -2.27 -18.88 -11.20
CA LEU A 873 -0.93 -18.28 -11.37
C LEU A 873 -0.91 -16.89 -10.75
N LEU A 874 -1.94 -16.10 -11.04
CA LEU A 874 -2.08 -14.78 -10.44
C LEU A 874 -2.09 -14.89 -8.91
N GLU A 875 -2.73 -15.94 -8.39
CA GLU A 875 -2.74 -16.16 -6.93
C GLU A 875 -1.31 -16.20 -6.36
N ALA A 876 -0.41 -16.87 -7.07
CA ALA A 876 0.98 -17.05 -6.63
C ALA A 876 1.86 -15.80 -6.79
N GLU A 877 1.57 -14.99 -7.80
CA GLU A 877 2.33 -13.75 -8.11
C GLU A 877 1.34 -12.68 -8.56
N PRO A 878 0.62 -12.12 -7.59
CA PRO A 878 -0.51 -11.25 -7.90
C PRO A 878 -0.16 -9.83 -8.31
N GLN A 879 1.03 -9.35 -8.03
CA GLN A 879 1.32 -7.96 -8.34
C GLN A 879 2.75 -7.63 -8.79
N MET A 880 2.85 -6.59 -9.62
CA MET A 880 4.15 -6.03 -9.98
C MET A 880 4.98 -5.87 -8.71
N PHE A 881 6.25 -6.22 -8.78
CA PHE A 881 7.13 -6.09 -7.62
C PHE A 881 8.45 -5.42 -7.98
N CYS A 882 9.23 -4.99 -6.99
CA CYS A 882 10.57 -4.49 -7.26
C CYS A 882 11.52 -5.12 -6.26
N GLU A 883 12.45 -5.92 -6.77
CA GLU A 883 13.43 -6.60 -5.94
C GLU A 883 14.60 -5.65 -5.74
N MET A 884 15.02 -5.49 -4.49
CA MET A 884 16.10 -4.58 -4.20
C MET A 884 16.85 -5.09 -2.99
N SER A 885 18.09 -4.64 -2.88
CA SER A 885 18.97 -5.03 -1.81
C SER A 885 18.55 -4.35 -0.52
N GLU A 886 19.01 -4.92 0.59
CA GLU A 886 18.79 -4.29 1.88
C GLU A 886 19.42 -2.92 1.86
N GLU A 887 20.58 -2.81 1.23
CA GLU A 887 21.34 -1.55 1.25
C GLU A 887 20.53 -0.40 0.61
N LEU A 888 20.03 -0.66 -0.60
CA LEU A 888 19.23 0.31 -1.30
C LEU A 888 17.95 0.65 -0.55
N ALA A 889 17.27 -0.37 -0.05
CA ALA A 889 16.05 -0.17 0.73
C ALA A 889 16.33 0.75 1.90
N THR A 890 17.45 0.52 2.58
CA THR A 890 17.82 1.36 3.71
C THR A 890 18.07 2.81 3.25
N LEU A 891 18.86 2.94 2.20
CA LEU A 891 19.16 4.25 1.64
C LEU A 891 17.88 5.02 1.31
N ARG A 892 16.87 4.34 0.79
CA ARG A 892 15.67 5.05 0.38
C ARG A 892 14.53 5.02 1.39
N GLY A 893 14.77 4.46 2.57
CA GLY A 893 13.74 4.40 3.59
C GLY A 893 12.53 3.55 3.23
N ILE A 894 12.81 2.48 2.52
CA ILE A 894 11.78 1.56 2.07
C ILE A 894 11.75 0.32 2.96
N LYS A 895 10.54 -0.15 3.29
N LYS A 895 10.53 -0.14 3.27
CA LYS A 895 10.36 -1.35 4.08
CA LYS A 895 10.31 -1.33 4.09
C LYS A 895 9.73 -2.44 3.22
C LYS A 895 9.73 -2.44 3.22
N ASN A 896 9.98 -3.70 3.58
CA ASN A 896 9.47 -4.81 2.82
C ASN A 896 7.97 -4.74 2.54
N GLY A 897 7.61 -4.87 1.27
CA GLY A 897 6.22 -4.82 0.89
C GLY A 897 5.64 -3.45 0.67
N ASP A 898 6.41 -2.38 0.91
CA ASP A 898 5.94 -1.02 0.65
C ASP A 898 5.62 -0.80 -0.81
N LYS A 899 4.63 0.03 -1.10
CA LYS A 899 4.45 0.40 -2.49
C LYS A 899 5.57 1.41 -2.83
N VAL A 900 6.23 1.21 -3.97
CA VAL A 900 7.29 2.12 -4.40
C VAL A 900 7.00 2.61 -5.83
N ILE A 901 7.56 3.78 -6.18
CA ILE A 901 7.40 4.31 -7.53
C ILE A 901 8.74 4.23 -8.22
N LEU A 902 8.74 3.66 -9.40
CA LEU A 902 9.94 3.61 -10.23
C LEU A 902 9.72 4.63 -11.32
N GLU A 903 10.75 5.40 -11.65
CA GLU A 903 10.59 6.42 -12.66
C GLU A 903 11.86 6.49 -13.49
N SER A 904 11.69 6.68 -14.79
CA SER A 904 12.81 6.90 -15.68
C SER A 904 12.40 8.09 -16.51
N VAL A 905 13.23 8.48 -17.46
CA VAL A 905 12.88 9.63 -18.28
C VAL A 905 11.62 9.34 -19.12
N ARG A 906 11.36 8.07 -19.37
CA ARG A 906 10.22 7.65 -20.22
C ARG A 906 8.87 7.56 -19.52
N GLY A 907 8.85 7.37 -18.22
CA GLY A 907 7.58 7.20 -17.56
C GLY A 907 7.76 6.72 -16.14
N LYS A 908 6.68 6.23 -15.55
CA LYS A 908 6.75 5.82 -14.14
C LYS A 908 5.69 4.79 -13.85
N LEU A 909 5.91 3.95 -12.86
CA LEU A 909 4.96 2.89 -12.51
C LEU A 909 5.11 2.57 -11.02
N TRP A 910 4.13 1.87 -10.47
CA TRP A 910 4.24 1.43 -9.07
C TRP A 910 4.56 -0.05 -9.02
N ALA A 911 5.15 -0.43 -7.89
CA ALA A 911 5.47 -1.83 -7.61
C ALA A 911 5.48 -2.04 -6.10
N LYS A 912 5.41 -3.29 -5.69
CA LYS A 912 5.49 -3.68 -4.30
C LYS A 912 6.96 -4.10 -4.05
N ALA A 913 7.57 -3.50 -3.02
CA ALA A 913 8.97 -3.79 -2.74
C ALA A 913 9.23 -5.19 -2.16
N ILE A 914 10.18 -5.87 -2.78
CA ILE A 914 10.69 -7.12 -2.27
C ILE A 914 12.15 -6.87 -1.87
N ILE A 915 12.36 -6.61 -0.59
CA ILE A 915 13.72 -6.43 -0.11
C ILE A 915 14.36 -7.79 0.06
N THR A 916 15.49 -7.99 -0.58
CA THR A 916 16.07 -9.31 -0.62
C THR A 916 17.59 -9.30 -0.48
N LYS A 917 18.11 -10.32 0.18
CA LYS A 917 19.54 -10.50 0.31
C LYS A 917 20.11 -11.15 -0.96
N ARG A 918 19.22 -11.49 -1.89
CA ARG A 918 19.62 -12.13 -3.14
C ARG A 918 20.21 -11.14 -4.15
N ILE A 919 20.13 -9.86 -3.82
CA ILE A 919 20.74 -8.80 -4.63
C ILE A 919 21.62 -7.96 -3.72
N LYS A 920 22.83 -7.65 -4.16
CA LYS A 920 23.71 -6.80 -3.39
C LYS A 920 24.27 -5.77 -4.36
N PRO A 921 24.68 -4.61 -3.86
CA PRO A 921 25.21 -3.57 -4.74
C PRO A 921 26.51 -4.06 -5.32
N PHE A 922 26.92 -3.53 -6.45
CA PHE A 922 28.21 -3.93 -7.01
C PHE A 922 29.20 -2.81 -6.68
N ALA A 923 30.43 -3.17 -6.31
CA ALA A 923 31.40 -2.13 -6.01
C ALA A 923 32.45 -2.11 -7.11
N ILE A 924 32.53 -0.97 -7.80
CA ILE A 924 33.42 -0.82 -8.94
C ILE A 924 34.13 0.53 -8.93
N GLN A 925 35.42 0.53 -8.63
CA GLN A 925 36.19 1.77 -8.71
C GLN A 925 35.77 2.83 -7.69
N GLY A 926 35.55 2.40 -6.47
CA GLY A 926 35.24 3.35 -5.42
C GLY A 926 33.78 3.69 -5.44
N GLN A 927 33.05 3.05 -6.34
CA GLN A 927 31.63 3.32 -6.53
C GLN A 927 30.72 2.16 -6.19
N GLN A 928 29.65 2.46 -5.45
CA GLN A 928 28.61 1.51 -5.11
C GLN A 928 27.49 1.60 -6.12
N VAL A 929 27.44 0.66 -7.06
CA VAL A 929 26.43 0.67 -8.10
C VAL A 929 25.22 -0.15 -7.66
N HIS A 930 24.06 0.49 -7.61
CA HIS A 930 22.82 -0.23 -7.26
C HIS A 930 21.96 -0.66 -8.43
N MET A 931 21.59 -1.94 -8.46
CA MET A 931 20.72 -2.48 -9.46
C MET A 931 19.46 -3.01 -8.79
N VAL A 932 18.30 -2.67 -9.32
CA VAL A 932 17.06 -3.21 -8.81
C VAL A 932 16.44 -4.01 -9.96
N GLY A 933 15.41 -4.78 -9.66
CA GLY A 933 14.80 -5.64 -10.67
C GLY A 933 13.29 -5.65 -10.62
N ILE A 934 12.67 -5.75 -11.78
CA ILE A 934 11.19 -5.82 -11.86
C ILE A 934 10.82 -6.86 -12.89
N PRO A 935 9.64 -7.47 -12.75
CA PRO A 935 9.14 -8.40 -13.77
C PRO A 935 8.42 -7.58 -14.84
N TRP A 936 8.35 -8.08 -16.06
CA TRP A 936 7.65 -7.38 -17.12
C TRP A 936 6.34 -8.12 -17.44
N HIS A 937 5.79 -8.81 -16.45
CA HIS A 937 4.58 -9.59 -16.65
C HIS A 937 3.25 -8.89 -16.32
N TYR A 938 3.23 -7.58 -16.11
CA TYR A 938 1.97 -6.96 -15.74
C TYR A 938 1.48 -5.93 -16.74
N GLY A 939 0.18 -5.64 -16.70
CA GLY A 939 -0.42 -4.69 -17.62
C GLY A 939 -1.74 -4.20 -17.11
N TRP A 940 -2.08 -2.97 -17.47
CA TRP A 940 -3.26 -2.31 -16.93
C TRP A 940 -4.60 -3.01 -17.17
N SER A 941 -4.68 -3.92 -18.15
CA SER A 941 -5.99 -4.47 -18.50
C SER A 941 -6.58 -5.43 -17.49
N PHE A 942 -5.74 -6.04 -16.66
CA PHE A 942 -6.19 -7.02 -15.66
C PHE A 942 -4.99 -7.53 -14.88
N PRO A 943 -5.11 -7.74 -13.58
CA PRO A 943 -6.32 -7.43 -12.81
C PRO A 943 -6.29 -5.96 -12.42
N LYS A 944 -7.26 -5.50 -11.65
CA LYS A 944 -7.35 -4.08 -11.29
C LYS A 944 -6.12 -3.53 -10.56
N ASN A 945 -5.53 -4.34 -9.68
CA ASN A 945 -4.44 -3.81 -8.90
C ASN A 945 -3.16 -4.61 -9.15
N GLY A 946 -2.97 -5.05 -10.39
CA GLY A 946 -1.81 -5.87 -10.72
C GLY A 946 -0.62 -5.01 -11.07
N GLY A 947 -0.89 -3.85 -11.66
CA GLY A 947 0.21 -2.99 -12.08
C GLY A 947 0.23 -2.93 -13.59
N ASP A 948 1.25 -2.27 -14.15
CA ASP A 948 1.32 -2.10 -15.60
C ASP A 948 2.69 -2.58 -16.10
N ALA A 949 2.98 -2.30 -17.36
CA ALA A 949 4.15 -2.85 -18.03
C ALA A 949 5.48 -2.25 -17.60
N ALA A 950 6.46 -3.10 -17.32
CA ALA A 950 7.79 -2.63 -16.97
C ALA A 950 8.32 -1.75 -18.11
N ASN A 951 7.92 -2.04 -19.34
CA ASN A 951 8.39 -1.29 -20.51
C ASN A 951 7.97 0.16 -20.56
N ILE A 952 7.14 0.59 -19.62
CA ILE A 952 6.84 2.00 -19.46
C ILE A 952 8.13 2.78 -19.17
N LEU A 953 9.09 2.11 -18.54
CA LEU A 953 10.36 2.70 -18.16
C LEU A 953 11.49 2.58 -19.19
N THR A 954 11.39 1.61 -20.11
CA THR A 954 12.52 1.30 -20.98
C THR A 954 12.67 2.15 -22.23
N PRO A 955 13.92 2.31 -22.66
CA PRO A 955 14.23 2.94 -23.94
C PRO A 955 14.52 1.77 -24.90
N SER A 956 14.73 2.06 -26.18
CA SER A 956 15.08 1.00 -27.15
C SER A 956 16.56 0.57 -27.07
N VAL A 957 16.96 -0.36 -27.94
CA VAL A 957 18.36 -0.79 -27.93
C VAL A 957 19.22 0.28 -28.57
N GLY A 958 18.58 1.18 -29.33
CA GLY A 958 19.35 2.22 -29.99
C GLY A 958 18.77 3.62 -30.06
N ASN A 959 19.02 4.28 -31.20
CA ASN A 959 18.52 5.64 -31.44
C ASN A 959 17.00 5.68 -31.63
N PRO A 960 16.41 4.53 -31.96
CA PRO A 960 14.95 4.42 -32.03
C PRO A 960 14.37 4.91 -30.72
N ASN A 961 13.16 5.43 -30.73
CA ASN A 961 12.52 5.82 -29.48
C ASN A 961 11.64 4.66 -28.96
N THR A 962 11.15 3.84 -29.89
CA THR A 962 10.40 2.62 -29.54
C THR A 962 11.09 1.43 -30.20
N GLY A 963 10.52 0.23 -30.08
CA GLY A 963 11.13 -0.93 -30.73
C GLY A 963 11.67 -2.02 -29.84
N ILE A 964 12.91 -2.45 -30.09
CA ILE A 964 13.50 -3.54 -29.30
C ILE A 964 13.93 -2.98 -27.96
N PRO A 965 13.44 -3.56 -26.86
CA PRO A 965 13.79 -3.03 -25.54
C PRO A 965 15.22 -3.39 -25.09
N GLU A 966 15.99 -2.45 -24.55
CA GLU A 966 17.20 -2.88 -23.83
C GLU A 966 16.61 -3.22 -22.48
N THR A 967 16.32 -4.51 -22.33
CA THR A 967 15.55 -5.00 -21.20
C THR A 967 16.37 -5.29 -19.96
N LYS A 968 17.67 -5.46 -20.10
CA LYS A 968 18.49 -5.89 -18.96
C LYS A 968 19.05 -4.80 -18.07
N ALA A 969 19.14 -3.59 -18.61
CA ALA A 969 19.75 -2.48 -17.89
C ALA A 969 19.27 -1.12 -18.40
N PHE A 970 18.73 -0.31 -17.50
CA PHE A 970 18.30 1.05 -17.83
C PHE A 970 18.21 1.83 -16.51
N MET A 971 18.30 3.15 -16.59
CA MET A 971 18.39 3.97 -15.41
C MET A 971 17.05 4.43 -14.88
N VAL A 972 16.90 4.38 -13.56
CA VAL A 972 15.70 4.83 -12.89
C VAL A 972 16.00 5.35 -11.52
N ASN A 973 14.94 5.88 -10.91
CA ASN A 973 14.96 6.17 -9.49
C ASN A 973 13.91 5.23 -8.85
N VAL A 974 14.09 4.96 -7.57
CA VAL A 974 13.10 4.18 -6.84
C VAL A 974 12.76 5.00 -5.61
N THR A 975 11.48 5.20 -5.34
CA THR A 975 11.09 6.03 -4.23
C THR A 975 9.88 5.40 -3.54
N LYS A 976 9.83 5.50 -2.21
CA LYS A 976 8.67 5.03 -1.49
C LYS A 976 7.45 5.83 -1.91
N ALA A 977 6.37 5.14 -2.23
CA ALA A 977 5.15 5.83 -2.64
C ALA A 977 4.44 6.51 -1.48
N SER B 1 0.06 -49.72 3.44
CA SER B 1 -0.20 -48.27 3.69
C SER B 1 0.86 -47.44 2.99
N LYS B 2 0.48 -46.20 2.67
CA LYS B 2 1.28 -45.33 1.85
C LYS B 2 2.05 -44.26 2.60
N GLY B 3 3.01 -43.67 1.87
CA GLY B 3 3.82 -42.60 2.40
C GLY B 3 4.37 -41.75 1.28
N PHE B 4 5.06 -40.68 1.69
CA PHE B 4 5.69 -39.74 0.79
C PHE B 4 7.07 -39.47 1.36
N PHE B 5 8.01 -39.21 0.48
CA PHE B 5 9.29 -38.68 0.90
C PHE B 5 9.43 -37.36 0.13
N VAL B 6 9.54 -36.26 0.86
CA VAL B 6 9.73 -34.96 0.22
C VAL B 6 11.17 -34.48 0.46
N ASP B 7 11.97 -34.46 -0.60
CA ASP B 7 13.35 -34.05 -0.46
C ASP B 7 13.44 -32.58 -0.82
N THR B 8 13.38 -31.69 0.18
CA THR B 8 13.43 -30.25 -0.09
C THR B 8 14.73 -29.82 -0.76
N THR B 9 15.77 -30.63 -0.66
CA THR B 9 17.03 -30.23 -1.28
C THR B 9 16.93 -30.29 -2.81
N ARG B 10 15.89 -30.93 -3.33
CA ARG B 10 15.71 -31.00 -4.78
C ARG B 10 14.61 -30.08 -5.32
N CYS B 11 13.91 -29.38 -4.44
CA CYS B 11 12.78 -28.52 -4.88
C CYS B 11 13.27 -27.20 -5.47
N THR B 12 12.75 -26.82 -6.61
CA THR B 12 13.12 -25.56 -7.22
C THR B 12 12.04 -24.51 -7.02
N ALA B 13 11.01 -24.86 -6.25
CA ALA B 13 9.89 -23.96 -6.03
C ALA B 13 9.23 -23.58 -7.37
N CYS B 14 9.18 -24.56 -8.29
CA CYS B 14 8.55 -24.34 -9.59
C CYS B 14 7.04 -24.14 -9.42
N ARG B 15 6.54 -24.48 -8.23
CA ARG B 15 5.11 -24.39 -7.91
C ARG B 15 4.16 -25.27 -8.77
N GLY B 16 4.74 -26.21 -9.48
CA GLY B 16 3.94 -27.20 -10.19
C GLY B 16 2.98 -27.97 -9.25
N CYS B 17 3.49 -28.42 -8.09
CA CYS B 17 2.68 -29.17 -7.13
C CYS B 17 1.51 -28.32 -6.58
N GLN B 18 1.79 -27.07 -6.26
CA GLN B 18 0.77 -26.17 -5.69
C GLN B 18 -0.39 -26.03 -6.66
N VAL B 19 -0.07 -25.74 -7.92
CA VAL B 19 -1.08 -25.63 -8.97
C VAL B 19 -1.74 -26.98 -9.27
N ALA B 20 -0.93 -28.02 -9.36
CA ALA B 20 -1.46 -29.33 -9.73
C ALA B 20 -2.51 -29.82 -8.74
N CYS B 21 -2.27 -29.58 -7.45
CA CYS B 21 -3.21 -29.99 -6.40
C CYS B 21 -4.54 -29.27 -6.68
N LYS B 22 -4.47 -27.97 -6.96
CA LYS B 22 -5.70 -27.23 -7.21
C LYS B 22 -6.41 -27.72 -8.48
N GLN B 23 -5.65 -28.00 -9.53
CA GLN B 23 -6.22 -28.46 -10.79
C GLN B 23 -6.94 -29.79 -10.61
N TRP B 24 -6.32 -30.73 -9.90
CA TRP B 24 -6.96 -32.03 -9.70
C TRP B 24 -8.21 -31.91 -8.86
N HIS B 25 -8.15 -31.15 -7.78
CA HIS B 25 -9.30 -31.10 -6.87
C HIS B 25 -10.34 -30.05 -7.24
N GLY B 26 -10.06 -29.20 -8.24
CA GLY B 26 -10.98 -28.12 -8.53
C GLY B 26 -11.00 -27.01 -7.50
N ASN B 27 -9.86 -26.75 -6.85
CA ASN B 27 -9.85 -25.73 -5.82
C ASN B 27 -9.67 -24.38 -6.46
N PRO B 28 -10.44 -23.39 -6.03
CA PRO B 28 -10.32 -22.04 -6.59
C PRO B 28 -9.06 -21.34 -6.09
N ALA B 29 -8.66 -20.29 -6.80
CA ALA B 29 -7.61 -19.40 -6.33
C ALA B 29 -8.24 -18.64 -5.19
N THR B 30 -7.42 -18.11 -4.27
CA THR B 30 -7.91 -17.29 -3.16
C THR B 30 -7.20 -15.92 -3.22
N PRO B 31 -7.76 -14.92 -2.55
CA PRO B 31 -7.23 -13.54 -2.63
C PRO B 31 -5.83 -13.40 -2.07
N THR B 32 -4.95 -12.78 -2.84
CA THR B 32 -3.60 -12.52 -2.38
C THR B 32 -3.11 -11.17 -2.88
N GLU B 33 -2.06 -10.69 -2.23
CA GLU B 33 -1.38 -9.49 -2.64
C GLU B 33 0.11 -9.73 -2.39
N ASN B 34 0.96 -8.95 -3.04
CA ASN B 34 2.38 -9.13 -2.79
C ASN B 34 2.81 -8.22 -1.64
N THR B 35 3.20 -8.84 -0.54
CA THR B 35 3.63 -8.10 0.65
C THR B 35 5.13 -8.15 0.90
N GLY B 36 5.89 -8.46 -0.14
CA GLY B 36 7.34 -8.50 -0.06
C GLY B 36 7.95 -9.90 -0.18
N PHE B 37 7.15 -10.85 -0.64
CA PHE B 37 7.60 -12.23 -0.83
C PHE B 37 7.03 -12.89 -2.05
N HIS B 38 7.74 -13.89 -2.55
CA HIS B 38 7.23 -14.62 -3.70
C HIS B 38 6.25 -15.69 -3.29
N GLN B 39 6.35 -16.17 -2.05
CA GLN B 39 5.40 -17.19 -1.58
C GLN B 39 3.98 -16.59 -1.54
N ASN B 40 3.00 -17.36 -2.01
CA ASN B 40 1.60 -16.93 -1.99
C ASN B 40 0.71 -18.11 -2.42
N PRO B 41 -0.39 -18.37 -1.72
CA PRO B 41 -0.84 -17.62 -0.53
C PRO B 41 0.12 -17.76 0.68
N PRO B 42 -0.09 -16.91 1.67
CA PRO B 42 0.78 -16.86 2.85
C PRO B 42 0.72 -18.10 3.70
N ASP B 43 -0.39 -18.81 3.63
CA ASP B 43 -0.61 -19.93 4.52
C ASP B 43 -1.68 -20.83 3.94
N PHE B 44 -1.80 -22.03 4.49
CA PHE B 44 -2.89 -22.91 4.12
C PHE B 44 -4.22 -22.23 4.32
N ASN B 45 -5.19 -22.53 3.45
CA ASN B 45 -6.58 -22.10 3.66
C ASN B 45 -7.49 -23.24 3.21
N PHE B 46 -8.81 -23.08 3.40
CA PHE B 46 -9.78 -24.12 3.02
C PHE B 46 -9.60 -24.59 1.57
N HIS B 47 -9.08 -23.73 0.70
CA HIS B 47 -8.99 -24.09 -0.72
C HIS B 47 -7.59 -24.39 -1.20
N THR B 48 -6.64 -24.47 -0.27
CA THR B 48 -5.24 -24.59 -0.63
C THR B 48 -4.58 -25.63 0.26
N TYR B 49 -4.38 -26.82 -0.27
CA TYR B 49 -3.88 -27.93 0.51
C TYR B 49 -2.39 -28.11 0.37
N LYS B 50 -1.82 -27.54 -0.69
CA LYS B 50 -0.40 -27.72 -1.00
C LYS B 50 0.11 -26.31 -1.15
N LEU B 51 1.09 -25.98 -0.33
CA LEU B 51 1.61 -24.63 -0.32
C LEU B 51 3.14 -24.60 -0.34
N VAL B 52 3.71 -24.04 -1.39
CA VAL B 52 5.17 -23.96 -1.43
C VAL B 52 5.65 -22.76 -0.62
N ARG B 53 6.23 -23.07 0.54
CA ARG B 53 6.72 -22.04 1.41
C ARG B 53 8.13 -21.69 0.98
N MET B 54 8.50 -20.43 1.10
CA MET B 54 9.79 -19.99 0.58
C MET B 54 10.40 -19.01 1.57
N HIS B 55 11.62 -19.30 2.03
CA HIS B 55 12.28 -18.45 3.02
C HIS B 55 13.76 -18.21 2.75
N GLU B 56 14.10 -16.95 2.62
CA GLU B 56 15.49 -16.58 2.45
C GLU B 56 16.19 -16.83 3.76
N GLN B 57 17.40 -17.39 3.71
CA GLN B 57 18.18 -17.65 4.92
C GLN B 57 19.65 -17.52 4.62
N GLU B 58 20.33 -16.75 5.44
CA GLU B 58 21.76 -16.61 5.31
C GLU B 58 22.36 -17.75 6.10
N ILE B 59 23.09 -18.60 5.42
CA ILE B 59 23.69 -19.73 6.08
C ILE B 59 25.19 -19.70 5.88
N ASP B 60 25.93 -19.67 7.00
CA ASP B 60 27.39 -19.62 6.97
C ASP B 60 27.85 -18.45 6.12
N GLY B 61 27.22 -17.30 6.34
CA GLY B 61 27.59 -16.09 5.64
C GLY B 61 27.15 -16.00 4.20
N ARG B 62 26.48 -17.02 3.67
CA ARG B 62 26.04 -16.99 2.28
C ARG B 62 24.53 -17.11 2.19
N ILE B 63 23.92 -16.33 1.31
CA ILE B 63 22.49 -16.43 1.12
C ILE B 63 22.06 -17.75 0.52
N ASP B 64 20.92 -18.21 0.98
CA ASP B 64 20.29 -19.40 0.47
C ASP B 64 18.80 -19.10 0.46
N TRP B 65 18.04 -19.93 -0.24
CA TRP B 65 16.61 -19.77 -0.33
C TRP B 65 16.01 -21.14 -0.14
N LEU B 66 15.31 -21.31 0.97
CA LEU B 66 14.81 -22.60 1.40
C LEU B 66 13.35 -22.77 1.10
N PHE B 67 13.04 -23.92 0.50
CA PHE B 67 11.71 -24.21 0.04
C PHE B 67 11.11 -25.41 0.79
N PHE B 68 9.81 -25.34 1.05
CA PHE B 68 9.07 -26.37 1.79
C PHE B 68 7.67 -26.49 1.21
N PRO B 69 7.41 -27.53 0.42
CA PRO B 69 6.09 -27.72 -0.22
C PRO B 69 5.15 -28.41 0.77
N ASP B 70 4.55 -27.57 1.61
CA ASP B 70 3.78 -28.00 2.77
C ASP B 70 2.43 -28.61 2.40
N GLN B 71 2.02 -29.60 3.19
CA GLN B 71 0.75 -30.27 3.06
C GLN B 71 0.58 -31.10 4.34
N CYS B 72 -0.62 -31.63 4.55
CA CYS B 72 -0.91 -32.50 5.69
C CYS B 72 0.14 -33.63 5.76
N ARG B 73 0.53 -34.02 6.96
CA ARG B 73 1.55 -35.07 7.12
C ARG B 73 0.98 -36.48 7.12
N HIS B 74 -0.34 -36.58 7.13
CA HIS B 74 -1.03 -37.86 7.25
C HIS B 74 -0.45 -38.67 8.40
N CYS B 75 -0.48 -38.04 9.57
CA CYS B 75 -0.01 -38.61 10.83
C CYS B 75 -0.46 -40.06 11.00
N ILE B 76 0.47 -40.90 11.44
CA ILE B 76 0.17 -42.30 11.64
C ILE B 76 -0.95 -42.46 12.68
N ALA B 77 -0.88 -41.64 13.72
CA ALA B 77 -1.88 -41.63 14.78
C ALA B 77 -2.39 -40.20 14.84
N PRO B 78 -3.32 -39.88 13.97
CA PRO B 78 -3.74 -38.48 13.76
C PRO B 78 -4.48 -37.81 14.91
N PRO B 79 -3.86 -36.81 15.52
CA PRO B 79 -4.51 -36.10 16.63
C PRO B 79 -5.74 -35.30 16.18
N CYS B 80 -5.79 -34.83 14.94
CA CYS B 80 -6.99 -34.11 14.48
C CYS B 80 -8.19 -35.01 14.61
N LYS B 81 -8.07 -36.23 14.08
CA LYS B 81 -9.17 -37.21 14.20
C LYS B 81 -9.45 -37.62 15.64
N ALA B 82 -8.39 -37.83 16.41
CA ALA B 82 -8.57 -38.25 17.78
C ALA B 82 -9.49 -37.28 18.53
N THR B 83 -9.34 -36.00 18.24
CA THR B 83 -10.12 -34.93 18.85
C THR B 83 -11.54 -34.91 18.29
N ALA B 84 -11.62 -34.94 16.98
CA ALA B 84 -12.91 -34.92 16.30
C ALA B 84 -13.77 -36.11 16.68
N ASP B 85 -13.13 -37.27 16.88
CA ASP B 85 -13.81 -38.52 17.28
C ASP B 85 -14.61 -38.40 18.60
N MET B 86 -14.21 -37.46 19.45
CA MET B 86 -14.96 -37.25 20.70
C MET B 86 -16.35 -36.70 20.42
N GLU B 87 -16.53 -36.16 19.23
CA GLU B 87 -17.80 -35.60 18.81
C GLU B 87 -18.51 -36.48 17.76
N ASP B 88 -17.76 -36.89 16.75
CA ASP B 88 -18.31 -37.61 15.60
C ASP B 88 -17.18 -38.38 14.91
N GLU B 89 -17.22 -39.70 15.00
CA GLU B 89 -16.15 -40.52 14.42
C GLU B 89 -16.21 -40.57 12.90
N SER B 90 -17.29 -40.05 12.31
CA SER B 90 -17.41 -40.06 10.85
C SER B 90 -16.97 -38.75 10.21
N ALA B 91 -16.60 -37.76 11.01
CA ALA B 91 -16.17 -36.47 10.50
C ALA B 91 -14.85 -36.55 9.72
N ILE B 92 -13.86 -37.21 10.33
CA ILE B 92 -12.55 -37.41 9.70
C ILE B 92 -12.35 -38.91 9.57
N ILE B 93 -12.24 -39.39 8.34
CA ILE B 93 -12.00 -40.81 8.07
C ILE B 93 -10.50 -41.12 8.10
N HIS B 94 -10.16 -42.23 8.74
CA HIS B 94 -8.78 -42.74 8.72
C HIS B 94 -8.79 -44.02 7.86
N ASP B 95 -8.27 -43.92 6.65
CA ASP B 95 -8.38 -45.01 5.69
C ASP B 95 -7.32 -46.07 5.90
N ASP B 96 -7.76 -47.27 6.26
CA ASP B 96 -6.83 -48.34 6.56
C ASP B 96 -5.89 -48.74 5.41
N ALA B 97 -6.42 -48.82 4.20
CA ALA B 97 -5.63 -49.27 3.07
C ALA B 97 -4.50 -48.32 2.66
N THR B 98 -4.72 -47.01 2.83
CA THR B 98 -3.74 -46.06 2.39
C THR B 98 -3.07 -45.31 3.51
N GLY B 99 -3.73 -45.24 4.66
CA GLY B 99 -3.21 -44.42 5.74
C GLY B 99 -3.72 -43.00 5.58
N CYS B 100 -4.55 -42.74 4.57
CA CYS B 100 -5.04 -41.40 4.37
C CYS B 100 -5.91 -40.92 5.52
N VAL B 101 -5.71 -39.66 5.91
CA VAL B 101 -6.52 -39.01 6.92
C VAL B 101 -7.41 -38.09 6.12
N LEU B 102 -8.68 -38.42 6.07
CA LEU B 102 -9.58 -37.75 5.18
C LEU B 102 -10.61 -36.87 5.88
N PHE B 103 -10.46 -35.55 5.74
CA PHE B 103 -11.49 -34.67 6.28
C PHE B 103 -12.65 -34.76 5.31
N THR B 104 -13.83 -34.99 5.83
CA THR B 104 -15.03 -35.04 5.01
C THR B 104 -15.88 -33.81 5.25
N PRO B 105 -16.86 -33.58 4.41
CA PRO B 105 -17.82 -32.49 4.64
C PRO B 105 -18.56 -32.65 5.98
N LYS B 106 -18.62 -33.87 6.52
CA LYS B 106 -19.24 -34.07 7.81
C LYS B 106 -18.62 -33.19 8.87
N THR B 107 -17.44 -32.64 8.61
CA THR B 107 -16.84 -31.71 9.56
C THR B 107 -17.73 -30.50 9.80
N LYS B 108 -18.60 -30.19 8.85
CA LYS B 108 -19.52 -29.06 8.99
C LYS B 108 -20.38 -29.14 10.27
N ASP B 109 -20.67 -30.37 10.70
CA ASP B 109 -21.52 -30.59 11.88
C ASP B 109 -20.77 -30.65 13.18
N LEU B 110 -19.45 -30.51 13.16
CA LEU B 110 -18.70 -30.47 14.39
C LEU B 110 -19.05 -29.19 15.16
N GLU B 111 -19.37 -29.32 16.43
CA GLU B 111 -19.60 -28.11 17.21
C GLU B 111 -18.26 -27.46 17.59
N ASP B 112 -17.23 -28.29 17.81
CA ASP B 112 -15.94 -27.76 18.25
C ASP B 112 -14.83 -27.91 17.22
N TYR B 113 -14.84 -27.07 16.21
CA TYR B 113 -13.79 -27.20 15.22
C TYR B 113 -12.43 -26.65 15.70
N GLU B 114 -12.44 -25.67 16.60
CA GLU B 114 -11.19 -25.05 16.98
C GLU B 114 -10.23 -26.04 17.59
N SER B 115 -10.77 -26.97 18.37
CA SER B 115 -9.97 -27.95 19.07
C SER B 115 -9.33 -28.89 18.07
N VAL B 116 -10.05 -29.17 16.98
CA VAL B 116 -9.55 -30.04 15.91
C VAL B 116 -8.32 -29.36 15.28
N ILE B 117 -8.45 -28.07 14.95
CA ILE B 117 -7.34 -27.35 14.32
C ILE B 117 -6.16 -27.22 15.28
N SER B 118 -6.42 -26.89 16.55
CA SER B 118 -5.30 -26.76 17.50
C SER B 118 -4.62 -28.09 17.79
N ALA B 119 -5.31 -29.23 17.63
CA ALA B 119 -4.68 -30.54 17.86
C ALA B 119 -3.61 -30.85 16.82
N CYS B 120 -3.69 -30.23 15.66
CA CYS B 120 -2.67 -30.46 14.64
C CYS B 120 -1.34 -29.79 14.98
N PRO B 121 -0.31 -30.59 15.20
CA PRO B 121 1.00 -30.06 15.57
C PRO B 121 1.59 -29.25 14.43
N TYR B 122 1.08 -29.47 13.23
CA TYR B 122 1.62 -28.84 12.04
C TYR B 122 0.79 -27.67 11.53
N ASP B 123 -0.29 -27.38 12.23
CA ASP B 123 -1.19 -26.28 11.91
C ASP B 123 -1.70 -26.35 10.47
N VAL B 124 -2.14 -27.53 10.07
CA VAL B 124 -2.59 -27.77 8.70
C VAL B 124 -4.07 -27.55 8.33
N PRO B 125 -5.04 -28.06 9.10
CA PRO B 125 -6.47 -28.00 8.70
C PRO B 125 -7.04 -26.59 8.63
N ARG B 126 -7.96 -26.36 7.71
CA ARG B 126 -8.53 -25.01 7.57
C ARG B 126 -10.05 -25.03 7.36
N LYS B 127 -10.72 -24.03 7.94
CA LYS B 127 -12.16 -23.93 7.90
C LYS B 127 -12.61 -22.96 6.81
N VAL B 128 -13.69 -23.31 6.09
CA VAL B 128 -14.26 -22.40 5.12
C VAL B 128 -14.97 -21.28 5.91
N ALA B 129 -15.07 -20.09 5.33
CA ALA B 129 -15.64 -18.98 6.07
C ALA B 129 -17.07 -19.19 6.57
N GLU B 130 -17.93 -19.69 5.71
CA GLU B 130 -19.36 -19.67 6.02
C GLU B 130 -19.90 -20.76 6.97
N SER B 131 -19.07 -21.70 7.40
CA SER B 131 -19.51 -22.78 8.26
C SER B 131 -18.33 -23.41 8.95
N ASN B 132 -18.56 -24.51 9.66
CA ASN B 132 -17.50 -25.22 10.35
C ASN B 132 -16.80 -26.24 9.48
N GLN B 133 -17.19 -26.34 8.22
CA GLN B 133 -16.55 -27.31 7.35
C GLN B 133 -15.08 -27.04 7.21
N MET B 134 -14.29 -28.11 7.26
CA MET B 134 -12.85 -28.02 7.14
C MET B 134 -12.30 -28.93 6.03
N ALA B 135 -11.18 -28.54 5.42
CA ALA B 135 -10.57 -29.36 4.38
C ALA B 135 -9.06 -29.22 4.43
N LYS B 136 -8.37 -30.12 3.73
CA LYS B 136 -6.91 -30.19 3.69
C LYS B 136 -6.60 -31.27 2.66
N CYS B 137 -5.30 -31.53 2.44
CA CYS B 137 -4.83 -32.59 1.55
C CYS B 137 -5.58 -33.90 1.79
N ASP B 138 -6.08 -34.51 0.72
CA ASP B 138 -6.74 -35.80 0.85
C ASP B 138 -5.90 -36.96 0.29
N MET B 139 -4.59 -36.73 0.25
CA MET B 139 -3.65 -37.70 -0.30
C MET B 139 -4.04 -38.11 -1.72
N CYS B 140 -4.82 -37.29 -2.41
CA CYS B 140 -5.34 -37.68 -3.71
C CYS B 140 -5.91 -39.10 -3.62
N ILE B 141 -6.76 -39.33 -2.62
CA ILE B 141 -7.29 -40.66 -2.38
C ILE B 141 -7.89 -41.31 -3.64
N ASP B 142 -8.63 -40.56 -4.44
CA ASP B 142 -9.19 -41.10 -5.66
C ASP B 142 -8.15 -41.56 -6.69
N ARG B 143 -7.09 -40.78 -6.86
CA ARG B 143 -6.03 -41.18 -7.79
C ARG B 143 -5.29 -42.44 -7.29
N ILE B 144 -4.98 -42.48 -5.99
CA ILE B 144 -4.14 -43.55 -5.48
C ILE B 144 -4.83 -44.91 -5.34
N THR B 145 -6.14 -44.89 -5.42
CA THR B 145 -6.90 -46.12 -5.37
C THR B 145 -7.37 -46.44 -6.76
N ASN B 146 -6.90 -45.68 -7.75
CA ASN B 146 -7.27 -45.92 -9.15
C ASN B 146 -6.05 -46.00 -10.07
N GLY B 147 -4.93 -46.50 -9.53
CA GLY B 147 -3.73 -46.72 -10.30
C GLY B 147 -2.87 -45.52 -10.66
N LEU B 148 -3.11 -44.37 -10.03
CA LEU B 148 -2.32 -43.19 -10.30
C LEU B 148 -1.59 -42.74 -9.05
N ARG B 149 -0.62 -41.86 -9.20
CA ARG B 149 0.08 -41.27 -8.05
C ARG B 149 -0.57 -39.93 -7.71
N PRO B 150 -0.29 -39.35 -6.56
CA PRO B 150 -0.82 -38.02 -6.25
C PRO B 150 -0.47 -36.97 -7.29
N ALA B 151 -1.35 -36.00 -7.47
CA ALA B 151 -1.15 -34.93 -8.45
C ALA B 151 0.13 -34.14 -8.23
N CYS B 152 0.46 -33.86 -6.97
CA CYS B 152 1.67 -33.11 -6.70
C CYS B 152 2.91 -33.92 -7.05
N VAL B 153 2.89 -35.20 -6.75
CA VAL B 153 4.02 -36.08 -7.03
C VAL B 153 4.23 -36.23 -8.51
N THR B 154 3.16 -36.51 -9.24
CA THR B 154 3.23 -36.61 -10.69
C THR B 154 3.78 -35.31 -11.31
N SER B 155 3.35 -34.19 -10.77
CA SER B 155 3.74 -32.90 -11.34
C SER B 155 5.21 -32.53 -11.13
N CYS B 156 5.84 -33.08 -10.10
CA CYS B 156 7.13 -32.58 -9.67
C CYS B 156 8.22 -32.94 -10.62
N PRO B 157 8.96 -31.97 -11.14
CA PRO B 157 10.00 -32.28 -12.11
C PRO B 157 11.33 -32.81 -11.54
N THR B 158 11.69 -32.50 -10.31
CA THR B 158 13.04 -32.82 -9.82
C THR B 158 13.16 -34.02 -8.92
N GLY B 159 12.07 -34.73 -8.72
CA GLY B 159 12.13 -35.87 -7.84
C GLY B 159 12.11 -35.43 -6.39
N ALA B 160 11.78 -34.18 -6.13
CA ALA B 160 11.63 -33.73 -4.75
C ALA B 160 10.45 -34.49 -4.10
N MET B 161 9.36 -34.65 -4.84
CA MET B 161 8.19 -35.37 -4.33
C MET B 161 8.30 -36.82 -4.73
N ASN B 162 8.05 -37.72 -3.77
CA ASN B 162 8.04 -39.15 -4.04
C ASN B 162 6.91 -39.77 -3.27
N PHE B 163 6.32 -40.83 -3.80
CA PHE B 163 5.19 -41.50 -3.18
C PHE B 163 5.29 -43.01 -3.35
N GLY B 164 4.85 -43.74 -2.34
CA GLY B 164 4.82 -45.19 -2.44
C GLY B 164 4.37 -45.85 -1.13
N ASP B 165 4.72 -47.12 -0.95
N ASP B 165 4.74 -47.10 -0.98
CA ASP B 165 4.43 -47.78 0.31
CA ASP B 165 4.51 -47.85 0.24
C ASP B 165 5.27 -47.10 1.37
C ASP B 165 5.31 -47.14 1.34
N LEU B 166 4.71 -46.97 2.56
N LEU B 166 4.72 -46.98 2.52
CA LEU B 166 5.37 -46.29 3.65
C LEU B 166 6.80 -46.76 3.93
N SER B 167 6.98 -48.06 4.06
CA SER B 167 8.30 -48.64 4.30
C SER B 167 9.33 -48.16 3.27
N GLU B 168 8.97 -48.20 1.99
CA GLU B 168 9.89 -47.80 0.91
C GLU B 168 10.26 -46.33 1.03
N MET B 169 9.28 -45.51 1.39
CA MET B 169 9.48 -44.08 1.57
C MET B 169 10.35 -43.78 2.81
N GLU B 170 10.09 -44.54 3.88
CA GLU B 170 10.92 -44.43 5.08
C GLU B 170 12.38 -44.76 4.76
N ALA B 171 12.59 -45.83 4.00
CA ALA B 171 13.94 -46.26 3.61
C ALA B 171 14.60 -45.23 2.69
N MET B 172 13.83 -44.71 1.74
CA MET B 172 14.32 -43.69 0.83
C MET B 172 14.78 -42.46 1.62
N ALA B 173 13.92 -42.00 2.52
CA ALA B 173 14.24 -40.83 3.32
C ALA B 173 15.56 -41.00 4.09
N SER B 174 15.70 -42.14 4.76
CA SER B 174 16.91 -42.45 5.53
C SER B 174 18.17 -42.49 4.68
N ALA B 175 18.08 -43.16 3.54
CA ALA B 175 19.20 -43.23 2.64
C ALA B 175 19.60 -41.83 2.14
N ARG B 176 18.61 -41.00 1.84
CA ARG B 176 18.92 -39.68 1.28
C ARG B 176 19.56 -38.81 2.34
N LEU B 177 19.04 -38.90 3.57
CA LEU B 177 19.64 -38.19 4.69
C LEU B 177 21.10 -38.61 4.87
N ALA B 178 21.37 -39.91 4.76
CA ALA B 178 22.73 -40.40 4.92
C ALA B 178 23.67 -39.79 3.89
N GLU B 179 23.16 -39.61 2.67
CA GLU B 179 23.94 -39.09 1.55
C GLU B 179 24.37 -37.63 1.69
C GLU B 179 24.40 -37.65 1.73
N ILE B 180 23.66 -36.87 2.52
N ILE B 180 23.67 -36.87 2.52
CA ILE B 180 24.01 -35.46 2.71
C ILE B 180 24.42 -35.09 4.13
N LYS B 181 24.28 -36.01 5.08
CA LYS B 181 24.63 -35.71 6.47
C LYS B 181 26.01 -35.07 6.67
N ALA B 182 26.99 -35.56 5.91
CA ALA B 182 28.35 -35.07 6.03
C ALA B 182 28.46 -33.59 5.68
N ALA B 183 28.00 -33.26 4.46
CA ALA B 183 28.05 -31.89 3.95
C ALA B 183 27.08 -30.98 4.70
N TYR B 184 25.93 -31.53 5.09
CA TYR B 184 24.91 -30.74 5.77
C TYR B 184 24.72 -31.35 7.13
N SER B 185 25.63 -31.00 8.03
CA SER B 185 25.63 -31.64 9.32
C SER B 185 24.39 -31.32 10.15
N ASP B 186 23.58 -30.37 9.71
CA ASP B 186 22.33 -30.11 10.43
C ASP B 186 21.09 -30.64 9.69
N ALA B 187 21.31 -31.47 8.68
CA ALA B 187 20.19 -32.02 7.94
C ALA B 187 19.44 -33.01 8.82
N LYS B 188 18.14 -33.11 8.63
CA LYS B 188 17.38 -34.15 9.33
C LYS B 188 16.04 -34.43 8.68
N LEU B 189 15.42 -35.53 9.09
CA LEU B 189 14.10 -35.86 8.64
C LEU B 189 13.16 -35.25 9.67
N CYS B 190 11.99 -34.84 9.23
CA CYS B 190 11.04 -34.19 10.11
C CYS B 190 10.06 -35.23 10.68
N ASP B 191 10.16 -35.48 11.99
CA ASP B 191 9.33 -36.45 12.70
C ASP B 191 9.15 -37.76 11.94
N PRO B 192 10.24 -38.39 11.53
CA PRO B 192 10.15 -39.56 10.63
C PRO B 192 9.38 -40.75 11.21
N ASP B 193 9.27 -40.86 12.53
CA ASP B 193 8.54 -41.98 13.12
C ASP B 193 7.03 -41.74 13.28
N ASP B 194 6.60 -40.50 13.12
CA ASP B 194 5.20 -40.16 13.44
C ASP B 194 4.27 -39.82 12.28
N VAL B 195 4.84 -39.57 11.10
CA VAL B 195 4.03 -39.10 9.98
C VAL B 195 4.22 -39.93 8.72
N ARG B 196 3.31 -39.79 7.76
CA ARG B 196 3.46 -40.48 6.49
C ARG B 196 4.11 -39.61 5.41
N VAL B 197 4.00 -38.30 5.55
CA VAL B 197 4.67 -37.39 4.63
C VAL B 197 5.98 -36.98 5.30
N ILE B 198 7.09 -37.57 4.85
CA ILE B 198 8.38 -37.32 5.49
C ILE B 198 9.25 -36.30 4.76
N PHE B 199 9.47 -35.11 5.36
CA PHE B 199 10.35 -34.10 4.76
C PHE B 199 11.81 -34.21 5.22
N LEU B 200 12.73 -34.11 4.26
CA LEU B 200 14.14 -33.99 4.54
C LEU B 200 14.49 -32.53 4.41
N THR B 201 15.17 -31.99 5.41
CA THR B 201 15.68 -30.62 5.35
C THR B 201 17.17 -30.67 5.51
N ALA B 202 17.86 -29.68 4.95
CA ALA B 202 19.31 -29.65 5.02
C ALA B 202 19.81 -28.84 6.21
N HIS B 203 18.91 -28.14 6.88
CA HIS B 203 19.25 -27.31 8.02
C HIS B 203 18.10 -27.36 9.01
N ASN B 204 18.26 -26.67 10.13
CA ASN B 204 17.20 -26.55 11.12
C ASN B 204 15.82 -26.38 10.44
N PRO B 205 14.93 -27.35 10.64
CA PRO B 205 13.56 -27.33 10.11
C PRO B 205 12.81 -26.02 10.23
N LYS B 206 13.03 -25.32 11.33
CA LYS B 206 12.37 -24.06 11.60
C LYS B 206 12.83 -22.93 10.67
N LEU B 207 13.92 -23.15 9.97
CA LEU B 207 14.38 -22.18 8.96
C LEU B 207 13.55 -22.36 7.70
N TYR B 208 12.92 -23.52 7.56
CA TYR B 208 12.03 -23.76 6.42
C TYR B 208 10.60 -23.34 6.74
N HIS B 209 10.15 -23.68 7.93
CA HIS B 209 8.78 -23.37 8.34
C HIS B 209 8.66 -23.57 9.83
N GLU B 210 7.98 -22.64 10.50
CA GLU B 210 7.88 -22.68 11.96
C GLU B 210 7.25 -23.95 12.47
N TYR B 211 6.47 -24.60 11.63
CA TYR B 211 5.78 -25.81 12.00
C TYR B 211 6.24 -27.00 11.20
N ALA B 212 7.45 -26.92 10.69
CA ALA B 212 8.08 -28.04 9.98
C ALA B 212 8.11 -29.33 10.81
N VAL B 213 8.50 -29.23 12.10
CA VAL B 213 8.44 -30.42 12.98
C VAL B 213 7.51 -30.13 14.16
N ALA B 214 7.03 -31.19 14.80
CA ALA B 214 6.10 -31.01 15.91
C ALA B 214 6.80 -30.39 17.11
N ALA C 1 18.57 22.21 -6.50
CA ALA C 1 19.34 21.07 -7.09
C ALA C 1 19.11 19.75 -6.35
N THR C 2 20.13 19.33 -5.59
CA THR C 2 20.09 18.09 -4.83
C THR C 2 19.73 18.38 -3.37
N MET C 3 18.85 19.37 -3.24
CA MET C 3 18.30 19.87 -1.98
C MET C 3 18.23 18.91 -0.80
N ALA C 4 18.78 19.35 0.32
CA ALA C 4 18.72 18.59 1.56
C ALA C 4 17.53 19.11 2.34
N LEU C 5 16.99 18.25 3.20
CA LEU C 5 15.91 18.60 4.10
C LEU C 5 16.55 19.15 5.36
N LYS C 6 15.95 20.16 5.96
CA LYS C 6 16.49 20.68 7.19
C LYS C 6 16.57 19.60 8.30
N THR C 7 15.90 18.45 8.11
CA THR C 7 15.78 17.42 9.17
C THR C 7 16.63 16.16 9.03
N VAL C 8 17.45 16.13 8.00
CA VAL C 8 18.14 14.90 7.65
C VAL C 8 18.86 14.15 8.77
N ASP C 9 19.62 14.85 9.62
CA ASP C 9 20.34 14.15 10.69
C ASP C 9 19.69 14.32 12.06
N ALA C 10 18.44 14.77 12.08
CA ALA C 10 17.81 15.02 13.36
C ALA C 10 17.23 13.76 14.03
N LYS C 11 17.07 13.80 15.35
CA LYS C 11 16.40 12.72 16.03
C LYS C 11 14.91 12.86 15.79
N GLN C 12 14.26 11.80 15.30
CA GLN C 12 12.83 11.83 15.10
C GLN C 12 12.09 11.08 16.20
N THR C 13 11.11 11.73 16.82
CA THR C 13 10.29 11.08 17.84
C THR C 13 8.83 11.40 17.59
N THR C 14 7.93 10.72 18.30
CA THR C 14 6.51 11.02 18.12
C THR C 14 5.96 11.75 19.34
N SER C 15 4.85 12.43 19.11
CA SER C 15 4.11 13.07 20.20
C SER C 15 2.66 13.16 19.74
N VAL C 16 1.84 13.80 20.57
CA VAL C 16 0.41 13.97 20.33
C VAL C 16 0.14 15.39 20.74
N CYS C 17 -0.62 16.12 19.91
CA CYS C 17 -0.94 17.53 20.13
C CYS C 17 -1.40 17.84 21.54
N CYS C 18 -0.98 18.99 22.07
CA CYS C 18 -1.26 19.35 23.45
C CYS C 18 -2.44 20.32 23.55
N TYR C 19 -3.10 20.54 22.43
CA TYR C 19 -4.25 21.45 22.45
C TYR C 19 -5.58 20.73 22.69
N CYS C 20 -6.40 20.52 21.66
CA CYS C 20 -7.72 19.91 21.90
C CYS C 20 -7.74 18.38 22.02
N SER C 21 -8.90 17.83 22.35
CA SER C 21 -9.07 16.41 22.61
C SER C 21 -9.16 15.50 21.40
N VAL C 22 -8.93 16.01 20.19
CA VAL C 22 -8.91 15.13 19.02
C VAL C 22 -7.76 14.10 19.13
N GLY C 23 -6.59 14.49 19.65
CA GLY C 23 -5.50 13.53 19.81
C GLY C 23 -4.65 13.32 18.56
N CYS C 24 -4.52 14.36 17.72
CA CYS C 24 -3.68 14.23 16.49
C CYS C 24 -2.23 13.88 16.80
N GLY C 25 -1.65 13.00 16.00
CA GLY C 25 -0.29 12.57 16.15
C GLY C 25 0.69 13.57 15.52
N LEU C 26 1.84 13.68 16.15
CA LEU C 26 2.90 14.58 15.73
C LEU C 26 4.18 13.80 15.49
N ILE C 27 5.02 14.32 14.59
CA ILE C 27 6.39 13.84 14.46
C ILE C 27 7.28 15.02 14.80
N VAL C 28 8.27 14.76 15.64
CA VAL C 28 9.17 15.80 16.09
C VAL C 28 10.59 15.49 15.68
N HIS C 29 11.29 16.49 15.14
CA HIS C 29 12.71 16.38 14.77
C HIS C 29 13.54 17.32 15.66
N THR C 30 14.55 16.75 16.33
CA THR C 30 15.32 17.44 17.32
C THR C 30 16.80 17.39 16.91
N ASP C 31 17.44 18.54 16.95
CA ASP C 31 18.85 18.64 16.62
C ASP C 31 19.63 17.93 17.74
N LYS C 32 20.51 17.01 17.34
CA LYS C 32 21.24 16.21 18.31
C LYS C 32 22.29 17.03 19.08
N LYS C 33 22.77 18.12 18.48
CA LYS C 33 23.74 18.96 19.15
C LYS C 33 23.09 19.96 20.10
N THR C 34 22.00 20.61 19.66
CA THR C 34 21.34 21.61 20.51
C THR C 34 20.27 21.06 21.43
N ASN C 35 19.75 19.90 21.11
CA ASN C 35 18.64 19.34 21.87
C ASN C 35 17.40 20.22 21.75
N ARG C 36 17.32 21.01 20.69
CA ARG C 36 16.12 21.80 20.43
C ARG C 36 15.39 21.23 19.23
N ALA C 37 14.07 21.47 19.18
CA ALA C 37 13.26 21.05 18.05
C ALA C 37 13.69 21.87 16.84
N ILE C 38 13.78 21.23 15.68
CA ILE C 38 14.02 21.99 14.46
C ILE C 38 12.81 21.84 13.54
N ASN C 39 11.87 20.96 13.90
CA ASN C 39 10.65 20.77 13.12
C ASN C 39 9.60 20.00 13.90
N VAL C 40 8.35 20.42 13.76
CA VAL C 40 7.24 19.69 14.34
C VAL C 40 6.13 19.77 13.34
N GLU C 41 5.63 18.61 12.92
CA GLU C 41 4.51 18.53 11.98
C GLU C 41 3.69 17.30 12.29
N GLY C 42 2.67 17.04 11.47
CA GLY C 42 1.81 15.90 11.70
C GLY C 42 2.42 14.53 11.39
N ASP C 43 1.92 13.53 12.07
CA ASP C 43 2.37 12.16 11.86
C ASP C 43 1.50 11.50 10.80
N PRO C 44 2.01 11.27 9.59
CA PRO C 44 1.13 10.79 8.50
C PRO C 44 0.55 9.41 8.79
N ASP C 45 1.16 8.70 9.72
CA ASP C 45 0.72 7.34 10.03
C ASP C 45 -0.36 7.27 11.09
N HIS C 46 -0.55 8.35 11.82
CA HIS C 46 -1.59 8.35 12.87
C HIS C 46 -2.97 8.22 12.22
N PRO C 47 -3.77 7.25 12.66
CA PRO C 47 -5.08 7.01 12.03
C PRO C 47 -6.10 8.15 12.23
N ILE C 48 -5.96 8.97 13.26
CA ILE C 48 -6.94 10.03 13.48
C ILE C 48 -6.69 11.21 12.52
N ASN C 49 -5.47 11.73 12.48
CA ASN C 49 -5.20 12.91 11.67
C ASN C 49 -4.52 12.68 10.32
N GLU C 50 -3.92 11.50 10.16
CA GLU C 50 -3.21 11.16 8.90
C GLU C 50 -2.21 12.25 8.51
N GLY C 51 -1.61 12.89 9.52
CA GLY C 51 -0.63 13.95 9.30
C GLY C 51 -1.16 15.38 9.29
N SER C 52 -2.48 15.54 9.25
CA SER C 52 -3.04 16.89 9.24
C SER C 52 -2.99 17.53 10.63
N LEU C 53 -2.93 18.85 10.67
CA LEU C 53 -2.98 19.60 11.92
C LEU C 53 -3.69 20.90 11.61
N CYS C 54 -4.45 21.42 12.57
CA CYS C 54 -5.06 22.72 12.42
C CYS C 54 -4.02 23.79 12.74
N ALA C 55 -4.43 25.05 12.71
CA ALA C 55 -3.49 26.15 12.97
C ALA C 55 -2.74 25.87 14.25
N LYS C 56 -3.46 25.43 15.27
CA LYS C 56 -2.82 25.22 16.57
C LYS C 56 -1.74 24.13 16.63
N GLY C 57 -2.07 22.94 16.13
CA GLY C 57 -1.11 21.87 16.10
C GLY C 57 0.05 22.23 15.22
N ALA C 58 -0.25 22.91 14.11
CA ALA C 58 0.77 23.25 13.13
C ALA C 58 1.79 24.19 13.73
N SER C 59 1.40 24.90 14.77
CA SER C 59 2.23 25.94 15.35
C SER C 59 3.14 25.48 16.49
N THR C 60 3.06 24.19 16.80
CA THR C 60 3.73 23.61 17.98
C THR C 60 5.20 23.97 18.18
N TRP C 61 5.95 24.00 17.09
CA TRP C 61 7.36 24.36 17.17
C TRP C 61 7.54 25.69 17.92
N GLN C 62 6.68 26.66 17.63
CA GLN C 62 6.77 27.98 18.27
C GLN C 62 6.44 28.01 19.77
N LEU C 63 5.66 27.04 20.22
CA LEU C 63 5.32 26.92 21.63
C LEU C 63 6.59 26.54 22.37
N ALA C 64 7.29 25.56 21.83
CA ALA C 64 8.52 25.12 22.48
C ALA C 64 9.70 26.06 22.36
N GLU C 65 10.02 26.47 21.15
CA GLU C 65 11.21 27.30 20.89
C GLU C 65 10.82 28.75 21.02
N ASN C 66 10.69 29.17 22.27
CA ASN C 66 9.98 30.40 22.52
C ASN C 66 10.69 31.21 23.60
N GLU C 67 11.19 32.40 23.22
CA GLU C 67 11.99 33.23 24.13
C GLU C 67 11.16 33.86 25.25
N ARG C 68 9.84 33.80 25.15
CA ARG C 68 9.02 34.36 26.23
C ARG C 68 8.84 33.39 27.40
N ARG C 69 9.33 32.16 27.27
CA ARG C 69 9.32 31.24 28.40
C ARG C 69 10.38 31.71 29.38
N PRO C 70 9.99 32.03 30.62
CA PRO C 70 10.96 32.47 31.63
C PRO C 70 11.98 31.35 31.90
N ALA C 71 13.28 31.61 31.75
CA ALA C 71 14.30 30.52 31.88
C ALA C 71 14.43 30.03 33.29
N ASN C 72 14.19 30.91 34.24
CA ASN C 72 14.38 30.56 35.64
C ASN C 72 13.16 30.90 36.50
N PRO C 73 13.04 30.25 37.64
CA PRO C 73 11.95 30.50 38.57
C PRO C 73 11.92 31.97 38.98
N LEU C 74 10.73 32.47 39.30
CA LEU C 74 10.55 33.86 39.68
C LEU C 74 9.79 33.94 40.98
N TYR C 75 10.26 34.82 41.84
CA TYR C 75 9.70 34.95 43.16
C TYR C 75 9.21 36.36 43.34
N ARG C 76 8.03 36.52 43.91
CA ARG C 76 7.52 37.84 44.22
C ARG C 76 7.23 37.90 45.68
N ALA C 77 7.94 38.80 46.37
CA ALA C 77 7.82 38.97 47.80
C ALA C 77 6.61 39.84 48.18
N PRO C 78 6.13 39.67 49.40
CA PRO C 78 5.03 40.50 49.87
C PRO C 78 5.28 41.98 49.61
N GLY C 79 4.35 42.63 48.93
CA GLY C 79 4.42 44.07 48.69
C GLY C 79 5.30 44.51 47.53
N SER C 80 5.97 43.56 46.88
CA SER C 80 6.91 43.89 45.82
C SER C 80 6.26 44.18 44.45
N ASP C 81 6.88 45.09 43.70
CA ASP C 81 6.35 45.38 42.37
C ASP C 81 7.14 44.70 41.24
N GLN C 82 7.97 43.73 41.60
CA GLN C 82 8.72 43.02 40.57
C GLN C 82 9.15 41.62 40.99
N TRP C 83 9.36 40.78 39.98
CA TRP C 83 9.82 39.42 40.18
C TRP C 83 11.29 39.48 40.55
N GLU C 84 11.74 38.45 41.27
CA GLU C 84 13.16 38.25 41.50
C GLU C 84 13.50 36.80 41.10
N GLU C 85 14.52 36.61 40.26
CA GLU C 85 14.92 35.25 39.88
C GLU C 85 15.56 34.57 41.10
N LYS C 86 15.23 33.30 41.26
CA LYS C 86 15.74 32.52 42.38
C LYS C 86 16.16 31.16 41.86
N SER C 87 17.01 30.47 42.60
CA SER C 87 17.41 29.13 42.22
C SER C 87 16.29 28.14 42.48
N TRP C 88 16.33 27.04 41.75
CA TRP C 88 15.34 25.99 41.92
C TRP C 88 15.39 25.46 43.35
N ASP C 89 16.58 25.30 43.91
CA ASP C 89 16.64 24.77 45.26
C ASP C 89 15.98 25.67 46.28
N TRP C 90 16.25 26.96 46.19
CA TRP C 90 15.66 27.93 47.10
C TRP C 90 14.14 27.89 46.96
N MET C 91 13.64 27.92 45.73
CA MET C 91 12.18 27.89 45.51
C MET C 91 11.52 26.61 46.02
N LEU C 92 12.09 25.47 45.68
CA LEU C 92 11.51 24.19 46.09
C LEU C 92 11.51 24.01 47.60
N ASP C 93 12.61 24.39 48.25
CA ASP C 93 12.67 24.29 49.70
C ASP C 93 11.74 25.31 50.38
N THR C 94 11.65 26.51 49.83
CA THR C 94 10.80 27.53 50.47
C THR C 94 9.33 27.11 50.32
N ILE C 95 8.95 26.67 49.15
CA ILE C 95 7.57 26.24 48.96
C ILE C 95 7.27 25.11 49.92
N ALA C 96 8.22 24.18 50.05
CA ALA C 96 8.04 23.04 50.95
C ALA C 96 7.76 23.48 52.37
N GLU C 97 8.51 24.48 52.84
CA GLU C 97 8.33 25.06 54.16
C GLU C 97 6.96 25.74 54.24
N ARG C 98 6.55 26.43 53.17
CA ARG C 98 5.24 27.07 53.15
C ARG C 98 4.14 26.03 53.24
N VAL C 99 4.27 24.96 52.48
CA VAL C 99 3.24 23.93 52.49
C VAL C 99 3.17 23.30 53.90
N ALA C 100 4.32 22.97 54.46
CA ALA C 100 4.34 22.33 55.78
C ALA C 100 3.68 23.18 56.87
N LYS C 101 4.07 24.45 56.94
CA LYS C 101 3.57 25.37 57.96
C LYS C 101 2.10 25.77 57.78
N THR C 102 1.69 25.99 56.53
CA THR C 102 0.31 26.42 56.27
C THR C 102 -0.60 25.23 56.49
N ARG C 103 -0.16 24.05 56.08
CA ARG C 103 -0.93 22.86 56.34
C ARG C 103 -1.15 22.72 57.83
N GLU C 104 -0.06 22.80 58.60
CA GLU C 104 -0.16 22.62 60.02
C GLU C 104 -1.13 23.62 60.65
N ALA C 105 -1.05 24.88 60.23
CA ALA C 105 -1.88 25.93 60.81
C ALA C 105 -3.37 25.83 60.49
N THR C 106 -3.70 25.15 59.40
CA THR C 106 -5.08 25.03 58.97
C THR C 106 -5.59 23.59 58.94
N PHE C 107 -4.89 22.70 59.61
CA PHE C 107 -5.26 21.29 59.58
C PHE C 107 -6.24 20.98 60.68
N VAL C 108 -7.26 20.21 60.35
CA VAL C 108 -8.28 19.82 61.31
C VAL C 108 -8.28 18.32 61.53
N THR C 109 -8.05 17.87 62.76
CA THR C 109 -8.14 16.44 63.04
C THR C 109 -9.60 16.10 63.27
N LYS C 110 -10.13 16.52 64.43
CA LYS C 110 -11.55 16.39 64.72
C LYS C 110 -12.19 17.75 64.52
N ASN C 111 -13.30 17.79 63.79
CA ASN C 111 -14.01 19.04 63.55
C ASN C 111 -14.84 19.41 64.75
N ALA C 112 -15.58 20.50 64.65
CA ALA C 112 -16.38 20.98 65.78
C ALA C 112 -17.54 20.01 66.09
N LYS C 113 -17.95 19.22 65.11
CA LYS C 113 -19.00 18.26 65.35
C LYS C 113 -18.48 16.96 65.97
N GLY C 114 -17.17 16.90 66.19
CA GLY C 114 -16.55 15.73 66.82
C GLY C 114 -16.18 14.60 65.86
N GLN C 115 -16.27 14.90 64.57
CA GLN C 115 -15.97 13.90 63.56
C GLN C 115 -14.50 13.98 63.17
N VAL C 116 -13.88 12.83 62.98
CA VAL C 116 -12.49 12.79 62.53
C VAL C 116 -12.46 13.11 61.03
N VAL C 117 -11.80 14.19 60.66
CA VAL C 117 -11.77 14.56 59.23
C VAL C 117 -10.35 14.60 58.62
N ASN C 118 -9.31 14.83 59.44
CA ASN C 118 -7.92 14.87 58.95
C ASN C 118 -7.83 15.61 57.62
N ARG C 119 -8.23 16.87 57.66
CA ARG C 119 -8.38 17.67 56.44
C ARG C 119 -7.67 19.02 56.57
N CYS C 120 -7.00 19.43 55.49
CA CYS C 120 -6.37 20.74 55.44
C CYS C 120 -7.36 21.71 54.82
N ASP C 121 -7.79 22.67 55.63
CA ASP C 121 -8.75 23.69 55.19
C ASP C 121 -8.13 24.92 54.54
N GLY C 122 -6.82 25.12 54.68
CA GLY C 122 -6.24 26.36 54.22
C GLY C 122 -5.50 26.35 52.90
N ILE C 123 -5.41 25.19 52.26
CA ILE C 123 -4.72 25.11 50.98
C ILE C 123 -5.68 24.56 49.93
N ALA C 124 -5.63 25.15 48.74
CA ALA C 124 -6.48 24.75 47.63
C ALA C 124 -5.64 24.60 46.38
N SER C 125 -6.12 23.80 45.44
CA SER C 125 -5.44 23.62 44.16
C SER C 125 -6.39 23.56 42.96
N VAL C 126 -6.01 24.26 41.89
CA VAL C 126 -6.67 24.07 40.61
C VAL C 126 -5.58 23.65 39.61
N GLY C 127 -5.93 22.67 38.75
CA GLY C 127 -5.08 22.21 37.64
C GLY C 127 -4.69 20.75 37.73
N SER C 128 -4.47 20.10 36.59
CA SER C 128 -4.69 20.68 35.26
C SER C 128 -4.79 19.60 34.20
N ALA C 129 -5.76 19.78 33.30
CA ALA C 129 -5.92 18.92 32.15
C ALA C 129 -4.73 18.99 31.21
N ALA C 130 -3.86 19.98 31.42
CA ALA C 130 -2.65 20.14 30.61
C ALA C 130 -1.56 19.11 30.96
N MET C 131 -1.67 18.48 32.13
CA MET C 131 -0.68 17.52 32.61
C MET C 131 -0.89 16.14 32.04
N ASP C 132 0.19 15.38 31.99
CA ASP C 132 0.12 13.99 31.57
C ASP C 132 -0.64 13.17 32.60
N ASN C 133 -1.15 12.03 32.18
CA ASN C 133 -1.88 11.15 33.10
C ASN C 133 -1.08 10.81 34.34
N GLU C 134 0.20 10.49 34.13
CA GLU C 134 1.08 10.07 35.21
C GLU C 134 1.36 11.23 36.18
N GLU C 135 1.43 12.43 35.63
CA GLU C 135 1.56 13.63 36.43
C GLU C 135 0.25 13.92 37.20
N CYS C 136 -0.90 13.82 36.55
CA CYS C 136 -2.16 14.09 37.24
C CYS C 136 -2.33 13.15 38.45
N TRP C 137 -2.00 11.89 38.26
CA TRP C 137 -2.24 10.90 39.29
C TRP C 137 -1.37 11.18 40.50
N ILE C 138 -0.07 11.40 40.29
CA ILE C 138 0.76 11.69 41.44
C ILE C 138 0.40 13.04 42.05
N TYR C 139 -0.17 13.94 41.25
CA TYR C 139 -0.51 15.25 41.80
C TYR C 139 -1.68 15.13 42.77
N GLN C 140 -2.74 14.44 42.35
CA GLN C 140 -3.84 14.22 43.26
C GLN C 140 -3.39 13.44 44.49
N ALA C 141 -2.47 12.50 44.33
CA ALA C 141 -2.03 11.68 45.48
C ALA C 141 -1.35 12.57 46.49
N TRP C 142 -0.48 13.44 46.00
CA TRP C 142 0.28 14.31 46.87
C TRP C 142 -0.67 15.24 47.63
N LEU C 143 -1.56 15.91 46.89
CA LEU C 143 -2.54 16.80 47.50
C LEU C 143 -3.39 16.11 48.55
N ARG C 144 -3.86 14.92 48.23
CA ARG C 144 -4.64 14.17 49.21
C ARG C 144 -3.84 13.77 50.44
N SER C 145 -2.57 13.43 50.25
CA SER C 145 -1.72 13.02 51.35
C SER C 145 -1.55 14.21 52.28
N LEU C 146 -1.57 15.40 51.69
CA LEU C 146 -1.47 16.64 52.47
C LEU C 146 -2.78 16.94 53.19
N GLY C 147 -3.84 16.21 52.84
CA GLY C 147 -5.15 16.46 53.42
C GLY C 147 -6.03 17.47 52.68
N LEU C 148 -5.66 17.84 51.45
CA LEU C 148 -6.49 18.77 50.69
C LEU C 148 -7.81 18.17 50.27
N PHE C 149 -8.83 19.01 50.26
CA PHE C 149 -10.10 18.60 49.72
C PHE C 149 -10.48 19.56 48.59
N TYR C 150 -10.03 20.83 48.66
CA TYR C 150 -10.25 21.77 47.54
C TYR C 150 -9.29 21.39 46.40
N ILE C 151 -9.70 20.45 45.57
CA ILE C 151 -8.87 19.97 44.48
C ILE C 151 -9.74 19.97 43.24
N GLU C 152 -9.43 20.87 42.30
CA GLU C 152 -10.27 21.06 41.13
C GLU C 152 -9.45 21.30 39.87
N HIS C 153 -10.13 21.29 38.72
CA HIS C 153 -9.49 21.68 37.47
C HIS C 153 -10.56 21.96 36.41
N GLN C 154 -10.10 22.17 35.17
CA GLN C 154 -10.94 22.48 34.01
C GLN C 154 -12.29 21.75 33.95
N ALA C 155 -12.26 20.43 34.13
CA ALA C 155 -13.46 19.60 33.93
C ALA C 155 -14.67 20.06 34.70
N ARG C 156 -14.47 20.78 35.81
CA ARG C 156 -15.60 21.23 36.62
C ARG C 156 -16.50 22.13 35.80
N ILE C 157 -15.88 22.98 35.01
CA ILE C 157 -16.57 23.99 34.25
C ILE C 157 -17.42 23.44 33.10
N SEC C 158 -16.78 22.69 32.20
CA SEC C 158 -17.51 22.37 30.97
C SEC C 158 -17.98 20.94 30.94
N HIS C 159 -17.44 20.08 31.85
CA HIS C 159 -17.91 18.70 31.63
C HIS C 159 -18.69 18.10 32.84
N SER C 160 -18.81 18.83 33.95
CA SER C 160 -19.50 18.26 35.12
C SER C 160 -20.96 17.94 34.83
N ALA C 161 -21.60 18.80 34.06
CA ALA C 161 -22.99 18.58 33.71
C ALA C 161 -23.10 17.37 32.77
N THR C 162 -22.11 17.19 31.92
CA THR C 162 -22.13 16.09 30.97
C THR C 162 -22.02 14.76 31.70
N VAL C 163 -21.11 14.69 32.66
CA VAL C 163 -20.93 13.48 33.44
C VAL C 163 -22.21 13.14 34.19
N ALA C 164 -22.81 14.12 34.85
CA ALA C 164 -24.05 13.91 35.56
C ALA C 164 -25.15 13.36 34.67
N ALA C 165 -25.37 14.04 33.55
CA ALA C 165 -26.44 13.65 32.67
C ALA C 165 -26.22 12.32 31.94
N LEU C 166 -25.03 12.09 31.40
CA LEU C 166 -24.79 10.86 30.67
C LEU C 166 -24.61 9.64 31.56
N ALA C 167 -24.10 9.84 32.78
CA ALA C 167 -23.98 8.68 33.67
C ALA C 167 -25.40 8.27 34.11
N GLU C 168 -26.32 9.24 34.21
CA GLU C 168 -27.69 8.93 34.56
C GLU C 168 -28.30 8.08 33.45
N SER C 169 -28.14 8.54 32.22
CA SER C 169 -28.72 7.84 31.08
C SER C 169 -28.07 6.51 30.75
N TYR C 170 -26.74 6.50 30.72
CA TYR C 170 -26.03 5.34 30.19
C TYR C 170 -25.14 4.64 31.18
N GLY C 171 -24.82 5.29 32.29
CA GLY C 171 -23.97 4.64 33.29
C GLY C 171 -22.55 5.14 33.35
N ARG C 172 -22.10 5.87 32.32
CA ARG C 172 -20.77 6.45 32.31
C ARG C 172 -20.89 7.86 31.75
N GLY C 173 -19.94 8.73 32.10
CA GLY C 173 -19.97 10.11 31.62
C GLY C 173 -19.15 10.39 30.37
N ALA C 174 -18.49 9.38 29.85
CA ALA C 174 -17.57 9.54 28.73
C ALA C 174 -18.24 9.68 27.36
N MET C 175 -17.48 10.24 26.42
CA MET C 175 -17.91 10.29 25.05
C MET C 175 -18.15 8.84 24.61
N THR C 176 -19.29 8.56 23.98
CA THR C 176 -19.67 7.16 23.73
C THR C 176 -18.96 6.46 22.57
N ASN C 177 -18.57 7.22 21.55
CA ASN C 177 -17.90 6.64 20.38
C ASN C 177 -16.48 7.23 20.27
N HIS C 178 -16.03 7.57 19.07
CA HIS C 178 -14.70 8.13 18.93
C HIS C 178 -14.62 8.85 17.59
N TRP C 179 -13.59 9.66 17.40
CA TRP C 179 -13.47 10.54 16.23
C TRP C 179 -13.61 9.88 14.85
N ILE C 180 -12.84 8.84 14.61
CA ILE C 180 -12.90 8.19 13.30
C ILE C 180 -14.28 7.66 13.01
N ASP C 181 -14.98 7.26 14.07
CA ASP C 181 -16.29 6.65 13.90
C ASP C 181 -17.31 7.59 13.30
N LEU C 182 -17.04 8.89 13.34
CA LEU C 182 -17.95 9.87 12.77
C LEU C 182 -18.19 9.62 11.27
N LYS C 183 -17.21 9.01 10.63
CA LYS C 183 -17.34 8.67 9.22
C LYS C 183 -18.49 7.72 8.91
N ASN C 184 -18.95 7.02 9.94
CA ASN C 184 -19.99 6.04 9.76
C ASN C 184 -21.40 6.56 9.98
N SER C 185 -21.49 7.82 10.34
CA SER C 185 -22.78 8.42 10.61
C SER C 185 -23.61 8.73 9.37
N ASP C 186 -24.90 8.55 9.49
CA ASP C 186 -25.82 8.89 8.42
C ASP C 186 -26.30 10.34 8.54
N VAL C 187 -26.37 10.81 9.78
CA VAL C 187 -26.76 12.19 10.05
C VAL C 187 -25.94 12.66 11.25
N ILE C 188 -25.18 13.72 11.06
CA ILE C 188 -24.37 14.26 12.14
C ILE C 188 -24.98 15.56 12.58
N LEU C 189 -25.45 15.59 13.82
CA LEU C 189 -26.06 16.80 14.37
C LEU C 189 -25.07 17.50 15.29
N MET C 190 -24.66 18.70 14.93
CA MET C 190 -23.72 19.46 15.73
C MET C 190 -24.49 20.56 16.42
N MET C 191 -24.69 20.42 17.71
CA MET C 191 -25.57 21.37 18.37
C MET C 191 -24.98 21.68 19.74
N GLY C 192 -24.69 22.94 20.00
CA GLY C 192 -23.98 23.26 21.21
C GLY C 192 -22.50 22.93 20.98
N SER C 193 -22.09 23.01 19.72
CA SER C 193 -20.69 22.76 19.36
C SER C 193 -20.29 23.51 18.11
N ASN C 194 -18.99 23.56 17.85
CA ASN C 194 -18.50 24.21 16.64
C ASN C 194 -17.24 23.47 16.19
N PRO C 195 -17.37 22.18 15.87
CA PRO C 195 -16.19 21.33 15.70
C PRO C 195 -15.18 21.73 14.64
N ALA C 196 -15.61 22.41 13.58
CA ALA C 196 -14.65 22.79 12.55
C ALA C 196 -13.60 23.71 13.14
N GLU C 197 -13.98 24.42 14.20
CA GLU C 197 -13.10 25.37 14.86
C GLU C 197 -12.50 24.84 16.16
N ASN C 198 -13.30 24.11 16.93
CA ASN C 198 -12.88 23.68 18.26
C ASN C 198 -12.36 22.26 18.34
N HIS C 199 -12.65 21.48 17.30
CA HIS C 199 -12.07 20.15 17.20
C HIS C 199 -11.74 19.87 15.75
N PRO C 200 -10.91 20.72 15.14
CA PRO C 200 -10.77 20.74 13.67
C PRO C 200 -10.57 19.46 12.94
N ILE C 201 -9.64 18.64 13.37
CA ILE C 201 -9.44 17.42 12.64
C ILE C 201 -10.69 16.49 12.65
N SER C 202 -11.64 16.71 13.56
CA SER C 202 -12.91 15.93 13.47
C SER C 202 -13.54 16.08 12.09
N PHE C 203 -13.32 17.24 11.48
CA PHE C 203 -13.93 17.47 10.17
C PHE C 203 -13.41 16.59 9.03
N LYS C 204 -12.25 15.98 9.21
CA LYS C 204 -11.77 14.99 8.24
C LYS C 204 -12.84 13.90 8.13
N TRP C 205 -13.31 13.46 9.29
CA TRP C 205 -14.21 12.33 9.40
C TRP C 205 -15.67 12.75 9.13
N VAL C 206 -16.04 13.93 9.60
CA VAL C 206 -17.36 14.46 9.33
C VAL C 206 -17.53 14.64 7.82
N MET C 207 -16.50 15.16 7.15
CA MET C 207 -16.58 15.37 5.72
C MET C 207 -16.61 14.02 5.00
N ARG C 208 -15.92 13.02 5.55
CA ARG C 208 -15.96 11.69 4.93
C ARG C 208 -17.35 11.07 5.02
N ALA C 209 -18.08 11.35 6.11
CA ALA C 209 -19.46 10.90 6.20
C ALA C 209 -20.28 11.61 5.13
N LYS C 210 -20.09 12.93 4.99
CA LYS C 210 -20.82 13.72 3.99
C LYS C 210 -20.59 13.16 2.58
N ASP C 211 -19.34 12.76 2.34
CA ASP C 211 -18.93 12.18 1.08
C ASP C 211 -19.69 10.90 0.84
N LYS C 212 -20.12 10.25 1.92
CA LYS C 212 -20.85 9.01 1.76
C LYS C 212 -22.35 9.20 1.66
N GLY C 213 -22.78 10.47 1.72
CA GLY C 213 -24.17 10.82 1.61
C GLY C 213 -24.82 11.27 2.92
N ALA C 214 -24.00 11.48 3.95
CA ALA C 214 -24.52 11.90 5.24
C ALA C 214 -25.04 13.31 5.17
N THR C 215 -26.02 13.57 6.03
CA THR C 215 -26.56 14.90 6.18
C THR C 215 -25.88 15.53 7.41
N LEU C 216 -25.36 16.74 7.25
CA LEU C 216 -24.73 17.48 8.34
C LEU C 216 -25.63 18.63 8.74
N ILE C 217 -25.87 18.73 10.04
CA ILE C 217 -26.75 19.76 10.57
C ILE C 217 -26.02 20.56 11.63
N HIS C 218 -26.13 21.88 11.57
CA HIS C 218 -25.54 22.69 12.63
C HIS C 218 -26.64 23.58 13.25
N VAL C 219 -26.83 23.45 14.57
CA VAL C 219 -27.85 24.24 15.25
C VAL C 219 -27.10 25.11 16.23
N ASP C 220 -27.13 26.42 15.98
CA ASP C 220 -26.27 27.34 16.71
C ASP C 220 -26.81 28.74 16.48
N PRO C 221 -26.82 29.57 17.52
CA PRO C 221 -27.23 30.97 17.38
C PRO C 221 -26.37 31.74 16.37
N ARG C 222 -25.21 31.22 16.01
CA ARG C 222 -24.34 31.90 15.05
C ARG C 222 -24.04 31.01 13.86
N TYR C 223 -23.79 31.61 12.70
CA TYR C 223 -23.31 30.84 11.55
C TYR C 223 -21.78 30.88 11.61
N THR C 224 -21.13 29.71 11.59
CA THR C 224 -19.70 29.66 11.82
C THR C 224 -18.94 28.93 10.73
N ARG C 225 -17.65 28.70 10.94
CA ARG C 225 -16.86 27.99 9.96
C ARG C 225 -17.42 26.58 9.76
N THR C 226 -17.93 25.98 10.83
CA THR C 226 -18.63 24.72 10.72
C THR C 226 -19.84 24.80 9.79
N SER C 227 -20.67 25.82 9.98
CA SER C 227 -21.94 25.94 9.25
C SER C 227 -21.77 25.90 7.72
N THR C 228 -20.63 26.43 7.26
CA THR C 228 -20.34 26.49 5.81
C THR C 228 -20.48 25.13 5.12
N LYS C 229 -20.26 24.05 5.87
CA LYS C 229 -20.24 22.72 5.33
C LYS C 229 -21.53 21.94 5.53
N CYS C 230 -22.48 22.55 6.22
CA CYS C 230 -23.67 21.82 6.60
C CYS C 230 -24.81 21.91 5.60
N ASP C 231 -25.53 20.81 5.49
CA ASP C 231 -26.71 20.72 4.63
C ASP C 231 -27.84 21.53 5.24
N LEU C 232 -27.91 21.55 6.56
CA LEU C 232 -28.91 22.33 7.26
C LEU C 232 -28.27 23.19 8.34
N TYR C 233 -28.52 24.50 8.31
CA TYR C 233 -28.07 25.35 9.41
C TYR C 233 -29.29 25.97 10.05
N ALA C 234 -29.43 25.86 11.37
CA ALA C 234 -30.60 26.44 12.02
C ALA C 234 -30.16 27.32 13.15
N PRO C 235 -30.52 28.60 13.10
CA PRO C 235 -30.22 29.49 14.22
C PRO C 235 -31.26 29.20 15.28
N LEU C 236 -30.87 29.32 16.53
CA LEU C 236 -31.85 29.25 17.61
C LEU C 236 -31.38 30.18 18.70
N ARG C 237 -32.33 30.68 19.47
CA ARG C 237 -32.07 31.61 20.55
C ARG C 237 -31.28 30.98 21.69
N SER C 238 -30.32 31.73 22.21
CA SER C 238 -29.50 31.29 23.35
C SER C 238 -30.32 30.65 24.44
N GLY C 239 -29.93 29.43 24.82
CA GLY C 239 -30.56 28.71 25.93
C GLY C 239 -31.92 28.08 25.65
N SER C 240 -32.34 28.05 24.39
CA SER C 240 -33.66 27.52 24.07
C SER C 240 -33.59 26.07 23.62
N ASP C 241 -32.39 25.51 23.62
CA ASP C 241 -32.15 24.17 23.12
C ASP C 241 -33.10 23.09 23.61
N ILE C 242 -33.41 23.09 24.91
CA ILE C 242 -34.30 22.07 25.44
C ILE C 242 -35.65 22.01 24.73
N ALA C 243 -36.16 23.15 24.30
CA ALA C 243 -37.42 23.18 23.59
C ALA C 243 -37.26 22.47 22.27
N PHE C 244 -36.16 22.78 21.58
CA PHE C 244 -35.84 22.17 20.29
C PHE C 244 -35.75 20.66 20.44
N LEU C 245 -35.00 20.21 21.45
CA LEU C 245 -34.83 18.78 21.67
C LEU C 245 -36.09 18.04 22.16
N ASN C 246 -36.83 18.64 23.07
CA ASN C 246 -38.05 18.04 23.56
C ASN C 246 -39.10 17.96 22.45
N GLY C 247 -39.08 18.95 21.56
CA GLY C 247 -39.96 18.92 20.42
C GLY C 247 -39.61 17.75 19.56
N MET C 248 -38.32 17.45 19.44
CA MET C 248 -37.91 16.28 18.69
C MET C 248 -38.41 14.98 19.36
N THR C 249 -38.37 14.93 20.69
CA THR C 249 -38.85 13.75 21.43
C THR C 249 -40.31 13.52 21.14
N LYS C 250 -41.10 14.59 21.17
CA LYS C 250 -42.51 14.52 20.86
C LYS C 250 -42.71 13.94 19.47
N TYR C 251 -41.95 14.48 18.51
CA TYR C 251 -42.04 14.07 17.12
C TYR C 251 -41.69 12.57 16.98
N ILE C 252 -40.59 12.16 17.63
CA ILE C 252 -40.22 10.75 17.61
C ILE C 252 -41.35 9.87 18.14
N LEU C 253 -41.90 10.22 19.29
CA LEU C 253 -42.94 9.39 19.87
C LEU C 253 -44.25 9.40 19.08
N GLU C 254 -44.67 10.58 18.65
CA GLU C 254 -45.93 10.68 17.93
C GLU C 254 -45.93 10.07 16.54
N LYS C 255 -44.81 10.16 15.83
CA LYS C 255 -44.74 9.60 14.50
C LYS C 255 -44.20 8.16 14.49
N GLU C 256 -44.07 7.56 15.66
CA GLU C 256 -43.55 6.19 15.79
C GLU C 256 -42.24 6.03 15.02
N LEU C 257 -41.34 6.99 15.21
CA LEU C 257 -40.04 6.99 14.56
C LEU C 257 -38.98 6.32 15.42
N TYR C 258 -39.34 5.92 16.63
CA TYR C 258 -38.42 5.26 17.51
C TYR C 258 -38.18 3.82 17.04
N PHE C 259 -37.09 3.22 17.49
CA PHE C 259 -36.81 1.82 17.17
C PHE C 259 -37.34 0.93 18.31
N LYS C 260 -38.53 0.37 18.11
CA LYS C 260 -39.22 -0.36 19.18
C LYS C 260 -38.43 -1.48 19.87
N ASP C 261 -37.90 -2.41 19.08
CA ASP C 261 -37.17 -3.54 19.65
C ASP C 261 -36.00 -3.07 20.51
N TYR C 262 -35.28 -2.08 20.00
CA TYR C 262 -34.15 -1.52 20.73
C TYR C 262 -34.64 -0.88 22.04
N VAL C 263 -35.70 -0.08 21.95
CA VAL C 263 -36.29 0.57 23.10
C VAL C 263 -36.73 -0.44 24.18
N VAL C 264 -37.37 -1.52 23.76
CA VAL C 264 -37.82 -2.55 24.70
C VAL C 264 -36.64 -3.28 25.35
N ASN C 265 -35.67 -3.68 24.53
CA ASN C 265 -34.52 -4.45 24.97
C ASN C 265 -33.52 -3.73 25.85
N TYR C 266 -33.26 -2.46 25.54
CA TYR C 266 -32.10 -1.77 26.14
C TYR C 266 -32.36 -0.47 26.90
N THR C 267 -33.61 -0.03 27.00
CA THR C 267 -33.94 1.20 27.73
C THR C 267 -34.93 0.86 28.82
N ASN C 268 -35.17 1.80 29.72
CA ASN C 268 -36.13 1.60 30.80
C ASN C 268 -37.57 1.97 30.43
N ALA C 269 -37.84 2.01 29.13
CA ALA C 269 -39.18 2.31 28.63
C ALA C 269 -40.27 1.48 29.29
N SER C 270 -39.92 0.25 29.64
CA SER C 270 -40.86 -0.70 30.22
C SER C 270 -41.02 -0.57 31.74
N PHE C 271 -40.14 0.19 32.39
CA PHE C 271 -40.18 0.29 33.85
C PHE C 271 -41.50 0.88 34.33
N ILE C 272 -42.09 0.30 35.37
CA ILE C 272 -43.28 0.88 35.96
C ILE C 272 -42.87 1.91 36.99
N VAL C 273 -43.29 3.15 36.78
CA VAL C 273 -43.01 4.23 37.70
C VAL C 273 -44.06 4.19 38.80
N GLY C 274 -43.67 4.47 40.04
CA GLY C 274 -44.58 4.45 41.17
C GLY C 274 -45.72 5.44 41.12
N GLU C 275 -46.73 5.22 41.95
CA GLU C 275 -47.91 6.10 41.97
C GLU C 275 -47.61 7.50 42.49
N GLY C 276 -46.44 7.66 43.10
CA GLY C 276 -46.02 8.97 43.59
C GLY C 276 -45.67 9.94 42.47
N PHE C 277 -45.37 9.41 41.29
CA PHE C 277 -44.99 10.30 40.20
C PHE C 277 -46.16 11.14 39.71
N ALA C 278 -45.88 12.41 39.40
CA ALA C 278 -46.84 13.33 38.82
C ALA C 278 -46.09 14.53 38.28
N PHE C 279 -46.77 15.32 37.45
CA PHE C 279 -46.21 16.54 36.88
C PHE C 279 -47.37 17.49 36.61
N GLU C 280 -47.24 18.70 37.13
CA GLU C 280 -48.32 19.65 37.02
C GLU C 280 -47.74 21.05 36.88
N GLU C 281 -48.03 21.68 35.75
CA GLU C 281 -47.61 23.06 35.49
C GLU C 281 -46.15 23.37 35.73
N GLY C 282 -45.27 22.52 35.25
CA GLY C 282 -43.85 22.77 35.41
C GLY C 282 -43.23 22.15 36.65
N LEU C 283 -44.03 21.68 37.60
CA LEU C 283 -43.43 21.05 38.79
C LEU C 283 -43.66 19.55 38.86
N PHE C 284 -42.59 18.80 39.09
CA PHE C 284 -42.73 17.35 39.29
C PHE C 284 -43.28 17.14 40.70
N ALA C 285 -43.71 15.92 40.99
CA ALA C 285 -44.21 15.60 42.33
C ALA C 285 -43.06 15.71 43.29
N GLY C 286 -43.37 15.85 44.58
CA GLY C 286 -42.36 15.95 45.61
C GLY C 286 -41.66 17.29 45.77
N TYR C 287 -42.21 18.35 45.17
CA TYR C 287 -41.57 19.67 45.30
C TYR C 287 -41.83 20.36 46.64
N ASN C 288 -40.76 20.85 47.28
CA ASN C 288 -40.89 21.66 48.52
C ASN C 288 -40.61 23.09 48.07
N LYS C 289 -41.63 23.96 48.11
CA LYS C 289 -41.50 25.34 47.64
CA LYS C 289 -41.48 25.34 47.64
C LYS C 289 -40.60 26.20 48.53
N GLU C 290 -40.53 25.85 49.81
CA GLU C 290 -39.67 26.63 50.69
C GLU C 290 -38.21 26.37 50.43
N THR C 291 -37.83 25.11 50.25
CA THR C 291 -36.43 24.80 50.02
C THR C 291 -36.09 24.72 48.56
N ARG C 292 -37.13 24.71 47.71
CA ARG C 292 -36.93 24.62 46.26
C ARG C 292 -36.14 23.38 45.90
N LYS C 293 -36.46 22.29 46.59
CA LYS C 293 -35.81 21.02 46.34
C LYS C 293 -36.91 19.98 46.19
N TYR C 294 -36.66 18.97 45.37
CA TYR C 294 -37.63 17.91 45.21
C TYR C 294 -37.25 16.73 46.11
N ASP C 295 -38.27 16.01 46.60
CA ASP C 295 -38.03 14.73 47.25
C ASP C 295 -38.09 13.74 46.09
N LYS C 296 -36.95 13.29 45.64
CA LYS C 296 -36.88 12.46 44.43
C LYS C 296 -37.50 11.08 44.57
N SER C 297 -37.71 10.63 45.81
CA SER C 297 -38.31 9.33 46.05
C SER C 297 -39.69 9.25 45.47
N LYS C 298 -40.31 10.41 45.26
CA LYS C 298 -41.63 10.43 44.65
C LYS C 298 -41.57 9.92 43.23
N TRP C 299 -40.36 9.88 42.66
CA TRP C 299 -40.20 9.48 41.27
C TRP C 299 -39.75 8.04 41.05
N GLY C 300 -39.61 7.29 42.15
CA GLY C 300 -39.04 5.96 42.08
C GLY C 300 -39.88 4.95 41.34
N PHE C 301 -39.24 3.86 40.93
CA PHE C 301 -39.91 2.77 40.23
C PHE C 301 -40.68 1.87 41.21
N GLU C 302 -41.76 1.29 40.73
CA GLU C 302 -42.49 0.31 41.51
C GLU C 302 -41.68 -0.99 41.47
N ARG C 303 -41.33 -1.53 42.63
CA ARG C 303 -40.46 -2.69 42.67
C ARG C 303 -41.21 -3.96 43.06
N ASP C 304 -40.72 -5.10 42.57
CA ASP C 304 -41.32 -6.38 42.93
C ASP C 304 -40.74 -6.87 44.24
N GLU C 305 -41.07 -8.10 44.59
CA GLU C 305 -40.67 -8.70 45.86
C GLU C 305 -39.17 -8.78 46.00
N ASN C 306 -38.49 -8.97 44.88
CA ASN C 306 -37.04 -9.09 44.88
C ASN C 306 -36.37 -7.72 44.92
N GLY C 307 -37.16 -6.66 44.83
CA GLY C 307 -36.58 -5.34 44.83
C GLY C 307 -36.18 -4.87 43.43
N ASN C 308 -36.65 -5.55 42.39
CA ASN C 308 -36.36 -5.07 41.04
C ASN C 308 -37.52 -4.30 40.46
N PRO C 309 -37.23 -3.24 39.69
CA PRO C 309 -38.27 -2.46 39.02
C PRO C 309 -39.17 -3.38 38.19
N LYS C 310 -40.48 -3.21 38.33
CA LYS C 310 -41.42 -4.01 37.55
C LYS C 310 -41.36 -3.54 36.12
N ARG C 311 -41.71 -4.40 35.17
CA ARG C 311 -41.64 -4.01 33.77
C ARG C 311 -42.83 -4.47 32.95
N ASP C 312 -43.28 -3.61 32.05
CA ASP C 312 -44.31 -3.97 31.08
C ASP C 312 -43.69 -3.81 29.70
N GLU C 313 -43.23 -4.93 29.16
CA GLU C 313 -42.54 -4.90 27.90
C GLU C 313 -43.38 -4.59 26.68
N THR C 314 -44.70 -4.58 26.86
CA THR C 314 -45.60 -4.14 25.79
C THR C 314 -45.64 -2.62 25.72
N LEU C 315 -45.13 -1.96 26.76
CA LEU C 315 -45.12 -0.50 26.82
C LEU C 315 -46.51 0.12 26.84
N LYS C 316 -47.50 -0.60 27.38
CA LYS C 316 -48.85 -0.07 27.38
C LYS C 316 -49.31 0.39 28.75
N HIS C 317 -48.71 -0.17 29.81
CA HIS C 317 -49.10 0.20 31.17
C HIS C 317 -49.13 1.72 31.32
N PRO C 318 -50.16 2.24 31.97
CA PRO C 318 -50.34 3.69 32.07
C PRO C 318 -49.22 4.36 32.88
N ARG C 319 -48.53 3.61 33.71
CA ARG C 319 -47.43 4.21 34.47
C ARG C 319 -46.05 3.74 33.98
N CYS C 320 -46.00 3.07 32.83
CA CYS C 320 -44.69 2.70 32.34
C CYS C 320 -44.04 3.95 31.79
N VAL C 321 -42.73 3.96 31.88
CA VAL C 321 -41.92 5.08 31.41
C VAL C 321 -42.40 5.56 30.04
N PHE C 322 -42.55 4.63 29.10
CA PHE C 322 -42.98 4.99 27.74
C PHE C 322 -44.26 5.81 27.67
N GLN C 323 -45.29 5.41 28.43
CA GLN C 323 -46.54 6.14 28.43
C GLN C 323 -46.40 7.47 29.17
N ILE C 324 -45.59 7.47 30.23
CA ILE C 324 -45.35 8.69 30.99
C ILE C 324 -44.69 9.71 30.05
N MET C 325 -43.75 9.23 29.23
CA MET C 325 -43.11 10.09 28.25
C MET C 325 -44.08 10.58 27.22
N LYS C 326 -44.93 9.70 26.71
CA LYS C 326 -45.91 10.12 25.73
C LYS C 326 -46.71 11.30 26.26
N LYS C 327 -47.14 11.20 27.52
CA LYS C 327 -47.91 12.28 28.11
C LYS C 327 -47.06 13.55 28.31
N HIS C 328 -45.87 13.41 28.88
CA HIS C 328 -45.03 14.56 29.22
C HIS C 328 -44.70 15.43 28.03
N TYR C 329 -44.39 14.79 26.91
CA TYR C 329 -43.91 15.49 25.72
C TYR C 329 -44.99 16.07 24.80
N GLU C 330 -46.25 15.74 25.08
CA GLU C 330 -47.35 16.19 24.23
C GLU C 330 -47.42 17.73 24.05
N ARG C 331 -46.87 18.47 25.00
CA ARG C 331 -46.93 19.92 24.95
C ARG C 331 -45.97 20.62 23.99
N TYR C 332 -44.97 19.89 23.50
CA TYR C 332 -43.89 20.47 22.71
C TYR C 332 -44.17 20.53 21.21
N ASP C 333 -45.28 21.14 20.84
CA ASP C 333 -45.67 21.24 19.44
C ASP C 333 -44.82 22.23 18.68
N LEU C 334 -44.72 22.02 17.37
CA LEU C 334 -43.86 22.79 16.50
C LEU C 334 -44.06 24.29 16.58
N ASP C 335 -45.31 24.74 16.59
CA ASP C 335 -45.57 26.17 16.65
C ASP C 335 -44.91 26.71 17.92
N LYS C 336 -45.05 25.98 19.02
CA LYS C 336 -44.45 26.45 20.27
C LYS C 336 -42.92 26.51 20.21
N ILE C 337 -42.30 25.50 19.62
CA ILE C 337 -40.85 25.46 19.51
C ILE C 337 -40.38 26.65 18.67
N SER C 338 -41.06 26.89 17.55
CA SER C 338 -40.70 28.00 16.69
C SER C 338 -40.79 29.34 17.42
N ALA C 339 -41.87 29.53 18.18
CA ALA C 339 -42.04 30.77 18.94
C ALA C 339 -40.98 30.99 20.00
N ILE C 340 -40.59 29.92 20.68
CA ILE C 340 -39.66 30.05 21.79
C ILE C 340 -38.20 30.08 21.35
N CYS C 341 -37.86 29.28 20.33
CA CYS C 341 -36.48 29.25 19.83
C CYS C 341 -36.18 30.31 18.76
N GLY C 342 -37.20 30.82 18.09
CA GLY C 342 -36.98 31.78 17.02
C GLY C 342 -36.78 31.13 15.66
N THR C 343 -36.53 29.83 15.65
CA THR C 343 -36.29 29.05 14.43
C THR C 343 -37.55 28.88 13.60
N PRO C 344 -37.49 29.15 12.30
CA PRO C 344 -38.66 28.92 11.44
C PRO C 344 -39.18 27.49 11.56
N LYS C 345 -40.48 27.34 11.74
CA LYS C 345 -41.08 26.02 11.85
C LYS C 345 -40.64 25.05 10.73
N GLU C 346 -40.59 25.54 9.50
CA GLU C 346 -40.20 24.75 8.34
C GLU C 346 -38.80 24.16 8.48
N LEU C 347 -37.92 24.95 9.08
CA LEU C 347 -36.55 24.56 9.31
C LEU C 347 -36.46 23.53 10.42
N ILE C 348 -37.19 23.76 11.52
CA ILE C 348 -37.19 22.78 12.59
C ILE C 348 -37.66 21.45 12.02
N LEU C 349 -38.72 21.50 11.25
CA LEU C 349 -39.22 20.27 10.66
C LEU C 349 -38.18 19.60 9.78
N LYS C 350 -37.44 20.38 9.00
CA LYS C 350 -36.37 19.79 8.18
C LYS C 350 -35.37 19.03 9.04
N VAL C 351 -34.99 19.64 10.16
CA VAL C 351 -34.05 18.98 11.05
C VAL C 351 -34.65 17.71 11.66
N TYR C 352 -35.87 17.82 12.17
CA TYR C 352 -36.47 16.66 12.78
C TYR C 352 -36.57 15.50 11.78
N ASP C 353 -37.05 15.78 10.58
CA ASP C 353 -37.25 14.72 9.60
C ASP C 353 -35.93 14.06 9.21
N ALA C 354 -34.91 14.87 8.96
CA ALA C 354 -33.60 14.35 8.61
C ALA C 354 -33.04 13.53 9.75
N TYR C 355 -33.03 14.11 10.94
CA TYR C 355 -32.41 13.41 12.06
C TYR C 355 -33.16 12.15 12.48
N CYS C 356 -34.47 12.23 12.55
CA CYS C 356 -35.24 11.10 13.05
C CYS C 356 -35.31 9.93 12.08
N ALA C 357 -34.93 10.18 10.83
CA ALA C 357 -34.89 9.10 9.87
C ALA C 357 -33.83 8.06 10.31
N THR C 358 -32.97 8.41 11.28
CA THR C 358 -31.95 7.46 11.75
C THR C 358 -32.46 6.43 12.73
N GLY C 359 -33.76 6.49 13.04
CA GLY C 359 -34.38 5.50 13.91
C GLY C 359 -34.39 4.09 13.31
N LYS C 360 -34.07 3.97 12.02
CA LYS C 360 -33.98 2.65 11.39
C LYS C 360 -32.81 1.88 12.00
N PRO C 361 -33.00 0.58 12.20
CA PRO C 361 -31.97 -0.27 12.79
C PRO C 361 -30.63 -0.18 12.11
N ASP C 362 -30.60 0.02 10.80
CA ASP C 362 -29.32 0.04 10.11
C ASP C 362 -28.85 1.45 9.75
N LYS C 363 -29.47 2.44 10.37
CA LYS C 363 -29.04 3.82 10.21
C LYS C 363 -28.51 4.31 11.56
N ALA C 364 -27.67 5.35 11.51
CA ALA C 364 -27.11 5.90 12.73
C ALA C 364 -27.04 7.41 12.65
N GLY C 365 -27.51 8.08 13.69
CA GLY C 365 -27.31 9.52 13.80
C GLY C 365 -26.44 9.79 15.04
N THR C 366 -25.59 10.79 14.95
CA THR C 366 -24.76 11.17 16.10
C THR C 366 -25.02 12.60 16.48
N ILE C 367 -24.85 12.91 17.76
CA ILE C 367 -24.92 14.31 18.21
C ILE C 367 -23.53 14.70 18.69
N MET C 368 -23.00 15.82 18.17
CA MET C 368 -21.74 16.33 18.66
C MET C 368 -22.04 17.61 19.44
N TYR C 369 -21.69 17.60 20.70
CA TYR C 369 -21.91 18.74 21.56
C TYR C 369 -20.74 18.77 22.48
C TYR C 369 -20.73 18.81 22.50
N ALA C 370 -20.38 19.97 22.93
N ALA C 370 -20.35 20.01 22.90
CA ALA C 370 -19.21 20.10 23.75
CA ALA C 370 -19.15 20.17 23.72
C ALA C 370 -19.55 20.67 25.11
C ALA C 370 -19.36 20.91 25.04
N MET C 371 -19.32 21.97 25.25
N MET C 371 -19.32 22.23 25.01
CA MET C 371 -19.46 22.64 26.53
CA MET C 371 -19.52 23.00 26.24
C MET C 371 -20.89 22.76 27.01
C MET C 371 -20.80 23.78 26.18
N GLY C 372 -21.73 23.39 26.19
N GLY C 372 -21.89 23.08 26.41
CA GLY C 372 -23.10 23.67 26.53
CA GLY C 372 -23.18 23.73 26.48
C GLY C 372 -23.09 24.76 27.59
C GLY C 372 -23.10 24.78 27.57
N TRP C 373 -24.24 25.04 28.18
CA TRP C 373 -24.32 26.02 29.25
C TRP C 373 -23.65 25.47 30.50
N THR C 374 -22.97 26.35 31.23
CA THR C 374 -22.28 25.91 32.45
C THR C 374 -23.17 25.80 33.68
N GLN C 375 -24.33 26.45 33.64
CA GLN C 375 -25.34 26.34 34.69
C GLN C 375 -25.92 24.94 34.63
N HIS C 376 -25.75 24.14 35.68
CA HIS C 376 -26.34 22.80 35.60
C HIS C 376 -27.88 22.88 35.40
N THR C 377 -28.52 23.95 35.88
CA THR C 377 -29.97 24.11 35.79
C THR C 377 -30.44 24.34 34.37
N VAL C 378 -29.49 24.45 33.44
CA VAL C 378 -29.81 24.53 32.02
C VAL C 378 -29.19 23.32 31.29
N GLY C 379 -27.90 23.11 31.54
CA GLY C 379 -27.10 22.10 30.86
C GLY C 379 -27.41 20.63 31.04
N VAL C 380 -27.62 20.20 32.29
CA VAL C 380 -27.92 18.80 32.53
C VAL C 380 -29.12 18.30 31.73
N GLN C 381 -30.24 19.00 31.80
CA GLN C 381 -31.43 18.49 31.12
C GLN C 381 -31.35 18.57 29.59
N ASN C 382 -30.55 19.49 29.09
CA ASN C 382 -30.30 19.58 27.66
CA ASN C 382 -30.31 19.55 27.66
C ASN C 382 -29.62 18.28 27.20
N ILE C 383 -28.58 17.88 27.91
CA ILE C 383 -27.86 16.65 27.58
C ILE C 383 -28.73 15.41 27.80
N ARG C 384 -29.59 15.45 28.82
CA ARG C 384 -30.51 14.34 29.04
C ARG C 384 -31.47 14.22 27.83
N ALA C 385 -32.01 15.35 27.38
CA ALA C 385 -32.87 15.37 26.20
C ALA C 385 -32.16 14.73 24.98
N MET C 386 -30.92 15.13 24.72
CA MET C 386 -30.19 14.57 23.58
C MET C 386 -30.03 13.05 23.78
N SER C 387 -29.66 12.67 25.01
CA SER C 387 -29.42 11.26 25.33
C SER C 387 -30.67 10.40 25.17
N ILE C 388 -31.81 10.98 25.49
CA ILE C 388 -33.09 10.30 25.36
C ILE C 388 -33.42 10.07 23.89
N ASN C 389 -33.28 11.11 23.07
CA ASN C 389 -33.58 10.97 21.65
C ASN C 389 -32.66 9.91 21.03
N GLN C 390 -31.42 9.85 21.48
CA GLN C 390 -30.51 8.88 20.93
C GLN C 390 -30.92 7.47 21.31
N LEU C 391 -31.47 7.29 22.51
CA LEU C 391 -31.93 5.95 22.89
C LEU C 391 -33.20 5.57 22.12
N LEU C 392 -34.12 6.53 21.95
CA LEU C 392 -35.34 6.23 21.20
C LEU C 392 -35.03 5.78 19.78
N LEU C 393 -33.99 6.37 19.18
CA LEU C 393 -33.62 6.06 17.81
C LEU C 393 -32.65 4.91 17.64
N GLY C 394 -32.37 4.17 18.71
CA GLY C 394 -31.42 3.08 18.68
C GLY C 394 -30.03 3.52 18.22
N ASN C 395 -29.61 4.71 18.63
CA ASN C 395 -28.33 5.24 18.23
C ASN C 395 -27.17 5.07 19.19
N ILE C 396 -27.42 4.46 20.35
CA ILE C 396 -26.34 4.30 21.32
C ILE C 396 -25.73 2.90 21.20
N GLY C 397 -24.40 2.83 21.13
CA GLY C 397 -23.66 1.60 20.95
C GLY C 397 -23.34 1.23 19.50
N VAL C 398 -23.86 2.01 18.54
CA VAL C 398 -23.71 1.65 17.12
C VAL C 398 -22.68 2.51 16.41
N ALA C 399 -22.13 1.98 15.33
CA ALA C 399 -21.15 2.69 14.52
C ALA C 399 -21.84 3.90 13.91
N GLY C 400 -21.21 5.05 14.08
CA GLY C 400 -21.75 6.29 13.58
C GLY C 400 -22.82 6.89 14.46
N GLY C 401 -23.10 6.29 15.62
CA GLY C 401 -24.11 6.85 16.49
C GLY C 401 -23.48 7.54 17.68
N GLY C 402 -24.14 7.43 18.84
CA GLY C 402 -23.56 7.84 20.12
C GLY C 402 -23.87 9.26 20.54
N VAL C 403 -23.54 9.58 21.80
CA VAL C 403 -23.54 10.95 22.20
C VAL C 403 -22.05 11.28 22.25
N ASN C 404 -21.58 11.98 21.24
CA ASN C 404 -20.18 12.37 21.16
C ASN C 404 -20.02 13.71 21.88
N ALA C 405 -19.97 13.60 23.19
CA ALA C 405 -19.78 14.73 24.08
C ALA C 405 -18.30 15.00 24.02
N LEU C 406 -17.92 15.95 23.19
CA LEU C 406 -16.54 16.26 22.87
C LEU C 406 -15.82 16.83 24.10
N ARG C 407 -14.70 16.21 24.45
CA ARG C 407 -13.85 16.67 25.54
C ARG C 407 -13.18 17.97 25.10
N GLY C 408 -12.80 18.78 26.07
CA GLY C 408 -12.12 20.03 25.82
C GLY C 408 -10.63 19.89 25.57
N GLU C 409 -9.85 19.86 26.65
CA GLU C 409 -8.40 19.77 26.54
C GLU C 409 -7.92 18.38 26.14
N ALA C 410 -6.71 18.32 25.61
CA ALA C 410 -6.11 17.08 25.15
C ALA C 410 -6.14 16.00 26.24
N ASN C 411 -6.06 16.38 27.50
CA ASN C 411 -6.09 15.36 28.53
C ASN C 411 -7.10 15.65 29.64
N VAL C 412 -8.12 16.43 29.31
CA VAL C 412 -9.16 16.63 30.33
C VAL C 412 -9.84 15.28 30.67
N GLN C 413 -9.84 14.34 29.73
CA GLN C 413 -10.41 13.02 30.01
C GLN C 413 -9.58 12.38 31.11
N GLY C 414 -8.26 12.43 30.97
CA GLY C 414 -7.36 11.85 31.97
C GLY C 414 -7.35 12.57 33.32
N SER C 415 -7.36 13.90 33.31
CA SER C 415 -7.38 14.67 34.54
C SER C 415 -8.66 14.37 35.32
N THR C 416 -9.74 14.14 34.60
CA THR C 416 -10.96 13.74 35.26
C THR C 416 -10.84 12.30 35.72
N ASP C 417 -10.35 11.44 34.84
CA ASP C 417 -10.21 10.04 35.24
C ASP C 417 -9.31 9.97 36.47
N HIS C 418 -8.40 10.92 36.61
CA HIS C 418 -7.44 10.87 37.70
C HIS C 418 -7.86 11.71 38.90
N GLY C 419 -9.15 11.98 38.99
CA GLY C 419 -9.71 12.55 40.20
C GLY C 419 -9.21 13.91 40.65
N LEU C 420 -8.93 14.78 39.70
CA LEU C 420 -8.57 16.14 40.05
C LEU C 420 -9.83 17.02 40.27
N LEU C 421 -10.83 16.42 40.93
CA LEU C 421 -12.08 17.10 41.29
C LEU C 421 -12.41 16.76 42.75
N MET C 422 -13.12 17.66 43.43
CA MET C 422 -13.29 17.52 44.87
C MET C 422 -14.13 16.35 45.28
N HIS C 423 -15.03 15.94 44.39
CA HIS C 423 -16.00 14.89 44.74
C HIS C 423 -15.60 13.48 44.35
N ILE C 424 -14.52 13.32 43.58
CA ILE C 424 -14.06 11.97 43.19
C ILE C 424 -12.56 11.74 43.31
N TYR C 425 -12.20 10.51 43.66
CA TYR C 425 -10.81 10.04 43.62
C TYR C 425 -10.67 9.51 42.21
N PRO C 426 -9.45 9.22 41.79
CA PRO C 426 -9.21 8.55 40.52
C PRO C 426 -10.13 7.34 40.38
N GLY C 427 -10.69 7.21 39.20
CA GLY C 427 -11.56 6.08 38.91
C GLY C 427 -13.02 6.33 39.29
N TYR C 428 -13.40 7.59 39.44
CA TYR C 428 -14.78 7.92 39.77
C TYR C 428 -15.29 7.32 41.09
N LEU C 429 -14.45 7.31 42.11
CA LEU C 429 -14.82 6.76 43.40
C LEU C 429 -15.12 7.96 44.25
N GLY C 430 -16.32 8.04 44.80
CA GLY C 430 -16.70 9.21 45.59
C GLY C 430 -15.74 9.50 46.72
N THR C 431 -15.45 10.77 46.96
CA THR C 431 -14.56 11.11 48.05
C THR C 431 -15.18 10.96 49.42
N ALA C 432 -14.31 10.72 50.40
CA ALA C 432 -14.73 10.54 51.77
C ALA C 432 -15.37 11.81 52.34
N ARG C 433 -16.41 11.61 53.15
CA ARG C 433 -17.09 12.70 53.85
C ARG C 433 -17.10 12.46 55.36
N ALA C 434 -17.34 13.55 56.10
CA ALA C 434 -17.21 13.52 57.56
C ALA C 434 -18.07 12.46 58.23
N SER C 435 -19.25 12.22 57.67
CA SER C 435 -20.17 11.27 58.30
C SER C 435 -19.98 9.84 57.79
N ILE C 436 -18.82 9.57 57.20
CA ILE C 436 -18.42 8.23 56.77
C ILE C 436 -17.09 7.93 57.49
N PRO C 437 -17.18 7.58 58.78
CA PRO C 437 -16.01 7.45 59.64
C PRO C 437 -15.16 6.20 59.42
N THR C 438 -15.71 5.13 58.84
CA THR C 438 -14.92 3.92 58.64
C THR C 438 -14.98 3.45 57.22
N TYR C 439 -13.94 2.70 56.86
CA TYR C 439 -13.81 2.16 55.52
C TYR C 439 -14.96 1.24 55.16
N GLU C 440 -15.47 0.47 56.13
CA GLU C 440 -16.59 -0.41 55.88
C GLU C 440 -17.84 0.39 55.54
N GLU C 441 -18.01 1.54 56.17
CA GLU C 441 -19.18 2.33 55.83
C GLU C 441 -18.97 2.95 54.44
N TYR C 442 -17.72 3.28 54.14
CA TYR C 442 -17.38 3.87 52.84
C TYR C 442 -17.73 2.89 51.72
N THR C 443 -17.25 1.64 51.83
CA THR C 443 -17.57 0.70 50.76
C THR C 443 -19.04 0.35 50.73
N LYS C 444 -19.69 0.27 51.89
CA LYS C 444 -21.11 -0.04 51.86
C LYS C 444 -21.89 1.05 51.15
N LYS C 445 -21.48 2.30 51.35
CA LYS C 445 -22.19 3.39 50.73
C LYS C 445 -22.10 3.37 49.21
N PHE C 446 -20.90 3.15 48.70
CA PHE C 446 -20.69 3.27 47.25
C PHE C 446 -20.82 2.00 46.43
N THR C 447 -21.29 0.93 47.06
CA THR C 447 -21.43 -0.32 46.32
C THR C 447 -22.91 -0.66 46.10
N PRO C 448 -23.36 -0.52 44.86
CA PRO C 448 -24.77 -0.73 44.48
C PRO C 448 -25.11 -2.19 44.50
N VAL C 449 -26.35 -2.47 44.83
CA VAL C 449 -26.84 -3.82 44.94
C VAL C 449 -27.99 -4.04 43.97
N SER C 450 -27.97 -5.18 43.28
CA SER C 450 -29.08 -5.56 42.42
C SER C 450 -29.27 -7.08 42.58
N LYS C 451 -30.50 -7.51 42.82
CA LYS C 451 -30.73 -8.94 42.97
C LYS C 451 -31.22 -9.53 41.67
N ASP C 452 -30.93 -8.86 40.57
CA ASP C 452 -31.32 -9.34 39.27
C ASP C 452 -30.10 -10.00 38.62
N PRO C 453 -30.16 -11.31 38.40
CA PRO C 453 -28.99 -12.06 37.90
C PRO C 453 -28.72 -11.76 36.45
N GLN C 454 -29.66 -11.15 35.74
CA GLN C 454 -29.41 -10.80 34.35
C GLN C 454 -28.72 -9.44 34.26
N SER C 455 -28.55 -8.79 35.39
CA SER C 455 -27.89 -7.48 35.40
C SER C 455 -26.43 -7.58 35.82
N ALA C 456 -25.52 -7.14 34.94
CA ALA C 456 -24.09 -7.13 35.28
C ALA C 456 -23.81 -6.28 36.53
N ASN C 457 -24.49 -5.13 36.63
CA ASN C 457 -24.33 -4.18 37.75
C ASN C 457 -22.86 -4.06 38.14
N TRP C 458 -22.06 -3.62 37.18
CA TRP C 458 -20.61 -3.63 37.30
C TRP C 458 -20.03 -2.91 38.52
N TRP C 459 -20.69 -1.84 38.98
CA TRP C 459 -20.20 -1.13 40.16
C TRP C 459 -20.24 -1.97 41.45
N SER C 460 -20.85 -3.14 41.40
CA SER C 460 -20.80 -4.06 42.53
C SER C 460 -19.33 -4.37 42.85
N ASN C 461 -18.46 -4.17 41.87
CA ASN C 461 -17.02 -4.34 42.08
C ASN C 461 -16.32 -3.17 42.81
N PHE C 462 -17.08 -2.13 43.15
CA PHE C 462 -16.52 -0.99 43.91
C PHE C 462 -15.39 -1.26 44.93
N PRO C 463 -15.58 -2.19 45.86
CA PRO C 463 -14.60 -2.41 46.92
C PRO C 463 -13.23 -2.84 46.42
N LYS C 464 -13.19 -3.49 45.27
CA LYS C 464 -11.93 -3.86 44.66
C LYS C 464 -11.17 -2.62 44.23
N TYR C 465 -11.91 -1.61 43.77
CA TYR C 465 -11.32 -0.39 43.25
C TYR C 465 -10.87 0.56 44.37
N SER C 466 -11.69 0.72 45.40
CA SER C 466 -11.32 1.54 46.52
C SER C 466 -10.12 0.92 47.24
N ALA C 467 -10.11 -0.39 47.42
CA ALA C 467 -8.96 -1.01 48.08
C ALA C 467 -7.67 -0.79 47.27
N SER C 468 -7.78 -0.99 45.97
CA SER C 468 -6.63 -0.85 45.07
C SER C 468 -6.13 0.58 45.00
N TYR C 469 -7.04 1.55 44.98
CA TYR C 469 -6.62 2.95 45.01
C TYR C 469 -5.86 3.30 46.28
N ILE C 470 -6.46 2.96 47.42
CA ILE C 470 -5.86 3.24 48.72
C ILE C 470 -4.47 2.60 48.88
N LYS C 471 -4.34 1.34 48.46
CA LYS C 471 -3.07 0.67 48.52
C LYS C 471 -2.04 1.28 47.55
N SER C 472 -2.50 1.82 46.43
CA SER C 472 -1.57 2.46 45.50
C SER C 472 -0.85 3.62 46.21
N MET C 473 -1.45 4.17 47.24
CA MET C 473 -0.91 5.34 47.93
C MET C 473 -0.23 5.01 49.24
N TRP C 474 -0.85 4.11 50.01
CA TRP C 474 -0.32 3.72 51.29
C TRP C 474 -0.31 2.19 51.32
N PRO C 475 0.61 1.61 50.55
CA PRO C 475 0.63 0.16 50.34
C PRO C 475 0.90 -0.63 51.61
N ASP C 476 1.55 0.02 52.57
CA ASP C 476 1.93 -0.72 53.77
C ASP C 476 0.98 -0.53 54.93
N ALA C 477 -0.02 0.31 54.76
CA ALA C 477 -1.00 0.52 55.82
C ALA C 477 -2.14 -0.46 55.62
N ASP C 478 -2.84 -0.80 56.70
CA ASP C 478 -4.02 -1.61 56.45
C ASP C 478 -5.10 -0.66 55.94
N LEU C 479 -6.10 -1.21 55.29
CA LEU C 479 -7.13 -0.38 54.68
C LEU C 479 -7.88 0.52 55.64
N ASN C 480 -8.15 0.04 56.86
CA ASN C 480 -8.93 0.85 57.78
C ASN C 480 -8.12 2.04 58.16
N GLU C 481 -6.86 1.75 58.47
CA GLU C 481 -5.85 2.72 58.84
C GLU C 481 -5.70 3.75 57.70
N ALA C 482 -5.37 3.27 56.51
CA ALA C 482 -5.17 4.16 55.36
C ALA C 482 -6.42 4.96 54.99
N TYR C 483 -7.60 4.35 55.14
CA TYR C 483 -8.84 5.09 54.88
C TYR C 483 -8.92 6.34 55.75
N GLY C 484 -8.46 6.23 56.98
CA GLY C 484 -8.45 7.36 57.90
C GLY C 484 -7.49 8.46 57.48
N TYR C 485 -6.55 8.16 56.59
CA TYR C 485 -5.56 9.14 56.09
C TYR C 485 -6.13 10.05 55.01
N LEU C 486 -7.24 9.65 54.41
CA LEU C 486 -7.87 10.46 53.39
C LEU C 486 -8.64 11.59 54.05
N PRO C 487 -8.46 12.83 53.61
CA PRO C 487 -9.19 13.93 54.24
C PRO C 487 -10.69 13.79 53.95
N LYS C 488 -11.50 14.13 54.94
CA LYS C 488 -12.94 14.03 54.79
C LYS C 488 -13.59 15.42 54.70
N GLY C 489 -14.39 15.63 53.67
CA GLY C 489 -15.05 16.91 53.51
C GLY C 489 -16.16 17.06 54.51
N GLU C 490 -16.39 18.27 54.96
CA GLU C 490 -17.50 18.57 55.83
C GLU C 490 -18.78 18.15 55.13
N ASP C 491 -19.73 17.62 55.90
CA ASP C 491 -20.95 17.15 55.31
C ASP C 491 -21.70 18.32 54.66
N GLY C 492 -22.12 18.12 53.43
CA GLY C 492 -22.93 19.10 52.71
C GLY C 492 -22.15 20.27 52.16
N LYS C 493 -20.84 20.30 52.39
CA LYS C 493 -20.03 21.42 51.94
C LYS C 493 -19.47 21.23 50.52
N ASP C 494 -19.65 22.24 49.67
CA ASP C 494 -19.14 22.18 48.31
C ASP C 494 -17.71 22.74 48.32
N TYR C 495 -16.76 21.97 47.80
CA TYR C 495 -15.37 22.42 47.69
C TYR C 495 -14.94 22.57 46.22
N SER C 496 -15.89 22.78 45.32
CA SER C 496 -15.51 22.87 43.91
C SER C 496 -15.21 24.30 43.53
N TRP C 497 -14.84 24.47 42.27
CA TRP C 497 -14.54 25.79 41.70
C TRP C 497 -15.74 26.70 41.95
N LEU C 498 -16.89 26.08 42.13
CA LEU C 498 -18.07 26.85 42.39
C LEU C 498 -17.92 27.80 43.58
N THR C 499 -17.25 27.35 44.65
CA THR C 499 -17.11 28.06 45.94
C THR C 499 -15.67 28.32 46.38
N LEU C 500 -14.72 27.59 45.79
CA LEU C 500 -13.29 27.73 46.11
C LEU C 500 -12.94 29.22 46.08
N PHE C 501 -13.25 29.90 44.98
CA PHE C 501 -12.87 31.31 44.88
C PHE C 501 -13.62 32.27 45.80
N ASP C 502 -14.89 31.99 46.07
CA ASP C 502 -15.60 32.82 47.03
C ASP C 502 -14.99 32.62 48.43
N ASP C 503 -14.68 31.38 48.79
CA ASP C 503 -14.04 31.10 50.08
C ASP C 503 -12.69 31.82 50.16
N MET C 504 -11.96 31.83 49.05
CA MET C 504 -10.71 32.56 48.96
C MET C 504 -10.94 34.06 49.18
N PHE C 505 -11.98 34.58 48.56
CA PHE C 505 -12.28 36.00 48.71
C PHE C 505 -12.59 36.30 50.17
N GLN C 506 -13.24 35.35 50.84
CA GLN C 506 -13.61 35.54 52.26
C GLN C 506 -12.48 35.22 53.25
N GLY C 507 -11.30 34.91 52.72
CA GLY C 507 -10.12 34.72 53.53
C GLY C 507 -9.87 33.32 54.05
N LYS C 508 -10.64 32.37 53.55
CA LYS C 508 -10.53 31.01 54.05
C LYS C 508 -9.35 30.20 53.55
N ILE C 509 -8.75 30.65 52.45
CA ILE C 509 -7.67 29.91 51.81
C ILE C 509 -6.38 30.68 51.96
N LYS C 510 -5.40 30.06 52.61
CA LYS C 510 -4.13 30.72 52.85
C LYS C 510 -3.11 30.47 51.74
N GLY C 511 -3.07 29.26 51.23
CA GLY C 511 -2.15 28.92 50.16
C GLY C 511 -2.90 28.31 48.99
N PHE C 512 -2.40 28.55 47.78
CA PHE C 512 -3.08 28.16 46.56
C PHE C 512 -2.11 27.70 45.48
N PHE C 513 -2.38 26.55 44.90
CA PHE C 513 -1.66 26.11 43.75
C PHE C 513 -2.48 26.46 42.50
N ALA C 514 -1.95 27.33 41.63
CA ALA C 514 -2.55 27.52 40.31
C ALA C 514 -1.62 26.73 39.40
N TRP C 515 -1.88 25.44 39.31
CA TRP C 515 -0.97 24.51 38.63
C TRP C 515 -1.44 24.24 37.20
N GLY C 516 -0.89 24.96 36.22
CA GLY C 516 -1.32 24.80 34.83
C GLY C 516 -2.70 25.32 34.50
N GLN C 517 -3.16 26.36 35.21
CA GLN C 517 -4.42 27.05 34.86
C GLN C 517 -4.21 28.52 35.11
N ASN C 518 -5.11 29.32 34.53
CA ASN C 518 -5.01 30.75 34.56
C ASN C 518 -6.35 31.33 35.01
N PRO C 519 -6.75 31.03 36.25
CA PRO C 519 -8.07 31.47 36.72
C PRO C 519 -8.26 32.99 36.73
N ALA C 520 -7.18 33.77 36.64
CA ALA C 520 -7.33 35.23 36.58
C ALA C 520 -7.99 35.65 35.26
N CYS C 521 -8.08 34.69 34.35
CA CYS C 521 -8.78 34.93 33.11
C CYS C 521 -9.94 33.97 32.91
N SER C 522 -9.80 32.73 33.40
CA SER C 522 -10.83 31.72 33.15
C SER C 522 -11.99 31.65 34.13
N GLY C 523 -11.83 32.21 35.33
CA GLY C 523 -12.88 32.18 36.33
C GLY C 523 -13.88 33.29 36.05
N ALA C 524 -15.12 33.12 36.48
CA ALA C 524 -16.11 34.15 36.31
C ALA C 524 -15.72 35.44 37.04
N ASN C 525 -16.19 36.57 36.55
CA ASN C 525 -15.99 37.84 37.24
C ASN C 525 -14.50 38.06 37.53
N SER C 526 -13.71 38.24 36.47
CA SER C 526 -12.28 38.43 36.60
C SER C 526 -11.82 39.50 37.60
N ASN C 527 -12.50 40.64 37.65
CA ASN C 527 -12.11 41.68 38.59
C ASN C 527 -12.11 41.16 40.02
N LYS C 528 -13.18 40.45 40.37
CA LYS C 528 -13.35 39.95 41.74
C LYS C 528 -12.42 38.76 41.99
N THR C 529 -12.30 37.87 41.00
CA THR C 529 -11.38 36.76 41.08
C THR C 529 -9.94 37.24 41.32
N ARG C 530 -9.53 38.27 40.58
CA ARG C 530 -8.21 38.88 40.78
C ARG C 530 -8.09 39.44 42.18
N GLU C 531 -9.16 40.07 42.66
CA GLU C 531 -9.20 40.59 44.03
C GLU C 531 -9.05 39.43 45.03
N ALA C 532 -9.72 38.32 44.75
CA ALA C 532 -9.70 37.14 45.63
C ALA C 532 -8.28 36.61 45.84
N LEU C 533 -7.46 36.73 44.81
CA LEU C 533 -6.09 36.25 44.88
C LEU C 533 -5.27 37.06 45.87
N THR C 534 -5.64 38.32 46.10
CA THR C 534 -4.90 39.18 47.02
C THR C 534 -5.07 38.71 48.43
N LYS C 535 -6.06 37.86 48.65
CA LYS C 535 -6.36 37.35 49.98
C LYS C 535 -5.42 36.21 50.40
N LEU C 536 -4.68 35.66 49.43
CA LEU C 536 -3.78 34.55 49.71
C LEU C 536 -2.51 34.97 50.44
N ASP C 537 -1.98 34.12 51.32
CA ASP C 537 -0.65 34.40 51.89
C ASP C 537 0.37 34.04 50.81
N TRP C 538 0.15 32.92 50.13
CA TRP C 538 1.05 32.51 49.06
C TRP C 538 0.36 31.77 47.92
N MET C 539 0.95 31.89 46.73
CA MET C 539 0.48 31.14 45.60
C MET C 539 1.67 30.53 44.90
N VAL C 540 1.53 29.27 44.49
CA VAL C 540 2.51 28.62 43.65
C VAL C 540 1.87 28.50 42.27
N ASN C 541 2.49 29.10 41.27
CA ASN C 541 1.97 29.07 39.91
C ASN C 541 2.96 28.32 39.04
N VAL C 542 2.50 27.23 38.41
CA VAL C 542 3.35 26.43 37.54
C VAL C 542 2.82 26.60 36.14
N ASN C 543 3.62 27.18 35.26
CA ASN C 543 3.14 27.40 33.89
C ASN C 543 4.30 27.61 32.94
N ILE C 544 3.95 27.63 31.65
CA ILE C 544 4.94 27.79 30.59
C ILE C 544 5.41 29.21 30.48
N PHE C 545 4.48 30.14 30.69
CA PHE C 545 4.71 31.56 30.52
C PHE C 545 4.28 32.35 31.76
N ASP C 546 4.89 33.51 31.99
CA ASP C 546 4.35 34.44 32.98
C ASP C 546 2.93 34.75 32.46
N ASN C 547 2.02 35.10 33.35
CA ASN C 547 0.63 35.16 32.97
C ASN C 547 -0.19 35.98 33.95
N GLU C 548 -1.46 36.17 33.61
CA GLU C 548 -2.39 37.02 34.36
C GLU C 548 -2.58 36.54 35.82
N THR C 549 -2.41 35.23 36.01
CA THR C 549 -2.58 34.64 37.34
C THR C 549 -1.32 34.82 38.21
N GLY C 550 -0.18 34.29 37.75
CA GLY C 550 1.07 34.46 38.46
C GLY C 550 1.46 35.92 38.69
N SER C 551 1.14 36.81 37.74
CA SER C 551 1.44 38.24 37.89
C SER C 551 0.21 39.10 38.21
N PHE C 552 -0.80 38.48 38.84
CA PHE C 552 -2.03 39.20 39.19
C PHE C 552 -1.75 40.44 40.02
N TRP C 553 -0.71 40.37 40.84
CA TRP C 553 -0.32 41.48 41.73
C TRP C 553 0.15 42.76 41.00
N ARG C 554 0.40 42.67 39.69
CA ARG C 554 0.79 43.85 38.92
C ARG C 554 -0.16 44.05 37.77
N GLY C 555 -1.36 43.50 37.90
CA GLY C 555 -2.40 43.57 36.88
C GLY C 555 -3.16 44.88 36.94
N PRO C 556 -4.21 45.00 36.13
CA PRO C 556 -4.98 46.26 36.04
C PRO C 556 -5.51 46.72 37.39
N ASP C 557 -5.30 48.00 37.67
CA ASP C 557 -5.83 48.64 38.88
C ASP C 557 -5.23 48.07 40.17
N MET C 558 -4.15 47.30 40.08
CA MET C 558 -3.58 46.74 41.29
C MET C 558 -2.45 47.60 41.81
N ASP C 559 -2.44 47.82 43.11
CA ASP C 559 -1.33 48.49 43.76
C ASP C 559 -0.56 47.37 44.46
N PRO C 560 0.60 47.00 43.92
CA PRO C 560 1.38 45.90 44.46
C PRO C 560 1.80 46.13 45.91
N LYS C 561 2.00 47.39 46.30
CA LYS C 561 2.37 47.68 47.67
C LYS C 561 1.28 47.21 48.63
N LYS C 562 0.04 47.19 48.17
CA LYS C 562 -1.05 46.79 49.06
C LYS C 562 -1.39 45.30 48.98
N ILE C 563 -0.62 44.54 48.20
CA ILE C 563 -0.87 43.11 48.05
C ILE C 563 0.17 42.24 48.76
N LYS C 564 -0.27 41.52 49.79
CA LYS C 564 0.59 40.75 50.66
C LYS C 564 1.12 39.45 50.09
N THR C 565 0.45 38.94 49.06
CA THR C 565 0.71 37.61 48.53
C THR C 565 2.12 37.31 48.04
N GLU C 566 2.70 36.26 48.59
CA GLU C 566 3.96 35.75 48.09
C GLU C 566 3.67 34.86 46.88
N VAL C 567 4.34 35.08 45.75
CA VAL C 567 4.11 34.24 44.58
C VAL C 567 5.38 33.55 44.12
N PHE C 568 5.27 32.25 43.91
CA PHE C 568 6.36 31.43 43.41
C PHE C 568 5.98 30.97 42.01
N PHE C 569 6.69 31.47 41.01
CA PHE C 569 6.42 31.05 39.64
C PHE C 569 7.48 30.05 39.21
N LEU C 570 7.04 28.88 38.79
CA LEU C 570 7.89 27.79 38.39
C LEU C 570 7.66 27.46 36.91
N PRO C 571 8.59 27.81 36.05
CA PRO C 571 8.46 27.53 34.60
C PRO C 571 8.54 26.07 34.28
N CYS C 572 7.60 25.57 33.50
CA CYS C 572 7.53 24.13 33.25
C CYS C 572 7.86 23.79 31.82
N ALA C 573 8.05 22.51 31.57
CA ALA C 573 8.29 22.01 30.22
C ALA C 573 6.99 22.01 29.38
N VAL C 574 7.14 21.97 28.06
CA VAL C 574 5.97 21.87 27.17
C VAL C 574 5.84 20.41 26.73
N ALA C 575 4.69 20.06 26.18
CA ALA C 575 4.39 18.67 25.88
C ALA C 575 5.45 17.92 25.08
N ILE C 576 6.03 18.53 24.06
CA ILE C 576 7.01 17.80 23.26
C ILE C 576 8.34 17.57 23.99
N GLU C 577 8.46 18.11 25.20
CA GLU C 577 9.65 18.00 26.02
C GLU C 577 9.43 17.00 27.16
N LYS C 578 8.32 16.25 27.07
CA LYS C 578 7.85 15.32 28.11
C LYS C 578 7.50 13.96 27.59
N GLU C 579 7.67 12.96 28.46
CA GLU C 579 7.27 11.60 28.15
C GLU C 579 6.19 11.15 29.16
N GLY C 580 5.05 10.71 28.63
CA GLY C 580 3.95 10.29 29.47
C GLY C 580 2.78 10.00 28.54
N SER C 581 1.57 9.86 29.11
CA SER C 581 0.38 9.60 28.29
C SER C 581 -0.67 10.68 28.47
N ILE C 582 -1.50 10.83 27.44
CA ILE C 582 -2.70 11.66 27.54
C ILE C 582 -3.84 10.88 26.90
N SER C 583 -5.02 11.03 27.48
CA SER C 583 -6.22 10.37 26.98
C SER C 583 -7.16 11.34 26.23
N ASN C 584 -7.41 11.03 24.96
CA ASN C 584 -8.26 11.87 24.11
C ASN C 584 -9.77 11.72 24.34
N SER C 585 -10.56 12.45 23.55
CA SER C 585 -11.99 12.41 23.77
C SER C 585 -12.58 11.01 23.62
N GLY C 586 -11.97 10.18 22.76
CA GLY C 586 -12.43 8.83 22.51
C GLY C 586 -11.91 7.84 23.53
N ARG C 587 -11.32 8.33 24.61
CA ARG C 587 -10.72 7.53 25.67
C ARG C 587 -9.45 6.79 25.18
N TRP C 588 -8.88 7.24 24.06
CA TRP C 588 -7.61 6.65 23.62
C TRP C 588 -6.46 7.23 24.46
N MET C 589 -5.81 6.35 25.23
CA MET C 589 -4.64 6.72 26.02
C MET C 589 -3.42 6.58 25.11
N GLN C 590 -2.75 7.69 24.81
CA GLN C 590 -1.64 7.65 23.86
C GLN C 590 -0.32 8.06 24.51
N TRP C 591 0.69 7.23 24.32
CA TRP C 591 2.02 7.51 24.88
C TRP C 591 2.84 8.50 24.00
N ARG C 592 3.48 9.46 24.66
CA ARG C 592 4.23 10.53 23.99
C ARG C 592 5.66 10.48 24.51
N TYR C 593 6.60 10.97 23.70
CA TYR C 593 8.03 10.88 24.03
C TYR C 593 8.71 12.23 24.01
N VAL C 594 9.82 12.31 24.71
CA VAL C 594 10.57 13.55 24.72
C VAL C 594 11.25 13.76 23.36
N GLY C 595 11.03 14.94 22.77
CA GLY C 595 11.71 15.34 21.56
C GLY C 595 12.88 16.20 22.01
N PRO C 596 12.71 17.53 21.99
CA PRO C 596 13.73 18.39 22.59
C PRO C 596 13.74 18.23 24.12
N GLU C 597 14.86 18.53 24.77
CA GLU C 597 14.90 18.49 26.24
C GLU C 597 14.06 19.67 26.79
N PRO C 598 13.62 19.61 28.04
CA PRO C 598 12.96 20.77 28.65
C PRO C 598 13.91 21.96 28.50
N ARG C 599 13.39 23.04 27.93
CA ARG C 599 14.14 24.24 27.63
C ARG C 599 14.75 24.80 28.89
N LYS C 600 16.05 25.06 28.88
CA LYS C 600 16.74 25.52 30.10
C LYS C 600 16.07 26.78 30.69
N ASN C 601 15.76 26.80 31.99
CA ASN C 601 15.96 25.74 32.96
C ASN C 601 14.61 25.24 33.47
N ALA C 602 13.68 25.06 32.56
CA ALA C 602 12.33 24.61 32.91
C ALA C 602 12.35 23.18 33.41
N ILE C 603 11.38 22.81 34.24
CA ILE C 603 11.25 21.44 34.73
C ILE C 603 9.83 20.91 34.46
N PRO C 604 9.72 19.67 33.99
CA PRO C 604 8.40 19.06 33.77
C PRO C 604 7.64 18.96 35.09
N ASP C 605 6.31 19.01 35.00
CA ASP C 605 5.50 18.95 36.19
C ASP C 605 5.78 17.75 37.07
N GLY C 606 5.94 16.57 36.46
CA GLY C 606 6.15 15.36 37.24
C GLY C 606 7.33 15.46 38.18
N ASP C 607 8.42 16.03 37.69
CA ASP C 607 9.56 16.24 38.58
C ASP C 607 9.35 17.33 39.59
N LEU C 608 8.64 18.38 39.22
CA LEU C 608 8.32 19.37 40.21
C LEU C 608 7.52 18.75 41.36
N ILE C 609 6.52 17.92 41.03
CA ILE C 609 5.67 17.29 42.06
C ILE C 609 6.54 16.35 42.91
N VAL C 610 7.36 15.56 42.24
CA VAL C 610 8.27 14.69 42.95
C VAL C 610 9.16 15.49 43.90
N GLU C 611 9.74 16.58 43.43
CA GLU C 611 10.63 17.34 44.30
C GLU C 611 9.92 17.93 45.51
N LEU C 612 8.75 18.51 45.27
CA LEU C 612 7.99 19.08 46.38
C LEU C 612 7.52 18.01 47.35
N ALA C 613 7.07 16.87 46.85
CA ALA C 613 6.53 15.83 47.71
C ALA C 613 7.60 15.30 48.64
N LYS C 614 8.78 15.00 48.07
CA LYS C 614 9.90 14.49 48.86
C LYS C 614 10.37 15.48 49.89
N ARG C 615 10.49 16.74 49.48
CA ARG C 615 10.93 17.73 50.43
C ARG C 615 9.95 17.90 51.57
N VAL C 616 8.66 17.93 51.26
CA VAL C 616 7.69 18.06 52.32
C VAL C 616 7.69 16.84 53.23
N GLN C 617 7.88 15.66 52.65
CA GLN C 617 7.90 14.44 53.46
C GLN C 617 9.06 14.49 54.47
N LYS C 618 10.19 15.03 54.04
CA LYS C 618 11.34 15.12 54.92
C LYS C 618 11.10 16.14 56.00
N LEU C 619 10.46 17.26 55.65
CA LEU C 619 10.15 18.24 56.69
C LEU C 619 9.26 17.63 57.79
N LEU C 620 8.21 16.92 57.36
CA LEU C 620 7.25 16.29 58.28
C LEU C 620 7.84 15.10 59.05
N ALA C 621 8.90 14.51 58.50
CA ALA C 621 9.59 13.43 59.18
C ALA C 621 10.39 13.99 60.36
N LYS C 622 10.91 15.22 60.21
CA LYS C 622 11.68 15.88 61.28
C LYS C 622 10.79 16.63 62.27
N THR C 623 9.69 17.21 61.77
CA THR C 623 8.73 17.95 62.60
C THR C 623 7.32 17.49 62.24
N PRO C 624 6.84 16.44 62.87
CA PRO C 624 5.57 15.81 62.51
C PRO C 624 4.27 16.57 62.78
N GLY C 625 4.23 17.49 63.74
CA GLY C 625 2.98 18.18 64.03
C GLY C 625 1.84 17.27 64.45
N LYS C 626 0.61 17.67 64.16
CA LYS C 626 -0.58 16.93 64.60
C LYS C 626 -0.80 15.57 63.97
N LEU C 627 -0.50 15.45 62.68
CA LEU C 627 -0.79 14.23 61.95
C LEU C 627 0.14 14.05 60.74
N ALA C 628 1.34 13.55 60.97
CA ALA C 628 2.31 13.41 59.90
C ALA C 628 2.08 12.22 59.01
N ALA C 629 1.42 11.20 59.55
CA ALA C 629 1.31 9.91 58.86
C ALA C 629 0.88 9.91 57.39
N PRO C 630 -0.23 10.55 57.03
CA PRO C 630 -0.67 10.52 55.62
C PRO C 630 0.45 11.06 54.72
N VAL C 631 1.16 12.07 55.21
CA VAL C 631 2.23 12.67 54.42
C VAL C 631 3.47 11.78 54.29
N THR C 632 4.01 11.34 55.43
CA THR C 632 5.26 10.59 55.41
C THR C 632 5.11 9.18 54.87
N LYS C 633 3.93 8.59 55.00
CA LYS C 633 3.77 7.19 54.59
C LYS C 633 3.37 7.08 53.11
N LEU C 634 3.06 8.20 52.49
CA LEU C 634 2.72 8.16 51.08
C LEU C 634 3.89 7.49 50.33
N LYS C 635 3.57 6.50 49.52
CA LYS C 635 4.60 5.75 48.80
C LYS C 635 5.11 6.43 47.54
N THR C 636 5.92 7.47 47.73
CA THR C 636 6.49 8.23 46.62
C THR C 636 7.58 7.42 45.91
N ASP C 637 8.13 6.40 46.56
CA ASP C 637 9.12 5.54 45.89
C ASP C 637 8.51 4.89 44.65
N TYR C 638 7.19 4.70 44.67
CA TYR C 638 6.49 4.17 43.50
C TYR C 638 6.57 5.13 42.28
N TRP C 639 6.82 6.41 42.53
CA TRP C 639 6.85 7.40 41.44
C TRP C 639 8.20 7.62 40.77
N VAL C 640 9.27 7.17 41.41
CA VAL C 640 10.60 7.51 40.93
C VAL C 640 11.54 6.36 40.63
N ASN C 641 12.52 6.62 39.79
CA ASN C 641 13.54 5.64 39.47
C ASN C 641 14.61 5.62 40.56
N ASP C 642 15.62 4.79 40.37
CA ASP C 642 16.64 4.64 41.41
C ASP C 642 17.46 5.91 41.63
N HIS C 643 17.28 6.90 40.77
CA HIS C 643 17.98 8.17 40.89
C HIS C 643 17.08 9.25 41.48
N GLY C 644 15.88 8.85 41.87
CA GLY C 644 14.94 9.75 42.53
C GLY C 644 14.18 10.66 41.58
N HIS C 645 14.22 10.38 40.29
CA HIS C 645 13.50 11.19 39.32
C HIS C 645 12.19 10.55 38.89
N PHE C 646 11.23 11.44 38.59
CA PHE C 646 9.93 11.06 38.08
C PHE C 646 10.10 10.04 36.97
N ASP C 647 9.41 8.91 37.12
CA ASP C 647 9.44 7.83 36.16
C ASP C 647 8.02 7.53 35.66
N PRO C 648 7.69 7.97 34.44
CA PRO C 648 6.33 7.78 33.93
C PRO C 648 5.96 6.31 33.68
N HIS C 649 6.93 5.45 33.39
CA HIS C 649 6.63 4.06 33.18
C HIS C 649 6.23 3.41 34.50
N LYS C 650 6.99 3.71 35.56
CA LYS C 650 6.63 3.19 36.87
C LYS C 650 5.26 3.72 37.30
N ILE C 651 5.02 5.01 37.10
CA ILE C 651 3.73 5.56 37.50
C ILE C 651 2.59 4.92 36.68
N ALA C 652 2.80 4.77 35.37
CA ALA C 652 1.79 4.12 34.54
C ALA C 652 1.53 2.68 34.99
N LYS C 653 2.56 1.99 35.47
CA LYS C 653 2.34 0.63 35.94
C LYS C 653 1.52 0.60 37.24
N LEU C 654 1.69 1.61 38.07
CA LEU C 654 0.95 1.76 39.32
C LEU C 654 -0.50 2.09 39.03
N ILE C 655 -0.72 2.98 38.06
CA ILE C 655 -2.07 3.33 37.67
C ILE C 655 -2.78 2.05 37.19
N ASN C 656 -2.11 1.28 36.35
CA ASN C 656 -2.64 0.01 35.91
C ASN C 656 -2.85 -0.88 37.15
N GLY C 657 -1.83 -0.95 37.99
CA GLY C 657 -1.87 -1.75 39.20
C GLY C 657 -1.07 -3.03 39.12
N PHE C 658 -0.52 -3.44 40.26
CA PHE C 658 0.22 -4.70 40.36
C PHE C 658 -0.12 -5.40 41.65
N ALA C 659 0.29 -6.66 41.73
CA ALA C 659 0.09 -7.46 42.92
C ALA C 659 1.02 -7.03 44.06
N LEU C 660 0.46 -6.86 45.25
CA LEU C 660 1.27 -6.61 46.43
C LEU C 660 1.63 -7.93 47.11
N LYS C 661 0.87 -8.99 46.80
CA LYS C 661 1.13 -10.33 47.31
C LYS C 661 0.62 -11.36 46.30
N ASP C 662 1.04 -12.61 46.45
CA ASP C 662 0.55 -13.64 45.57
C ASP C 662 -0.96 -13.82 45.81
N PHE C 663 -1.71 -14.10 44.75
CA PHE C 663 -3.12 -14.41 44.89
C PHE C 663 -3.58 -15.13 43.64
N LYS C 664 -4.74 -15.76 43.74
CA LYS C 664 -5.35 -16.44 42.61
C LYS C 664 -6.74 -15.85 42.43
N VAL C 665 -7.16 -15.72 41.18
CA VAL C 665 -8.49 -15.21 40.87
C VAL C 665 -8.98 -16.06 39.70
N GLY C 666 -9.96 -16.90 39.95
CA GLY C 666 -10.44 -17.81 38.94
C GLY C 666 -9.35 -18.83 38.64
N ASP C 667 -8.98 -18.98 37.37
CA ASP C 667 -7.89 -19.87 36.97
C ASP C 667 -6.57 -19.09 36.95
N VAL C 668 -6.64 -17.77 37.06
CA VAL C 668 -5.44 -16.95 36.97
C VAL C 668 -4.71 -16.74 38.30
N GLU C 669 -3.40 -16.97 38.28
CA GLU C 669 -2.58 -16.77 39.45
C GLU C 669 -1.64 -15.59 39.23
N TYR C 670 -1.49 -14.75 40.26
CA TYR C 670 -0.59 -13.62 40.21
C TYR C 670 0.44 -13.74 41.31
N LYS C 671 1.64 -13.28 41.01
CA LYS C 671 2.74 -13.27 41.96
C LYS C 671 3.03 -11.82 42.35
N ALA C 672 3.45 -11.60 43.59
CA ALA C 672 3.78 -10.25 44.03
C ALA C 672 4.68 -9.56 43.01
N GLY C 673 4.30 -8.35 42.60
CA GLY C 673 5.07 -7.59 41.65
C GLY C 673 4.57 -7.62 40.22
N GLN C 674 3.69 -8.57 39.89
CA GLN C 674 3.21 -8.66 38.52
C GLN C 674 2.11 -7.65 38.22
N GLN C 675 2.10 -7.14 36.99
CA GLN C 675 1.07 -6.18 36.58
C GLN C 675 -0.25 -6.91 36.48
N ILE C 676 -1.33 -6.26 36.90
CA ILE C 676 -2.64 -6.88 36.76
C ILE C 676 -3.14 -6.72 35.32
N ALA C 677 -3.73 -7.78 34.76
CA ALA C 677 -4.08 -7.81 33.35
C ALA C 677 -5.37 -7.09 32.98
N THR C 678 -6.32 -7.07 33.91
CA THR C 678 -7.60 -6.39 33.68
C THR C 678 -8.19 -5.98 35.02
N PHE C 679 -9.10 -5.01 35.01
CA PHE C 679 -9.68 -4.62 36.29
C PHE C 679 -10.56 -5.73 36.87
N GLY C 680 -10.90 -6.71 36.03
CA GLY C 680 -11.64 -7.88 36.48
C GLY C 680 -10.88 -8.67 37.52
N HIS C 681 -9.56 -8.50 37.58
CA HIS C 681 -8.71 -9.24 38.52
C HIS C 681 -8.33 -8.48 39.80
N LEU C 682 -8.77 -7.24 39.95
CA LEU C 682 -8.39 -6.45 41.14
C LEU C 682 -9.03 -7.03 42.38
N GLN C 683 -8.41 -6.76 43.53
CA GLN C 683 -8.80 -7.40 44.78
C GLN C 683 -9.32 -6.44 45.84
N ALA C 684 -10.42 -6.82 46.50
CA ALA C 684 -10.99 -6.04 47.59
C ALA C 684 -10.16 -6.14 48.87
N ASP C 685 -9.27 -7.13 48.94
CA ASP C 685 -8.61 -7.41 50.23
C ASP C 685 -7.28 -6.71 50.48
N GLY C 686 -6.87 -5.86 49.56
CA GLY C 686 -5.59 -5.19 49.69
C GLY C 686 -4.45 -5.86 48.96
N SER C 687 -4.74 -6.95 48.26
CA SER C 687 -3.72 -7.69 47.50
C SER C 687 -3.20 -6.99 46.24
N THR C 688 -3.93 -6.00 45.73
CA THR C 688 -3.50 -5.28 44.52
C THR C 688 -3.49 -3.77 44.66
N THR C 689 -2.61 -3.13 43.91
CA THR C 689 -2.67 -1.69 43.72
C THR C 689 -3.39 -1.48 42.39
N SER C 690 -3.77 -0.24 42.16
CA SER C 690 -4.28 0.27 40.87
C SER C 690 -4.65 1.71 41.17
N GLY C 691 -3.87 2.62 40.63
CA GLY C 691 -4.10 4.04 40.88
C GLY C 691 -5.43 4.48 40.29
N CYS C 692 -5.85 3.83 39.21
CA CYS C 692 -7.11 4.16 38.53
C CYS C 692 -7.64 2.94 37.80
N TRP C 693 -8.63 2.30 38.39
CA TRP C 693 -9.11 1.01 37.91
C TRP C 693 -9.49 0.96 36.44
N ILE C 694 -10.00 2.04 35.89
CA ILE C 694 -10.38 1.97 34.48
C ILE C 694 -9.17 1.79 33.54
N TYR C 695 -7.96 2.00 34.05
CA TYR C 695 -6.75 1.85 33.25
C TYR C 695 -6.08 0.47 33.39
N THR C 696 -6.67 -0.40 34.21
CA THR C 696 -6.12 -1.74 34.37
C THR C 696 -6.32 -2.49 33.08
N GLY C 697 -5.22 -2.89 32.47
CA GLY C 697 -5.25 -3.45 31.14
C GLY C 697 -4.43 -2.59 30.20
N SER C 698 -4.14 -1.35 30.62
CA SER C 698 -3.33 -0.42 29.82
C SER C 698 -1.82 -0.72 29.80
N TYR C 699 -1.29 -1.30 30.89
CA TYR C 699 0.15 -1.54 31.02
C TYR C 699 0.32 -2.82 31.82
N THR C 700 0.41 -3.92 31.13
CA THR C 700 0.37 -5.22 31.77
C THR C 700 1.69 -5.92 31.65
N GLU C 701 1.67 -7.21 31.93
CA GLU C 701 2.86 -8.03 31.78
C GLU C 701 3.26 -8.06 30.31
N LYS C 702 2.30 -7.81 29.43
CA LYS C 702 2.57 -7.85 28.00
C LYS C 702 3.04 -6.50 27.47
N GLY C 703 3.13 -5.49 28.34
CA GLY C 703 3.69 -4.20 27.92
C GLY C 703 2.81 -2.96 27.96
N ASN C 704 3.33 -1.88 27.41
CA ASN C 704 2.65 -0.59 27.37
C ASN C 704 1.69 -0.52 26.18
N MET C 705 0.41 -0.74 26.43
CA MET C 705 -0.57 -0.76 25.35
C MET C 705 -0.76 0.61 24.76
N ALA C 706 -0.48 1.66 25.55
CA ALA C 706 -0.62 3.06 25.04
C ALA C 706 0.46 3.48 24.06
N ALA C 707 1.53 2.69 23.99
CA ALA C 707 2.63 2.97 23.08
C ALA C 707 2.45 2.21 21.74
N ARG C 708 1.42 1.38 21.64
CA ARG C 708 1.21 0.59 20.42
C ARG C 708 0.88 1.42 19.17
N ARG C 709 1.39 0.98 18.01
CA ARG C 709 1.17 1.68 16.74
C ARG C 709 0.82 0.66 15.65
N ASP C 710 0.01 -0.32 16.01
CA ASP C 710 -0.33 -1.40 15.11
C ASP C 710 -1.60 -1.04 14.39
N LYS C 711 -1.53 -0.88 13.07
CA LYS C 711 -2.74 -0.52 12.34
C LYS C 711 -3.46 -1.74 11.80
N THR C 712 -3.04 -2.93 12.23
CA THR C 712 -3.71 -4.17 11.81
C THR C 712 -5.17 -4.16 12.25
N GLN C 713 -6.08 -4.48 11.33
CA GLN C 713 -7.51 -4.60 11.65
C GLN C 713 -8.08 -5.75 10.85
N THR C 714 -9.12 -6.41 11.40
CA THR C 714 -9.83 -7.41 10.65
C THR C 714 -10.70 -6.63 9.69
N ASP C 715 -11.34 -7.33 8.75
CA ASP C 715 -12.19 -6.66 7.80
C ASP C 715 -13.33 -5.93 8.51
N MET C 716 -13.93 -6.58 9.51
CA MET C 716 -15.00 -6.00 10.31
C MET C 716 -14.56 -4.73 11.03
N GLN C 717 -13.44 -4.82 11.73
CA GLN C 717 -12.91 -3.65 12.41
C GLN C 717 -12.59 -2.53 11.43
N ALA C 718 -12.01 -2.89 10.29
CA ALA C 718 -11.58 -1.90 9.31
C ALA C 718 -12.76 -1.19 8.66
N LYS C 719 -13.87 -1.91 8.49
CA LYS C 719 -15.04 -1.31 7.91
C LYS C 719 -15.46 -0.06 8.68
N ILE C 720 -15.26 -0.04 9.99
CA ILE C 720 -15.72 1.11 10.78
C ILE C 720 -14.62 1.95 11.41
N GLY C 721 -13.38 1.46 11.32
CA GLY C 721 -12.21 2.21 11.75
C GLY C 721 -11.91 2.18 13.23
N LEU C 722 -12.01 1.01 13.87
CA LEU C 722 -11.73 0.91 15.30
C LEU C 722 -10.24 1.05 15.63
N TYR C 723 -9.37 0.54 14.76
CA TYR C 723 -7.92 0.53 15.02
C TYR C 723 -7.55 0.07 16.46
N PRO C 724 -7.98 -1.12 16.83
CA PRO C 724 -7.78 -1.61 18.20
C PRO C 724 -6.31 -1.72 18.60
N GLY C 725 -5.42 -1.86 17.61
CA GLY C 725 -4.01 -1.97 17.87
C GLY C 725 -3.27 -0.65 17.91
N TRP C 726 -3.98 0.44 17.70
CA TRP C 726 -3.36 1.76 17.80
C TRP C 726 -3.62 2.35 19.18
N THR C 727 -2.57 2.45 19.98
CA THR C 727 -2.67 2.85 21.38
C THR C 727 -3.72 1.97 22.09
N TRP C 728 -4.42 2.53 23.06
CA TRP C 728 -5.32 1.70 23.81
C TRP C 728 -6.37 2.58 24.42
N ALA C 729 -7.59 2.08 24.42
CA ALA C 729 -8.70 2.85 24.95
C ALA C 729 -9.27 2.24 26.21
N TRP C 730 -9.70 3.08 27.16
CA TRP C 730 -10.38 2.53 28.34
C TRP C 730 -11.89 2.55 28.05
N PRO C 731 -12.67 1.61 28.58
CA PRO C 731 -12.20 0.46 29.39
C PRO C 731 -11.88 -0.78 28.56
N VAL C 732 -10.79 -1.47 28.93
CA VAL C 732 -10.27 -2.67 28.28
C VAL C 732 -10.37 -2.67 26.78
N ASN C 733 -10.04 -1.53 26.19
CA ASN C 733 -9.99 -1.35 24.75
C ASN C 733 -11.33 -1.44 24.04
N ARG C 734 -12.41 -1.14 24.76
CA ARG C 734 -13.75 -1.02 24.17
C ARG C 734 -13.87 0.39 23.53
N ARG C 735 -13.72 0.44 22.21
CA ARG C 735 -13.69 1.70 21.49
C ARG C 735 -15.03 2.38 21.35
N ILE C 736 -16.08 1.58 21.21
CA ILE C 736 -17.41 2.14 21.23
C ILE C 736 -18.12 1.57 22.45
N ILE C 737 -18.32 2.38 23.49
CA ILE C 737 -18.96 1.84 24.69
C ILE C 737 -20.46 1.59 24.46
N TYR C 738 -21.04 0.72 25.29
CA TYR C 738 -22.45 0.33 25.18
C TYR C 738 -22.72 -0.42 23.89
N ASN C 739 -21.69 -1.02 23.30
CA ASN C 739 -21.87 -1.71 22.02
C ASN C 739 -22.75 -2.96 22.04
N ARG C 740 -23.13 -3.45 23.21
CA ARG C 740 -24.03 -4.58 23.28
C ARG C 740 -25.39 -4.18 22.71
N ALA C 741 -25.70 -2.89 22.76
CA ALA C 741 -26.98 -2.40 22.24
C ALA C 741 -27.00 -2.35 20.71
N SER C 742 -25.88 -2.64 20.06
CA SER C 742 -25.86 -2.60 18.60
C SER C 742 -26.25 -3.92 17.94
N VAL C 743 -26.50 -4.93 18.77
CA VAL C 743 -26.96 -6.23 18.31
C VAL C 743 -28.31 -6.56 18.90
N ASP C 744 -28.99 -7.51 18.27
CA ASP C 744 -30.28 -7.95 18.80
C ASP C 744 -30.02 -8.92 19.95
N LEU C 745 -31.08 -9.49 20.51
CA LEU C 745 -30.95 -10.33 21.69
C LEU C 745 -30.03 -11.54 21.46
N ASN C 746 -29.96 -11.99 20.23
CA ASN C 746 -29.12 -13.14 19.88
C ASN C 746 -27.66 -12.78 19.51
N GLY C 747 -27.34 -11.50 19.51
CA GLY C 747 -25.98 -11.07 19.17
C GLY C 747 -25.73 -10.75 17.70
N LYS C 748 -26.79 -10.72 16.91
CA LYS C 748 -26.69 -10.39 15.51
C LYS C 748 -26.77 -8.88 15.33
N PRO C 749 -25.83 -8.29 14.59
CA PRO C 749 -25.78 -6.83 14.39
C PRO C 749 -27.04 -6.21 13.78
N TYR C 750 -27.43 -5.06 14.31
CA TYR C 750 -28.55 -4.30 13.74
C TYR C 750 -28.13 -3.65 12.41
N ALA C 751 -26.85 -3.37 12.24
CA ALA C 751 -26.38 -2.74 11.02
C ALA C 751 -25.18 -3.52 10.48
N PRO C 752 -25.47 -4.60 9.78
CA PRO C 752 -24.45 -5.52 9.26
C PRO C 752 -23.39 -4.85 8.40
N GLU C 753 -23.77 -3.83 7.65
CA GLU C 753 -22.81 -3.09 6.83
C GLU C 753 -21.81 -2.29 7.66
N LYS C 754 -22.09 -2.09 8.96
CA LYS C 754 -21.15 -1.34 9.81
C LYS C 754 -21.24 -1.82 11.25
N ALA C 755 -21.18 -3.13 11.38
CA ALA C 755 -21.32 -3.78 12.66
C ALA C 755 -20.18 -3.42 13.59
N VAL C 756 -20.52 -3.31 14.87
CA VAL C 756 -19.52 -2.99 15.89
C VAL C 756 -19.02 -4.28 16.53
N VAL C 757 -19.96 -5.08 17.04
CA VAL C 757 -19.67 -6.39 17.57
C VAL C 757 -20.70 -7.37 17.01
N GLU C 758 -20.35 -8.65 17.03
CA GLU C 758 -21.21 -9.74 16.61
C GLU C 758 -20.86 -11.00 17.40
N TRP C 759 -21.88 -11.72 17.82
CA TRP C 759 -21.63 -12.95 18.55
C TRP C 759 -21.38 -14.07 17.55
N ASN C 760 -20.27 -14.77 17.71
CA ASN C 760 -19.93 -15.91 16.88
C ASN C 760 -20.32 -17.15 17.66
N ALA C 761 -21.51 -17.66 17.37
CA ALA C 761 -22.07 -18.82 18.07
C ALA C 761 -21.15 -20.04 18.10
N ALA C 762 -20.46 -20.28 16.98
CA ALA C 762 -19.57 -21.46 16.87
C ALA C 762 -18.37 -21.34 17.78
N GLU C 763 -17.80 -20.14 17.79
CA GLU C 763 -16.67 -19.88 18.64
C GLU C 763 -17.14 -19.44 20.02
N LYS C 764 -18.41 -19.08 20.15
CA LYS C 764 -18.89 -18.54 21.43
C LYS C 764 -18.03 -17.37 21.90
N LYS C 765 -17.88 -16.37 21.04
CA LYS C 765 -17.06 -15.20 21.32
C LYS C 765 -17.68 -14.07 20.57
N TRP C 766 -17.45 -12.85 21.05
CA TRP C 766 -17.84 -11.65 20.35
C TRP C 766 -16.65 -11.25 19.48
N VAL C 767 -16.92 -10.91 18.25
CA VAL C 767 -15.86 -10.39 17.38
C VAL C 767 -16.16 -8.94 16.99
N GLY C 768 -15.12 -8.21 16.59
CA GLY C 768 -15.22 -6.80 16.18
C GLY C 768 -14.51 -5.96 17.24
N ASP C 769 -15.23 -5.04 17.83
CA ASP C 769 -14.74 -4.27 18.97
C ASP C 769 -14.68 -5.24 20.16
N VAL C 770 -14.03 -4.81 21.24
CA VAL C 770 -14.15 -5.54 22.49
C VAL C 770 -15.58 -5.23 22.96
N PRO C 771 -16.31 -6.27 23.29
CA PRO C 771 -17.68 -6.09 23.74
C PRO C 771 -17.65 -5.39 25.08
N ASP C 772 -18.55 -4.43 25.24
CA ASP C 772 -18.70 -3.71 26.50
C ASP C 772 -19.54 -4.60 27.43
N GLY C 773 -18.85 -5.58 28.02
CA GLY C 773 -19.48 -6.65 28.77
C GLY C 773 -19.34 -7.91 27.91
N PRO C 774 -18.51 -8.87 28.32
CA PRO C 774 -18.18 -10.01 27.47
C PRO C 774 -19.08 -11.23 27.54
N TRP C 775 -20.15 -11.17 28.34
CA TRP C 775 -21.03 -12.31 28.53
C TRP C 775 -21.80 -12.62 27.25
N PRO C 776 -22.37 -13.80 27.17
CA PRO C 776 -23.17 -14.20 26.01
C PRO C 776 -24.32 -13.25 25.75
N PRO C 777 -24.91 -13.39 24.57
CA PRO C 777 -26.04 -12.57 24.15
C PRO C 777 -27.14 -12.52 25.20
N GLN C 778 -27.92 -11.45 25.16
CA GLN C 778 -28.93 -11.15 26.15
C GLN C 778 -30.05 -12.20 26.14
N ALA C 779 -30.22 -12.89 25.03
CA ALA C 779 -31.24 -13.94 24.91
C ALA C 779 -30.95 -15.10 25.86
N ASP C 780 -29.68 -15.26 26.23
CA ASP C 780 -29.27 -16.30 27.13
C ASP C 780 -29.62 -15.84 28.53
N LYS C 781 -30.71 -16.38 29.06
CA LYS C 781 -31.17 -15.92 30.37
C LYS C 781 -30.36 -16.46 31.54
N GLU C 782 -29.58 -17.51 31.31
CA GLU C 782 -28.77 -18.10 32.37
C GLU C 782 -27.42 -17.43 32.51
N LYS C 783 -26.79 -17.15 31.36
CA LYS C 783 -25.41 -16.65 31.33
C LYS C 783 -25.27 -15.27 30.70
N GLY C 784 -26.24 -14.85 29.92
CA GLY C 784 -26.16 -13.54 29.30
C GLY C 784 -26.48 -12.44 30.29
N LYS C 785 -26.16 -11.21 29.91
CA LYS C 785 -26.48 -10.01 30.69
C LYS C 785 -27.08 -8.95 29.77
N ARG C 786 -27.56 -7.87 30.38
CA ARG C 786 -28.18 -6.78 29.65
C ARG C 786 -27.16 -5.74 29.18
N ALA C 787 -27.57 -4.90 28.23
CA ALA C 787 -26.65 -4.02 27.51
C ALA C 787 -25.87 -2.98 28.29
N PHE C 788 -26.52 -2.33 29.25
CA PHE C 788 -25.89 -1.21 29.95
C PHE C 788 -25.33 -1.69 31.26
N ILE C 789 -24.09 -2.19 31.22
CA ILE C 789 -23.51 -2.92 32.35
C ILE C 789 -23.22 -2.11 33.61
N MET C 790 -23.08 -0.80 33.44
CA MET C 790 -22.86 0.11 34.56
C MET C 790 -24.14 0.59 35.26
N LYS C 791 -25.29 0.40 34.63
CA LYS C 791 -26.55 0.75 35.29
C LYS C 791 -27.01 -0.41 36.19
N PRO C 792 -27.71 -0.11 37.27
CA PRO C 792 -28.09 -1.15 38.24
C PRO C 792 -28.93 -2.26 37.65
N GLU C 793 -29.76 -1.97 36.66
CA GLU C 793 -30.60 -3.03 36.07
C GLU C 793 -30.13 -3.50 34.69
N GLY C 794 -29.12 -2.86 34.12
CA GLY C 794 -28.68 -3.23 32.80
C GLY C 794 -29.40 -2.49 31.69
N TYR C 795 -30.30 -1.57 32.04
CA TYR C 795 -31.04 -0.79 31.05
C TYR C 795 -30.69 0.69 31.09
N ALA C 796 -30.57 1.28 29.90
CA ALA C 796 -30.37 2.73 29.82
C ALA C 796 -31.61 3.49 30.32
N TYR C 797 -31.39 4.66 30.91
CA TYR C 797 -32.49 5.41 31.50
C TYR C 797 -33.00 6.51 30.61
N LEU C 798 -34.18 6.32 30.06
CA LEU C 798 -34.91 7.36 29.37
C LEU C 798 -35.39 8.29 30.50
N TYR C 799 -36.15 7.69 31.42
CA TYR C 799 -36.62 8.37 32.62
C TYR C 799 -35.55 8.16 33.67
N GLY C 800 -35.01 9.26 34.18
CA GLY C 800 -33.82 9.22 35.00
C GLY C 800 -34.03 9.97 36.29
N PRO C 801 -34.49 9.25 37.29
CA PRO C 801 -34.92 9.82 38.56
C PRO C 801 -33.78 10.30 39.47
N GLY C 802 -32.53 10.11 39.07
CA GLY C 802 -31.40 10.62 39.84
C GLY C 802 -31.16 12.14 39.71
N ARG C 803 -31.73 12.79 38.69
CA ARG C 803 -31.43 14.23 38.46
C ARG C 803 -32.22 15.13 39.39
N GLU C 804 -31.53 16.05 40.08
CA GLU C 804 -32.22 16.88 41.08
CA GLU C 804 -32.22 16.88 41.08
C GLU C 804 -33.35 17.74 40.50
N ASP C 805 -33.34 17.98 39.19
CA ASP C 805 -34.43 18.77 38.61
C ASP C 805 -35.44 18.04 37.74
N GLY C 806 -35.51 16.71 37.86
CA GLY C 806 -36.58 15.94 37.24
C GLY C 806 -36.14 14.70 36.49
N PRO C 807 -37.01 13.69 36.40
CA PRO C 807 -36.65 12.43 35.75
C PRO C 807 -36.81 12.55 34.24
N LEU C 808 -37.41 13.65 33.79
CA LEU C 808 -37.50 13.97 32.35
C LEU C 808 -37.15 15.44 32.16
N PRO C 809 -36.55 15.76 31.02
CA PRO C 809 -36.21 17.15 30.69
C PRO C 809 -37.46 18.00 30.51
N GLU C 810 -37.39 19.23 30.96
CA GLU C 810 -38.54 20.12 30.86
C GLU C 810 -38.02 21.52 30.59
N TYR C 811 -38.69 22.23 29.70
CA TYR C 811 -38.22 23.55 29.36
C TYR C 811 -38.50 24.58 30.42
N TYR C 812 -37.49 25.40 30.73
CA TYR C 812 -37.67 26.59 31.55
C TYR C 812 -36.80 27.66 30.92
N GLU C 813 -37.20 28.92 31.06
CA GLU C 813 -36.41 30.03 30.53
C GLU C 813 -35.12 30.12 31.34
N PRO C 814 -33.98 30.10 30.66
CA PRO C 814 -32.68 30.14 31.32
C PRO C 814 -32.22 31.50 31.88
N MET C 815 -32.71 32.62 31.36
CA MET C 815 -32.26 33.89 31.92
C MET C 815 -33.42 34.75 32.39
N GLU C 816 -33.12 35.69 33.26
CA GLU C 816 -34.10 36.62 33.78
C GLU C 816 -34.44 37.72 32.78
N CYS C 817 -33.44 38.17 32.06
CA CYS C 817 -33.57 39.29 31.14
C CYS C 817 -33.12 38.96 29.75
N PRO C 818 -33.78 39.48 28.73
CA PRO C 818 -35.00 40.28 28.90
C PRO C 818 -36.10 39.34 29.34
N VAL C 819 -37.22 39.87 29.80
CA VAL C 819 -38.29 39.00 30.26
C VAL C 819 -38.94 38.31 29.07
N ILE C 820 -38.80 36.99 29.03
CA ILE C 820 -39.47 36.19 28.03
C ILE C 820 -40.31 35.12 28.73
N GLU C 821 -41.59 35.02 28.38
CA GLU C 821 -42.46 34.00 28.96
C GLU C 821 -42.44 32.78 28.04
N HIS C 822 -42.55 31.58 28.59
CA HIS C 822 -42.56 30.40 27.72
C HIS C 822 -43.95 29.77 27.74
N PRO C 823 -44.30 29.05 26.69
CA PRO C 823 -45.66 28.50 26.58
C PRO C 823 -45.83 27.11 27.18
N PHE C 824 -44.83 26.58 27.86
CA PHE C 824 -44.91 25.18 28.28
C PHE C 824 -45.53 24.92 29.61
N SER C 825 -45.46 25.91 30.48
CA SER C 825 -46.08 25.80 31.79
C SER C 825 -46.07 27.16 32.47
N LYS C 826 -46.70 27.23 33.65
CA LYS C 826 -46.69 28.46 34.42
C LYS C 826 -45.44 28.57 35.30
N THR C 827 -44.56 27.57 35.27
CA THR C 827 -43.31 27.67 36.01
C THR C 827 -42.24 28.29 35.12
N LEU C 828 -41.90 29.56 35.35
CA LEU C 828 -40.98 30.28 34.43
C LEU C 828 -39.55 29.80 34.38
N HIS C 829 -38.92 29.73 35.54
CA HIS C 829 -37.53 29.30 35.61
C HIS C 829 -37.42 27.94 36.32
N ASN C 830 -36.29 27.27 36.16
CA ASN C 830 -36.06 25.95 36.76
C ASN C 830 -36.37 26.06 38.27
N PRO C 831 -37.27 25.22 38.76
CA PRO C 831 -37.71 25.31 40.17
C PRO C 831 -36.62 25.02 41.18
N THR C 832 -35.50 24.46 40.77
CA THR C 832 -34.40 24.14 41.68
C THR C 832 -33.31 25.20 41.67
N ALA C 833 -33.41 26.14 40.74
CA ALA C 833 -32.51 27.28 40.71
C ALA C 833 -32.85 28.26 41.84
N LEU C 834 -31.85 28.84 42.46
CA LEU C 834 -32.09 29.72 43.61
C LEU C 834 -31.71 31.18 43.37
N HIS C 835 -31.27 31.49 42.16
CA HIS C 835 -30.74 32.83 41.92
C HIS C 835 -31.71 33.75 41.20
N PHE C 836 -32.94 33.30 41.04
CA PHE C 836 -33.93 34.11 40.33
C PHE C 836 -34.76 34.92 41.29
N ALA C 837 -35.15 36.12 40.86
CA ALA C 837 -35.95 37.02 41.68
C ALA C 837 -37.36 36.49 41.89
N THR C 838 -37.43 35.37 42.62
CA THR C 838 -38.68 34.69 42.99
C THR C 838 -39.91 35.55 43.24
N GLU C 839 -40.06 36.01 44.47
CA GLU C 839 -41.25 36.76 44.90
C GLU C 839 -41.35 38.20 44.38
N GLU C 840 -40.72 38.49 43.25
CA GLU C 840 -40.75 39.84 42.71
C GLU C 840 -41.25 39.90 41.27
N LYS C 841 -40.50 40.67 40.48
CA LYS C 841 -40.69 40.87 39.06
C LYS C 841 -39.26 40.99 38.59
N ALA C 842 -38.94 40.49 37.40
CA ALA C 842 -37.58 40.67 36.92
C ALA C 842 -37.32 42.16 36.63
N VAL C 843 -36.29 42.71 37.26
CA VAL C 843 -35.88 44.08 36.98
C VAL C 843 -34.80 43.97 35.90
N CYS C 844 -35.17 44.33 34.68
CA CYS C 844 -34.23 44.26 33.58
C CYS C 844 -33.67 45.63 33.29
N ASP C 845 -32.46 45.84 33.76
CA ASP C 845 -31.77 47.11 33.67
C ASP C 845 -31.52 47.55 32.23
N PRO C 846 -32.05 48.70 31.86
CA PRO C 846 -31.92 49.21 30.48
C PRO C 846 -30.49 49.62 30.12
N ARG C 847 -29.62 49.77 31.11
CA ARG C 847 -28.21 50.05 30.87
C ARG C 847 -27.50 48.89 30.17
N TYR C 848 -28.02 47.67 30.35
CA TYR C 848 -27.37 46.47 29.79
C TYR C 848 -28.39 45.65 28.97
N PRO C 849 -28.74 46.21 27.82
CA PRO C 849 -29.82 45.69 26.99
C PRO C 849 -29.50 44.46 26.14
N PHE C 850 -28.22 44.21 25.89
CA PHE C 850 -27.82 43.12 25.00
C PHE C 850 -27.35 41.81 25.62
N ILE C 851 -27.57 40.70 24.94
CA ILE C 851 -27.00 39.46 25.41
C ILE C 851 -25.61 39.30 24.82
N CYS C 852 -24.63 39.05 25.69
CA CYS C 852 -23.30 38.71 25.22
C CYS C 852 -23.00 37.25 25.48
N SER C 853 -22.41 36.59 24.48
CA SER C 853 -21.99 35.21 24.62
C SER C 853 -20.46 35.12 24.42
N THR C 854 -19.80 34.15 25.03
CA THR C 854 -18.37 33.99 24.81
C THR C 854 -18.16 32.66 24.16
N TYR C 855 -17.14 32.57 23.31
CA TYR C 855 -16.85 31.33 22.62
C TYR C 855 -15.47 31.38 22.04
N ARG C 856 -15.09 30.34 21.31
CA ARG C 856 -13.72 30.25 20.81
C ARG C 856 -13.54 30.49 19.30
N VAL C 857 -12.29 30.65 18.90
CA VAL C 857 -11.94 30.68 17.47
C VAL C 857 -10.88 29.64 17.25
N THR C 858 -10.75 29.18 16.02
CA THR C 858 -9.84 28.08 15.73
C THR C 858 -8.40 28.33 16.20
N GLU C 859 -7.92 29.56 16.04
CA GLU C 859 -6.49 29.82 16.25
C GLU C 859 -6.02 30.02 17.69
N HIS C 860 -6.93 30.24 18.63
CA HIS C 860 -6.51 30.45 20.03
C HIS C 860 -6.96 29.33 20.95
N TRP C 861 -6.31 29.28 22.11
CA TRP C 861 -6.54 28.20 23.06
C TRP C 861 -6.82 28.71 24.46
N GLN C 862 -8.01 28.39 24.96
CA GLN C 862 -8.38 28.71 26.33
C GLN C 862 -8.25 30.18 26.61
N THR C 863 -7.57 30.54 27.71
CA THR C 863 -7.42 31.96 28.02
C THR C 863 -6.48 32.64 27.06
N GLY C 864 -5.94 31.87 26.12
CA GLY C 864 -5.01 32.39 25.12
C GLY C 864 -3.58 32.54 25.59
N LEU C 865 -3.31 32.20 26.85
CA LEU C 865 -1.94 32.28 27.32
C LEU C 865 -0.96 31.60 26.34
N MET C 866 -1.25 30.37 25.97
CA MET C 866 -0.35 29.65 25.07
C MET C 866 -0.23 30.24 23.66
N THR C 867 -1.36 30.66 23.11
CA THR C 867 -1.45 31.04 21.70
C THR C 867 -1.24 32.54 21.49
N ARG C 868 -1.58 33.35 22.48
CA ARG C 868 -1.21 34.75 22.47
C ARG C 868 0.33 34.80 22.42
N ASN C 869 0.98 33.89 23.12
CA ASN C 869 2.43 33.83 23.12
C ASN C 869 3.06 33.03 21.92
N THR C 870 2.24 32.66 20.94
CA THR C 870 2.69 31.94 19.76
C THR C 870 2.49 32.94 18.60
N PRO C 871 3.57 33.53 18.12
CA PRO C 871 3.44 34.58 17.09
C PRO C 871 2.58 34.24 15.88
N TRP C 872 2.70 33.02 15.33
CA TRP C 872 1.93 32.67 14.14
C TRP C 872 0.42 32.64 14.39
N LEU C 873 0.00 32.38 15.63
CA LEU C 873 -1.43 32.31 15.95
C LEU C 873 -1.94 33.71 16.25
N LEU C 874 -1.18 34.45 17.06
CA LEU C 874 -1.52 35.82 17.31
C LEU C 874 -1.61 36.61 15.98
N GLU C 875 -0.71 36.33 15.05
CA GLU C 875 -0.78 37.00 13.74
C GLU C 875 -2.17 36.87 13.11
N ALA C 876 -2.75 35.67 13.16
CA ALA C 876 -4.05 35.39 12.58
C ALA C 876 -5.23 36.00 13.34
N GLU C 877 -5.11 36.14 14.67
CA GLU C 877 -6.20 36.67 15.51
C GLU C 877 -5.54 37.52 16.60
N PRO C 878 -5.14 38.71 16.21
CA PRO C 878 -4.29 39.52 17.07
C PRO C 878 -4.99 40.24 18.20
N GLN C 879 -6.30 40.43 18.13
CA GLN C 879 -6.96 41.24 19.15
C GLN C 879 -8.36 40.79 19.52
N MET C 880 -8.77 41.16 20.74
CA MET C 880 -10.14 40.97 21.21
C MET C 880 -11.11 41.57 20.20
N PHE C 881 -12.19 40.87 19.95
CA PHE C 881 -13.15 41.37 18.99
C PHE C 881 -14.57 41.22 19.55
N CYS C 882 -15.55 41.84 18.91
CA CYS C 882 -16.93 41.63 19.28
C CYS C 882 -17.74 41.43 18.00
N GLU C 883 -18.29 40.25 17.82
CA GLU C 883 -19.12 39.94 16.66
C GLU C 883 -20.54 40.42 16.87
N MET C 884 -21.07 41.18 15.94
CA MET C 884 -22.44 41.69 16.10
C MET C 884 -23.14 41.78 14.76
N SER C 885 -24.47 41.76 14.77
CA SER C 885 -25.22 41.83 13.54
C SER C 885 -25.19 43.22 12.93
N GLU C 886 -25.59 43.30 11.68
CA GLU C 886 -25.65 44.59 11.02
C GLU C 886 -26.70 45.43 11.73
N GLU C 887 -27.83 44.78 12.06
CA GLU C 887 -28.88 45.50 12.76
C GLU C 887 -28.35 46.21 13.99
N LEU C 888 -27.68 45.48 14.88
CA LEU C 888 -27.17 46.08 16.11
C LEU C 888 -26.16 47.18 15.86
N ALA C 889 -25.24 46.92 14.93
CA ALA C 889 -24.22 47.89 14.55
C ALA C 889 -24.90 49.15 14.08
N THR C 890 -25.89 48.98 13.21
CA THR C 890 -26.67 50.12 12.77
C THR C 890 -27.28 50.83 13.98
N LEU C 891 -27.97 50.08 14.83
CA LEU C 891 -28.61 50.68 15.99
C LEU C 891 -27.62 51.50 16.83
N ARG C 892 -26.39 51.00 16.96
CA ARG C 892 -25.40 51.65 17.84
C ARG C 892 -24.46 52.64 17.19
N GLY C 893 -24.50 52.75 15.87
CA GLY C 893 -23.63 53.70 15.20
C GLY C 893 -22.21 53.15 15.07
N ILE C 894 -22.12 51.84 14.91
CA ILE C 894 -20.82 51.19 14.87
C ILE C 894 -20.43 50.76 13.46
N LYS C 895 -19.22 51.11 13.06
CA LYS C 895 -18.70 50.67 11.75
C LYS C 895 -17.72 49.50 11.92
N ASN C 896 -17.54 48.74 10.85
CA ASN C 896 -16.72 47.55 10.95
C ASN C 896 -15.32 47.92 11.36
N GLY C 897 -14.79 47.20 12.34
CA GLY C 897 -13.45 47.45 12.81
C GLY C 897 -13.30 48.52 13.89
N ASP C 898 -14.40 49.19 14.21
CA ASP C 898 -14.36 50.22 15.23
C ASP C 898 -14.00 49.61 16.58
N LYS C 899 -13.23 50.33 17.37
CA LYS C 899 -13.05 49.95 18.75
C LYS C 899 -14.41 50.15 19.46
N VAL C 900 -14.85 49.16 20.23
CA VAL C 900 -16.11 49.31 20.95
C VAL C 900 -15.87 48.97 22.43
N ILE C 901 -16.76 49.45 23.29
CA ILE C 901 -16.67 49.13 24.73
C ILE C 901 -17.84 48.24 25.14
N LEU C 902 -17.53 47.13 25.78
CA LEU C 902 -18.60 46.32 26.34
C LEU C 902 -18.54 46.57 27.83
N GLU C 903 -19.70 46.64 28.44
CA GLU C 903 -19.82 46.89 29.86
C GLU C 903 -20.93 46.05 30.42
N SER C 904 -20.70 45.50 31.60
CA SER C 904 -21.72 44.82 32.37
C SER C 904 -21.64 45.42 33.77
N VAL C 905 -22.52 44.97 34.66
CA VAL C 905 -22.47 45.47 36.03
C VAL C 905 -21.12 45.12 36.68
N ARG C 906 -20.45 44.10 36.16
CA ARG C 906 -19.20 43.61 36.76
C ARG C 906 -17.92 44.31 36.29
N GLY C 907 -17.95 44.88 35.10
CA GLY C 907 -16.73 45.45 34.53
C GLY C 907 -16.88 45.94 33.11
N LYS C 908 -15.75 46.29 32.50
CA LYS C 908 -15.77 46.80 31.14
C LYS C 908 -14.48 46.45 30.39
N LEU C 909 -14.60 46.27 29.08
CA LEU C 909 -13.45 45.97 28.25
C LEU C 909 -13.59 46.50 26.82
N TRP C 910 -12.48 46.63 26.12
CA TRP C 910 -12.54 47.08 24.73
C TRP C 910 -12.38 45.90 23.82
N ALA C 911 -12.89 46.06 22.60
CA ALA C 911 -12.79 45.04 21.56
C ALA C 911 -12.91 45.71 20.18
N LYS C 912 -12.52 44.98 19.13
CA LYS C 912 -12.66 45.48 17.77
C LYS C 912 -13.97 44.91 17.21
N ALA C 913 -14.82 45.76 16.65
CA ALA C 913 -16.09 45.26 16.13
C ALA C 913 -15.94 44.43 14.88
N ILE C 914 -16.57 43.27 14.86
CA ILE C 914 -16.65 42.51 13.63
C ILE C 914 -18.14 42.49 13.23
N ILE C 915 -18.55 43.40 12.34
CA ILE C 915 -19.93 43.39 11.88
C ILE C 915 -20.13 42.22 10.93
N THR C 916 -21.11 41.38 11.23
CA THR C 916 -21.27 40.17 10.45
C THR C 916 -22.74 39.82 10.19
N LYS C 917 -22.99 39.26 9.00
CA LYS C 917 -24.30 38.74 8.64
C LYS C 917 -24.49 37.35 9.25
N ARG C 918 -23.45 36.83 9.91
CA ARG C 918 -23.53 35.51 10.51
C ARG C 918 -24.33 35.50 11.83
N ILE C 919 -24.62 36.68 12.33
CA ILE C 919 -25.46 36.80 13.53
C ILE C 919 -26.64 37.68 13.14
N LYS C 920 -27.83 37.30 13.58
CA LYS C 920 -29.03 38.11 13.37
C LYS C 920 -29.79 38.21 14.68
N PRO C 921 -30.57 39.27 14.83
CA PRO C 921 -31.40 39.45 16.02
C PRO C 921 -32.39 38.29 16.13
N PHE C 922 -32.86 38.00 17.33
CA PHE C 922 -33.85 36.95 17.48
C PHE C 922 -35.17 37.62 17.76
N ALA C 923 -36.19 37.22 17.02
CA ALA C 923 -37.52 37.81 17.16
C ALA C 923 -38.33 36.93 18.10
N ILE C 924 -38.70 37.46 19.26
CA ILE C 924 -39.47 36.70 20.25
C ILE C 924 -40.60 37.56 20.79
N GLN C 925 -41.83 37.12 20.56
CA GLN C 925 -43.00 37.80 21.13
C GLN C 925 -42.94 39.33 20.93
N GLY C 926 -42.86 39.74 19.66
CA GLY C 926 -42.88 41.14 19.27
C GLY C 926 -41.75 41.92 19.91
N GLN C 927 -40.60 41.26 20.00
CA GLN C 927 -39.46 41.85 20.66
C GLN C 927 -38.22 41.43 19.92
N GLN C 928 -37.29 42.36 19.73
CA GLN C 928 -36.02 42.06 19.10
C GLN C 928 -34.99 41.81 20.18
N VAL C 929 -34.46 40.59 20.23
CA VAL C 929 -33.43 40.26 21.19
C VAL C 929 -32.09 40.28 20.48
N HIS C 930 -31.20 41.13 20.94
CA HIS C 930 -29.88 41.25 20.36
C HIS C 930 -28.83 40.49 21.17
N MET C 931 -28.08 39.63 20.49
CA MET C 931 -26.97 38.90 21.08
C MET C 931 -25.69 39.23 20.31
N VAL C 932 -24.64 39.62 21.04
CA VAL C 932 -23.32 39.79 20.47
C VAL C 932 -22.42 38.72 21.06
N GLY C 933 -21.24 38.56 20.47
CA GLY C 933 -20.28 37.54 20.91
C GLY C 933 -18.85 38.04 21.01
N ILE C 934 -18.10 37.52 21.98
CA ILE C 934 -16.68 37.85 22.15
C ILE C 934 -15.91 36.59 22.47
N PRO C 935 -14.63 36.58 22.15
CA PRO C 935 -13.74 35.48 22.48
C PRO C 935 -13.21 35.72 23.88
N TRP C 936 -12.86 34.66 24.58
CA TRP C 936 -12.35 34.80 25.94
C TRP C 936 -10.85 34.45 25.93
N HIS C 937 -10.19 34.61 24.78
CA HIS C 937 -8.79 34.23 24.64
C HIS C 937 -7.78 35.33 24.90
N TYR C 938 -8.19 36.47 25.48
CA TYR C 938 -7.24 37.56 25.63
C TYR C 938 -6.97 37.91 27.09
N GLY C 939 -5.84 38.56 27.37
CA GLY C 939 -5.47 38.89 28.73
C GLY C 939 -4.42 39.98 28.75
N TRP C 940 -4.44 40.79 29.80
CA TRP C 940 -3.59 41.97 29.87
C TRP C 940 -2.08 41.71 29.80
N SER C 941 -1.63 40.50 30.11
CA SER C 941 -0.20 40.28 30.20
C SER C 941 0.56 40.27 28.86
N PHE C 942 -0.15 39.94 27.78
CA PHE C 942 0.46 39.87 26.46
C PHE C 942 -0.59 39.62 25.39
N PRO C 943 -0.49 40.24 24.20
CA PRO C 943 0.51 41.28 23.86
C PRO C 943 0.03 42.60 24.43
N LYS C 944 0.71 43.71 24.10
CA LYS C 944 0.37 45.01 24.66
C LYS C 944 -1.02 45.54 24.28
N ASN C 945 -1.46 45.26 23.06
CA ASN C 945 -2.75 45.77 22.65
C ASN C 945 -3.65 44.64 22.19
N GLY C 946 -3.62 43.51 22.90
CA GLY C 946 -4.41 42.36 22.53
C GLY C 946 -5.79 42.39 23.18
N GLY C 947 -5.85 43.04 24.34
CA GLY C 947 -7.09 43.17 25.10
C GLY C 947 -7.04 42.35 26.39
N ASP C 948 -8.16 42.27 27.11
CA ASP C 948 -8.14 41.53 28.37
C ASP C 948 -9.22 40.44 28.38
N ALA C 949 -9.40 39.81 29.52
CA ALA C 949 -10.32 38.69 29.68
C ALA C 949 -11.79 39.03 29.53
N ALA C 950 -12.47 38.23 28.70
CA ALA C 950 -13.91 38.34 28.56
C ALA C 950 -14.61 38.18 29.93
N ASN C 951 -14.00 37.41 30.83
CA ASN C 951 -14.59 37.15 32.13
C ASN C 951 -14.62 38.34 33.06
N ILE C 952 -14.06 39.46 32.63
CA ILE C 952 -14.23 40.72 33.33
C ILE C 952 -15.72 41.06 33.38
N LEU C 953 -16.47 40.66 32.36
CA LEU C 953 -17.88 40.97 32.29
C LEU C 953 -18.85 39.98 32.94
N THR C 954 -18.41 38.76 33.18
CA THR C 954 -19.33 37.69 33.57
C THR C 954 -19.66 37.55 35.04
N PRO C 955 -20.87 37.08 35.32
CA PRO C 955 -21.26 36.68 36.67
C PRO C 955 -20.93 35.19 36.81
N SER C 956 -20.93 34.65 38.02
CA SER C 956 -20.80 33.21 38.18
C SER C 956 -22.16 32.59 37.88
N VAL C 957 -22.21 31.27 37.71
N VAL C 957 -22.22 31.28 37.73
CA VAL C 957 -23.45 30.58 37.30
CA VAL C 957 -23.51 30.64 37.60
C VAL C 957 -24.73 30.85 38.11
C VAL C 957 -24.12 30.79 38.99
N GLY C 958 -24.62 30.81 39.43
N GLY C 958 -25.44 30.91 39.02
CA GLY C 958 -25.80 30.98 40.26
CA GLY C 958 -26.16 31.03 40.28
C GLY C 958 -25.71 32.07 41.33
C GLY C 958 -25.69 32.09 41.27
N ASN C 959 -25.56 31.64 42.57
N ASN C 959 -25.73 31.71 42.54
CA ASN C 959 -25.50 32.57 43.69
CA ASN C 959 -25.51 32.59 43.68
C ASN C 959 -24.11 33.12 44.05
C ASN C 959 -24.11 33.11 44.04
N PRO C 960 -23.06 32.34 43.79
CA PRO C 960 -21.70 32.78 44.09
C PRO C 960 -21.37 34.04 43.30
N ASN C 961 -20.31 34.75 43.69
CA ASN C 961 -19.96 35.96 42.93
C ASN C 961 -18.73 35.85 41.99
N THR C 962 -17.91 34.84 42.24
CA THR C 962 -16.74 34.52 41.40
C THR C 962 -16.92 33.04 41.10
N GLY C 963 -15.93 32.43 40.43
CA GLY C 963 -15.97 31.00 40.18
C GLY C 963 -16.33 30.51 38.78
N ILE C 964 -17.42 29.72 38.70
CA ILE C 964 -17.81 29.13 37.41
C ILE C 964 -18.57 30.19 36.63
N PRO C 965 -18.07 30.51 35.45
CA PRO C 965 -18.67 31.56 34.62
C PRO C 965 -19.96 31.11 33.90
N GLU C 966 -20.97 31.98 33.86
CA GLU C 966 -22.13 31.74 33.00
C GLU C 966 -21.62 32.35 31.73
N THR C 967 -21.03 31.51 30.90
CA THR C 967 -20.24 31.98 29.78
C THR C 967 -20.99 32.15 28.47
N LYS C 968 -22.15 31.52 28.35
CA LYS C 968 -22.89 31.57 27.09
C LYS C 968 -23.90 32.69 26.97
N ALA C 969 -24.26 33.32 28.08
CA ALA C 969 -25.25 34.40 28.03
C ALA C 969 -25.23 35.24 29.30
N PHE C 970 -25.09 36.56 29.14
CA PHE C 970 -25.10 37.54 30.21
C PHE C 970 -25.36 38.91 29.59
N MET C 971 -25.82 39.86 30.39
CA MET C 971 -26.23 41.15 29.85
C MET C 971 -25.14 42.20 29.84
N VAL C 972 -25.09 42.94 28.73
CA VAL C 972 -24.11 43.99 28.55
C VAL C 972 -24.68 45.11 27.73
N ASN C 973 -23.93 46.20 27.68
CA ASN C 973 -24.14 47.25 26.69
C ASN C 973 -22.94 47.13 25.72
N VAL C 974 -23.14 47.59 24.48
CA VAL C 974 -22.06 47.62 23.47
C VAL C 974 -22.08 49.05 22.98
N THR C 975 -20.95 49.76 23.09
CA THR C 975 -20.92 51.16 22.69
C THR C 975 -19.65 51.53 21.91
N LYS C 976 -19.80 52.36 20.89
CA LYS C 976 -18.64 52.81 20.14
C LYS C 976 -17.68 53.51 21.09
N ALA C 977 -16.40 53.21 20.98
CA ALA C 977 -15.43 53.86 21.86
C ALA C 977 -15.14 55.28 21.40
N SER D 1 6.09 16.60 -14.20
CA SER D 1 5.93 17.91 -13.48
C SER D 1 4.78 17.85 -12.48
N LYS D 2 4.75 18.80 -11.55
CA LYS D 2 3.78 18.73 -10.47
C LYS D 2 2.68 19.76 -10.52
N GLY D 3 1.67 19.51 -9.68
CA GLY D 3 0.58 20.43 -9.51
C GLY D 3 -0.25 20.21 -8.27
N PHE D 4 -1.24 21.06 -8.11
CA PHE D 4 -2.12 21.01 -6.96
C PHE D 4 -3.54 21.19 -7.40
N PHE D 5 -4.45 20.60 -6.66
CA PHE D 5 -5.87 20.88 -6.82
C PHE D 5 -6.35 21.39 -5.47
N VAL D 6 -6.88 22.62 -5.43
CA VAL D 6 -7.39 23.19 -4.19
C VAL D 6 -8.90 23.22 -4.27
N ASP D 7 -9.57 22.37 -3.48
CA ASP D 7 -11.04 22.33 -3.47
C ASP D 7 -11.55 23.22 -2.34
N THR D 8 -11.85 24.48 -2.66
CA THR D 8 -12.28 25.42 -1.62
C THR D 8 -13.57 24.99 -0.93
N THR D 9 -14.37 24.15 -1.58
CA THR D 9 -15.63 23.71 -0.97
C THR D 9 -15.41 22.77 0.20
N ARG D 10 -14.17 22.33 0.41
CA ARG D 10 -13.89 21.42 1.55
C ARG D 10 -13.07 22.13 2.63
N CYS D 11 -12.70 23.39 2.39
CA CYS D 11 -11.85 24.14 3.29
C CYS D 11 -12.67 24.68 4.47
N THR D 12 -12.23 24.39 5.69
CA THR D 12 -12.90 24.93 6.88
C THR D 12 -12.18 26.15 7.44
N ALA D 13 -11.18 26.64 6.72
CA ALA D 13 -10.36 27.77 7.19
C ALA D 13 -9.75 27.49 8.56
N CYS D 14 -9.31 26.26 8.77
CA CYS D 14 -8.68 25.89 10.03
C CYS D 14 -7.31 26.59 10.14
N ARG D 15 -6.84 27.07 9.01
CA ARG D 15 -5.56 27.78 8.91
C ARG D 15 -4.32 26.94 9.26
N GLY D 16 -4.51 25.63 9.23
CA GLY D 16 -3.38 24.74 9.35
C GLY D 16 -2.38 25.02 8.24
N CYS D 17 -2.84 25.19 7.00
CA CYS D 17 -1.91 25.42 5.90
C CYS D 17 -1.07 26.70 6.05
N GLN D 18 -1.71 27.79 6.46
CA GLN D 18 -1.03 29.08 6.67
C GLN D 18 0.12 28.97 7.70
N VAL D 19 -0.15 28.33 8.81
CA VAL D 19 0.84 28.13 9.84
C VAL D 19 1.88 27.10 9.42
N ALA D 20 1.43 26.04 8.76
CA ALA D 20 2.35 24.96 8.37
C ALA D 20 3.41 25.45 7.39
N CYS D 21 3.01 26.33 6.48
CA CYS D 21 3.92 26.91 5.52
C CYS D 21 4.95 27.70 6.30
N LYS D 22 4.49 28.50 7.23
CA LYS D 22 5.46 29.26 8.00
C LYS D 22 6.40 28.38 8.82
N GLN D 23 5.87 27.33 9.43
CA GLN D 23 6.68 26.47 10.27
C GLN D 23 7.72 25.75 9.44
N TRP D 24 7.32 25.28 8.27
CA TRP D 24 8.31 24.59 7.44
C TRP D 24 9.44 25.50 6.96
N HIS D 25 9.09 26.68 6.47
CA HIS D 25 10.09 27.60 5.93
C HIS D 25 10.79 28.48 6.96
N GLY D 26 10.36 28.41 8.22
CA GLY D 26 10.90 29.32 9.21
C GLY D 26 10.51 30.79 8.98
N ASN D 27 9.33 31.03 8.43
CA ASN D 27 8.86 32.40 8.22
C ASN D 27 8.32 32.99 9.51
N PRO D 28 8.65 34.24 9.78
CA PRO D 28 8.16 34.88 11.00
C PRO D 28 6.74 35.37 10.85
N ALA D 29 6.12 35.68 11.99
CA ALA D 29 4.83 36.33 12.00
C ALA D 29 5.12 37.77 11.62
N THR D 30 4.10 38.47 11.12
CA THR D 30 4.22 39.86 10.70
C THR D 30 3.15 40.66 11.44
N PRO D 31 3.30 41.98 11.49
CA PRO D 31 2.39 42.84 12.28
C PRO D 31 0.95 42.84 11.78
N THR D 32 0.00 42.62 12.70
CA THR D 32 -1.41 42.64 12.33
C THR D 32 -2.26 43.25 13.40
N GLU D 33 -3.48 43.60 13.03
CA GLU D 33 -4.47 44.08 13.97
C GLU D 33 -5.82 43.64 13.46
N ASN D 34 -6.82 43.60 14.33
CA ASN D 34 -8.12 43.19 13.86
C ASN D 34 -8.84 44.42 13.41
N THR D 35 -9.15 44.48 12.11
CA THR D 35 -9.84 45.62 11.53
C THR D 35 -11.26 45.28 11.13
N GLY D 36 -11.81 44.25 11.76
CA GLY D 36 -13.18 43.82 11.50
C GLY D 36 -13.30 42.53 10.71
N PHE D 37 -12.25 41.71 10.65
CA PHE D 37 -12.26 40.43 9.92
C PHE D 37 -11.43 39.38 10.60
N HIS D 38 -11.78 38.12 10.35
CA HIS D 38 -10.99 37.02 10.89
C HIS D 38 -9.71 36.77 10.10
N GLN D 39 -9.75 37.07 8.82
CA GLN D 39 -8.58 36.91 7.98
C GLN D 39 -7.41 37.80 8.45
N ASN D 40 -6.22 37.24 8.46
CA ASN D 40 -5.00 37.96 8.81
C ASN D 40 -3.79 37.06 8.62
N PRO D 41 -2.72 37.56 8.00
CA PRO D 41 -2.67 38.94 7.50
C PRO D 41 -3.66 39.26 6.37
N PRO D 42 -3.76 40.54 6.08
CA PRO D 42 -4.69 41.04 5.07
C PRO D 42 -4.29 40.60 3.68
N ASP D 43 -3.02 40.29 3.49
CA ASP D 43 -2.57 40.00 2.13
C ASP D 43 -1.19 39.38 2.20
N PHE D 44 -0.75 38.80 1.09
CA PHE D 44 0.60 38.27 1.03
C PHE D 44 1.62 39.34 1.42
N ASN D 45 2.74 38.88 2.02
CA ASN D 45 3.89 39.73 2.27
C ASN D 45 5.14 38.88 2.11
N PHE D 46 6.29 39.50 2.23
CA PHE D 46 7.56 38.80 2.03
C PHE D 46 7.69 37.55 2.91
N HIS D 47 7.02 37.55 4.05
CA HIS D 47 7.11 36.43 4.99
C HIS D 47 5.90 35.50 5.05
N THR D 48 4.92 35.73 4.17
CA THR D 48 3.69 34.98 4.20
C THR D 48 3.36 34.48 2.81
N TYR D 49 3.61 33.20 2.55
CA TYR D 49 3.44 32.66 1.21
C TYR D 49 2.07 32.04 0.98
N LYS D 50 1.41 31.67 2.09
CA LYS D 50 0.15 30.94 2.06
C LYS D 50 -0.77 31.75 2.95
N LEU D 51 -1.93 32.12 2.41
CA LEU D 51 -2.78 33.04 3.13
C LEU D 51 -4.24 32.65 2.97
N VAL D 52 -4.86 32.26 4.07
CA VAL D 52 -6.26 31.90 3.97
C VAL D 52 -7.13 33.16 3.92
N ARG D 53 -7.68 33.42 2.75
CA ARG D 53 -8.58 34.55 2.57
C ARG D 53 -9.98 34.08 2.98
N MET D 54 -10.73 35.00 3.59
CA MET D 54 -12.06 34.70 4.10
C MET D 54 -13.02 35.84 3.76
N HIS D 55 -14.10 35.53 3.05
CA HIS D 55 -15.08 36.54 2.67
C HIS D 55 -16.51 36.07 2.86
N GLU D 56 -17.24 36.81 3.67
CA GLU D 56 -18.67 36.57 3.86
C GLU D 56 -19.35 36.94 2.57
N GLN D 57 -20.36 36.18 2.17
CA GLN D 57 -21.08 36.49 0.92
C GLN D 57 -22.47 35.97 1.08
N GLU D 58 -23.44 36.83 0.82
CA GLU D 58 -24.82 36.41 0.84
C GLU D 58 -25.09 35.76 -0.52
N ILE D 59 -25.49 34.51 -0.52
CA ILE D 59 -25.76 33.83 -1.78
C ILE D 59 -27.19 33.31 -1.84
N ASP D 60 -27.94 33.79 -2.83
CA ASP D 60 -29.34 33.41 -2.98
C ASP D 60 -30.07 33.70 -1.67
N GLY D 61 -29.81 34.86 -1.09
CA GLY D 61 -30.47 35.29 0.13
C GLY D 61 -30.01 34.64 1.41
N ARG D 62 -29.01 33.78 1.34
CA ARG D 62 -28.51 33.09 2.54
C ARG D 62 -27.02 33.36 2.75
N ILE D 63 -26.62 33.58 3.99
CA ILE D 63 -25.22 33.89 4.26
C ILE D 63 -24.33 32.66 4.05
N ASP D 64 -23.18 32.91 3.46
CA ASP D 64 -22.14 31.90 3.23
C ASP D 64 -20.81 32.56 3.63
N TRP D 65 -19.78 31.75 3.77
CA TRP D 65 -18.48 32.28 4.16
C TRP D 65 -17.51 31.53 3.26
N LEU D 66 -16.94 32.24 2.29
CA LEU D 66 -16.06 31.63 1.30
C LEU D 66 -14.58 31.77 1.63
N PHE D 67 -13.89 30.65 1.53
CA PHE D 67 -12.49 30.55 1.92
C PHE D 67 -11.61 30.25 0.70
N PHE D 68 -10.44 30.88 0.65
CA PHE D 68 -9.52 30.76 -0.50
C PHE D 68 -8.10 30.79 0.07
N PRO D 69 -7.48 29.60 0.19
CA PRO D 69 -6.11 29.46 0.70
C PRO D 69 -5.12 29.78 -0.41
N ASP D 70 -4.92 31.07 -0.59
CA ASP D 70 -4.12 31.65 -1.64
C ASP D 70 -2.61 31.37 -1.53
N GLN D 71 -1.99 31.15 -2.68
CA GLN D 71 -0.57 30.95 -2.81
C GLN D 71 -0.24 31.14 -4.30
N CYS D 72 1.06 31.25 -4.60
CA CYS D 72 1.52 31.31 -6.00
C CYS D 72 0.90 30.20 -6.80
N ARG D 73 0.47 30.51 -8.02
CA ARG D 73 -0.12 29.51 -8.89
C ARG D 73 0.90 28.61 -9.63
N HIS D 74 2.19 28.93 -9.49
CA HIS D 74 3.22 28.22 -10.26
C HIS D 74 2.80 28.08 -11.74
N CYS D 75 2.57 29.24 -12.33
CA CYS D 75 2.13 29.38 -13.70
C CYS D 75 3.02 28.53 -14.63
N ILE D 76 2.38 27.90 -15.61
CA ILE D 76 3.09 27.06 -16.56
C ILE D 76 4.10 27.89 -17.35
N ALA D 77 3.71 29.11 -17.68
CA ALA D 77 4.57 30.04 -18.40
C ALA D 77 4.60 31.30 -17.56
N PRO D 78 5.49 31.33 -16.59
CA PRO D 78 5.46 32.37 -15.56
C PRO D 78 5.92 33.72 -16.05
N PRO D 79 5.02 34.70 -16.11
CA PRO D 79 5.38 36.05 -16.54
C PRO D 79 6.29 36.73 -15.52
N CYS D 80 6.25 36.31 -14.27
CA CYS D 80 7.16 36.91 -13.30
C CYS D 80 8.57 36.61 -13.75
N LYS D 81 8.84 35.35 -14.09
CA LYS D 81 10.17 35.01 -14.56
C LYS D 81 10.50 35.64 -15.89
N ALA D 82 9.55 35.59 -16.82
CA ALA D 82 9.76 36.18 -18.13
C ALA D 82 10.26 37.61 -18.04
N THR D 83 9.73 38.34 -17.06
CA THR D 83 10.06 39.74 -16.84
C THR D 83 11.43 39.86 -16.20
N ALA D 84 11.66 39.09 -15.14
CA ALA D 84 12.94 39.18 -14.44
C ALA D 84 14.11 38.72 -15.33
N ASP D 85 13.83 37.75 -16.21
CA ASP D 85 14.84 37.21 -17.13
C ASP D 85 15.44 38.29 -18.02
N MET D 86 14.72 39.39 -18.19
CA MET D 86 15.23 40.48 -19.02
C MET D 86 16.40 41.20 -18.38
N GLU D 87 16.51 40.98 -17.08
CA GLU D 87 17.55 41.58 -16.28
C GLU D 87 18.55 40.54 -15.78
N ASP D 88 18.02 39.42 -15.29
CA ASP D 88 18.86 38.36 -14.74
C ASP D 88 18.10 37.03 -14.70
N GLU D 89 18.49 36.13 -15.61
CA GLU D 89 17.82 34.84 -15.73
C GLU D 89 17.99 33.93 -14.51
N SER D 90 18.90 34.26 -13.61
CA SER D 90 19.11 33.43 -12.42
C SER D 90 18.35 33.96 -11.18
N ALA D 91 17.65 35.07 -11.34
CA ALA D 91 16.91 35.60 -10.19
C ALA D 91 15.72 34.71 -9.82
N ILE D 92 15.02 34.21 -10.85
CA ILE D 92 13.89 33.33 -10.64
C ILE D 92 14.17 32.05 -11.40
N ILE D 93 14.17 30.91 -10.69
CA ILE D 93 14.46 29.62 -11.32
C ILE D 93 13.17 28.90 -11.66
N HIS D 94 13.11 28.32 -12.85
CA HIS D 94 11.95 27.55 -13.27
C HIS D 94 12.43 26.09 -13.33
N ASP D 95 12.10 25.33 -12.29
CA ASP D 95 12.55 23.97 -12.16
C ASP D 95 11.88 22.98 -13.13
N ASP D 96 12.65 22.34 -13.98
CA ASP D 96 12.09 21.44 -15.00
C ASP D 96 11.41 20.20 -14.42
N ALA D 97 12.00 19.63 -13.39
CA ALA D 97 11.45 18.41 -12.82
C ALA D 97 10.10 18.58 -12.14
N THR D 98 9.85 19.73 -11.51
CA THR D 98 8.60 19.91 -10.79
C THR D 98 7.69 20.97 -11.35
N GLY D 99 8.25 21.92 -12.08
CA GLY D 99 7.48 23.06 -12.55
C GLY D 99 7.48 24.17 -11.52
N CYS D 100 8.21 23.99 -10.42
CA CYS D 100 8.35 25.05 -9.40
C CYS D 100 8.94 26.34 -9.99
N VAL D 101 8.29 27.45 -9.66
CA VAL D 101 8.78 28.77 -10.02
C VAL D 101 9.44 29.26 -8.74
N LEU D 102 10.76 29.31 -8.71
CA LEU D 102 11.47 29.60 -7.47
C LEU D 102 12.11 30.97 -7.43
N PHE D 103 11.58 31.85 -6.60
CA PHE D 103 12.22 33.14 -6.39
C PHE D 103 13.44 32.87 -5.51
N THR D 104 14.61 33.37 -5.91
CA THR D 104 15.82 33.20 -5.12
C THR D 104 16.26 34.53 -4.53
N PRO D 105 17.17 34.49 -3.56
CA PRO D 105 17.78 35.71 -3.01
C PRO D 105 18.39 36.61 -4.07
N LYS D 106 18.77 36.05 -5.22
CA LYS D 106 19.34 36.85 -6.30
C LYS D 106 18.35 37.94 -6.71
N THR D 107 17.07 37.79 -6.36
CA THR D 107 16.10 38.85 -6.64
C THR D 107 16.52 40.17 -6.01
N LYS D 108 17.31 40.10 -4.95
CA LYS D 108 17.81 41.28 -4.28
C LYS D 108 18.60 42.18 -5.26
N ASP D 109 19.18 41.58 -6.28
CA ASP D 109 19.96 42.36 -7.25
C ASP D 109 19.19 42.87 -8.46
N LEU D 110 17.88 42.65 -8.51
CA LEU D 110 17.12 43.17 -9.63
C LEU D 110 16.88 44.66 -9.45
N GLU D 111 17.16 45.44 -10.47
CA GLU D 111 16.91 46.87 -10.40
C GLU D 111 15.41 47.12 -10.55
N ASP D 112 14.75 46.38 -11.44
CA ASP D 112 13.33 46.63 -11.64
C ASP D 112 12.39 45.57 -11.04
N TYR D 113 12.30 45.57 -9.72
CA TYR D 113 11.48 44.59 -9.04
C TYR D 113 9.99 44.86 -9.25
N GLU D 114 9.62 46.14 -9.37
CA GLU D 114 8.21 46.48 -9.48
C GLU D 114 7.59 45.78 -10.69
N SER D 115 8.32 45.78 -11.80
CA SER D 115 7.85 45.11 -13.01
C SER D 115 7.59 43.62 -12.83
N VAL D 116 8.40 42.99 -12.00
CA VAL D 116 8.23 41.59 -11.72
C VAL D 116 6.93 41.38 -10.95
N ILE D 117 6.74 42.17 -9.91
CA ILE D 117 5.50 42.08 -9.13
C ILE D 117 4.29 42.41 -9.98
N SER D 118 4.32 43.46 -10.77
CA SER D 118 3.14 43.77 -11.58
C SER D 118 2.90 42.78 -12.73
N ALA D 119 3.93 42.02 -13.13
CA ALA D 119 3.72 41.00 -14.17
C ALA D 119 2.84 39.85 -13.66
N CYS D 120 2.78 39.65 -12.35
CA CYS D 120 1.97 38.53 -11.83
C CYS D 120 0.47 38.86 -11.89
N PRO D 121 -0.29 38.09 -12.66
CA PRO D 121 -1.72 38.34 -12.83
C PRO D 121 -2.49 38.12 -11.51
N TYR D 122 -1.88 37.39 -10.59
CA TYR D 122 -2.52 37.02 -9.33
C TYR D 122 -2.03 37.85 -8.14
N ASP D 123 -1.18 38.83 -8.43
CA ASP D 123 -0.62 39.73 -7.42
C ASP D 123 -0.03 38.94 -6.22
N VAL D 124 0.92 38.08 -6.51
CA VAL D 124 1.49 37.21 -5.52
C VAL D 124 2.85 37.57 -4.91
N PRO D 125 3.87 37.91 -5.71
CA PRO D 125 5.22 38.12 -5.16
C PRO D 125 5.33 39.34 -4.28
N ARG D 126 6.16 39.27 -3.26
CA ARG D 126 6.27 40.38 -2.31
C ARG D 126 7.73 40.69 -1.99
N LYS D 127 8.01 41.96 -1.74
CA LYS D 127 9.34 42.49 -1.49
C LYS D 127 9.55 42.71 0.00
N VAL D 128 10.75 42.37 0.50
CA VAL D 128 11.09 42.59 1.91
C VAL D 128 11.33 44.10 2.09
N ALA D 129 11.16 44.63 3.30
CA ALA D 129 11.28 46.09 3.43
C ALA D 129 12.65 46.65 3.09
N GLU D 130 13.69 45.98 3.56
CA GLU D 130 15.03 46.55 3.52
C GLU D 130 15.78 46.47 2.19
N SER D 131 15.22 45.75 1.22
CA SER D 131 15.92 45.59 -0.03
C SER D 131 14.97 45.23 -1.16
N ASN D 132 15.51 44.91 -2.32
CA ASN D 132 14.68 44.49 -3.42
C ASN D 132 14.37 42.99 -3.37
N GLN D 133 14.89 42.28 -2.38
CA GLN D 133 14.65 40.82 -2.38
C GLN D 133 13.15 40.51 -2.33
N MET D 134 12.75 39.47 -3.06
CA MET D 134 11.37 39.05 -3.12
C MET D 134 11.23 37.59 -2.81
N ALA D 135 10.08 37.21 -2.27
CA ALA D 135 9.82 35.82 -1.95
C ALA D 135 8.35 35.49 -2.11
N LYS D 136 8.05 34.20 -2.13
CA LYS D 136 6.68 33.69 -2.30
C LYS D 136 6.81 32.18 -2.15
N CYS D 137 5.69 31.49 -2.28
CA CYS D 137 5.65 30.04 -2.22
C CYS D 137 6.76 29.41 -3.08
N ASP D 138 7.44 28.40 -2.56
CA ASP D 138 8.50 27.74 -3.33
C ASP D 138 8.11 26.32 -3.63
N MET D 139 6.80 26.07 -3.59
CA MET D 139 6.24 24.75 -3.81
C MET D 139 6.84 23.71 -2.84
N CYS D 140 7.39 24.16 -1.72
CA CYS D 140 8.09 23.25 -0.81
C CYS D 140 9.02 22.33 -1.63
N ILE D 141 9.76 22.95 -2.56
CA ILE D 141 10.66 22.25 -3.48
C ILE D 141 11.56 21.22 -2.79
N ASP D 142 12.05 21.55 -1.59
CA ASP D 142 12.89 20.64 -0.81
C ASP D 142 12.12 19.39 -0.34
N ARG D 143 10.89 19.57 0.12
CA ARG D 143 10.10 18.41 0.52
C ARG D 143 9.78 17.52 -0.67
N ILE D 144 9.30 18.13 -1.76
CA ILE D 144 8.82 17.36 -2.88
C ILE D 144 9.91 16.66 -3.67
N THR D 145 11.17 17.07 -3.50
CA THR D 145 12.23 16.33 -4.15
C THR D 145 12.84 15.39 -3.16
N ASN D 146 12.32 15.36 -1.94
CA ASN D 146 12.83 14.45 -0.92
C ASN D 146 11.80 13.47 -0.39
N GLY D 147 10.82 13.13 -1.25
CA GLY D 147 9.82 12.13 -0.92
C GLY D 147 8.62 12.59 -0.10
N LEU D 148 8.55 13.88 0.22
CA LEU D 148 7.44 14.40 0.99
C LEU D 148 6.45 15.22 0.15
N ARG D 149 5.32 15.56 0.73
CA ARG D 149 4.40 16.44 0.06
C ARG D 149 4.57 17.82 0.66
N PRO D 150 4.08 18.84 -0.01
CA PRO D 150 4.16 20.19 0.56
C PRO D 150 3.57 20.28 1.98
N ALA D 151 4.11 21.17 2.80
CA ALA D 151 3.67 21.31 4.17
C ALA D 151 2.19 21.65 4.28
N CYS D 152 1.72 22.52 3.39
CA CYS D 152 0.31 22.95 3.44
C CYS D 152 -0.63 21.82 3.09
N VAL D 153 -0.21 20.96 2.18
CA VAL D 153 -1.02 19.83 1.76
C VAL D 153 -1.06 18.77 2.86
N THR D 154 0.10 18.50 3.45
CA THR D 154 0.17 17.53 4.52
C THR D 154 -0.70 17.97 5.71
N SER D 155 -0.70 19.27 5.99
CA SER D 155 -1.44 19.83 7.12
C SER D 155 -2.97 19.77 6.97
N CYS D 156 -3.43 19.83 5.72
CA CYS D 156 -4.85 19.96 5.45
C CYS D 156 -5.72 18.79 5.92
N PRO D 157 -6.63 19.06 6.85
CA PRO D 157 -7.44 17.96 7.37
C PRO D 157 -8.58 17.51 6.48
N THR D 158 -9.08 18.34 5.57
CA THR D 158 -10.30 17.99 4.83
C THR D 158 -10.11 17.56 3.39
N GLY D 159 -8.86 17.49 2.93
CA GLY D 159 -8.65 17.14 1.55
C GLY D 159 -8.96 18.31 0.63
N ALA D 160 -9.06 19.53 1.20
CA ALA D 160 -9.17 20.71 0.35
C ALA D 160 -7.88 20.85 -0.50
N MET D 161 -6.73 20.59 0.12
CA MET D 161 -5.43 20.67 -0.53
C MET D 161 -5.03 19.32 -1.09
N ASN D 162 -4.64 19.30 -2.36
CA ASN D 162 -4.20 18.06 -2.99
C ASN D 162 -2.98 18.33 -3.84
N PHE D 163 -2.11 17.33 -3.96
CA PHE D 163 -0.86 17.52 -4.70
C PHE D 163 -0.52 16.24 -5.42
N GLY D 164 0.13 16.35 -6.57
CA GLY D 164 0.62 15.20 -7.30
C GLY D 164 1.18 15.65 -8.64
N ASP D 165 1.34 14.71 -9.55
CA ASP D 165 1.74 15.06 -10.91
C ASP D 165 0.66 15.97 -11.49
N LEU D 166 1.06 16.91 -12.35
CA LEU D 166 0.12 17.87 -12.88
C LEU D 166 -1.09 17.23 -13.55
N SER D 167 -0.85 16.25 -14.39
CA SER D 167 -1.95 15.57 -15.09
C SER D 167 -2.99 15.00 -14.12
N GLU D 168 -2.51 14.35 -13.05
CA GLU D 168 -3.45 13.78 -12.07
C GLU D 168 -4.29 14.89 -11.44
N MET D 169 -3.65 16.01 -11.14
CA MET D 169 -4.36 17.13 -10.50
C MET D 169 -5.37 17.78 -11.43
N GLU D 170 -5.04 17.84 -12.72
CA GLU D 170 -5.95 18.39 -13.71
C GLU D 170 -7.20 17.51 -13.81
N ALA D 171 -6.99 16.20 -13.79
CA ALA D 171 -8.06 15.22 -13.86
C ALA D 171 -8.94 15.29 -12.63
N MET D 172 -8.31 15.40 -11.47
CA MET D 172 -9.02 15.49 -10.21
C MET D 172 -9.92 16.72 -10.19
N ALA D 173 -9.35 17.86 -10.61
CA ALA D 173 -10.07 19.13 -10.64
C ALA D 173 -11.30 19.05 -11.52
N SER D 174 -11.14 18.44 -12.71
CA SER D 174 -12.25 18.31 -13.64
C SER D 174 -13.34 17.43 -13.09
N ALA D 175 -12.94 16.29 -12.53
CA ALA D 175 -13.91 15.38 -11.94
C ALA D 175 -14.64 16.01 -10.76
N ARG D 176 -13.95 16.79 -9.96
CA ARG D 176 -14.62 17.38 -8.81
C ARG D 176 -15.55 18.46 -9.30
N LEU D 177 -15.12 19.20 -10.31
CA LEU D 177 -16.01 20.21 -10.87
C LEU D 177 -17.29 19.54 -11.36
N ALA D 178 -17.14 18.45 -12.11
CA ALA D 178 -18.34 17.78 -12.62
C ALA D 178 -19.26 17.37 -11.47
N GLU D 179 -18.68 16.85 -10.40
CA GLU D 179 -19.43 16.40 -9.22
C GLU D 179 -20.34 17.47 -8.58
N ILE D 180 -19.98 18.74 -8.68
CA ILE D 180 -20.76 19.79 -8.04
C ILE D 180 -21.42 20.81 -8.96
N LYS D 181 -21.18 20.72 -10.26
CA LYS D 181 -21.74 21.68 -11.19
C LYS D 181 -23.28 21.78 -11.02
N ALA D 182 -23.93 20.65 -10.80
CA ALA D 182 -25.40 20.62 -10.76
C ALA D 182 -25.95 21.47 -9.62
N ALA D 183 -25.47 21.16 -8.41
CA ALA D 183 -25.81 21.90 -7.19
C ALA D 183 -25.23 23.33 -7.12
N TYR D 184 -24.09 23.54 -7.77
CA TYR D 184 -23.47 24.86 -7.81
C TYR D 184 -23.19 25.14 -9.26
N SER D 185 -24.19 25.62 -9.97
CA SER D 185 -24.10 25.88 -11.40
C SER D 185 -23.11 26.98 -11.77
N ASP D 186 -22.71 27.78 -10.78
CA ASP D 186 -21.73 28.80 -11.10
C ASP D 186 -20.33 28.37 -10.67
N ALA D 187 -20.16 27.10 -10.34
CA ALA D 187 -18.84 26.63 -9.94
C ALA D 187 -17.92 26.63 -11.16
N LYS D 188 -16.60 26.78 -10.96
CA LYS D 188 -15.63 26.68 -12.05
C LYS D 188 -14.22 26.50 -11.54
N LEU D 189 -13.32 26.06 -12.41
CA LEU D 189 -11.91 25.98 -12.06
C LEU D 189 -11.30 27.31 -12.42
N CYS D 190 -10.30 27.75 -11.68
CA CYS D 190 -9.66 29.03 -11.94
C CYS D 190 -8.45 28.86 -12.88
N ASP D 191 -8.56 29.43 -14.08
CA ASP D 191 -7.52 29.33 -15.12
C ASP D 191 -6.85 27.98 -15.22
N PRO D 192 -7.64 26.92 -15.39
CA PRO D 192 -7.12 25.56 -15.28
C PRO D 192 -6.07 25.18 -16.32
N ASP D 193 -6.01 25.87 -17.45
CA ASP D 193 -5.00 25.55 -18.48
C ASP D 193 -3.68 26.30 -18.29
N ASP D 194 -3.65 27.30 -17.41
CA ASP D 194 -2.48 28.16 -17.31
C ASP D 194 -1.61 28.01 -16.06
N VAL D 195 -2.15 27.37 -15.03
CA VAL D 195 -1.48 27.28 -13.75
C VAL D 195 -1.31 25.85 -13.26
N ARG D 196 -0.44 25.68 -12.27
CA ARG D 196 -0.20 24.38 -11.66
C ARG D 196 -1.04 24.21 -10.39
N VAL D 197 -1.43 25.32 -9.77
CA VAL D 197 -2.25 25.28 -8.59
C VAL D 197 -3.66 25.67 -9.02
N ILE D 198 -4.50 24.66 -9.18
CA ILE D 198 -5.85 24.82 -9.73
C ILE D 198 -6.89 24.88 -8.60
N PHE D 199 -7.52 26.02 -8.46
CA PHE D 199 -8.54 26.22 -7.46
C PHE D 199 -9.93 25.95 -8.04
N LEU D 200 -10.75 25.24 -7.28
CA LEU D 200 -12.14 25.04 -7.64
C LEU D 200 -12.94 25.92 -6.69
N THR D 201 -13.79 26.77 -7.27
CA THR D 201 -14.69 27.60 -6.49
C THR D 201 -16.12 27.21 -6.85
N ALA D 202 -17.05 27.48 -5.94
CA ALA D 202 -18.44 27.08 -6.14
C ALA D 202 -19.28 28.22 -6.69
N HIS D 203 -18.70 29.41 -6.78
CA HIS D 203 -19.37 30.61 -7.25
C HIS D 203 -18.34 31.45 -7.99
N ASN D 204 -18.78 32.60 -8.52
CA ASN D 204 -17.89 33.57 -9.14
C ASN D 204 -16.57 33.71 -8.36
N PRO D 205 -15.47 33.34 -9.02
CA PRO D 205 -14.14 33.43 -8.41
C PRO D 205 -13.89 34.74 -7.67
N LYS D 206 -14.41 35.84 -8.21
CA LYS D 206 -14.19 37.16 -7.61
C LYS D 206 -14.91 37.37 -6.27
N LEU D 207 -15.81 36.46 -5.90
CA LEU D 207 -16.44 36.51 -4.59
C LEU D 207 -15.48 35.93 -3.56
N TYR D 208 -14.52 35.15 -4.04
CA TYR D 208 -13.54 34.57 -3.13
C TYR D 208 -12.32 35.45 -2.99
N HIS D 209 -11.94 36.09 -4.08
CA HIS D 209 -10.72 36.91 -4.10
C HIS D 209 -10.66 37.66 -5.40
N GLU D 210 -10.36 38.93 -5.30
CA GLU D 210 -10.29 39.79 -6.47
C GLU D 210 -9.30 39.32 -7.53
N TYR D 211 -8.24 38.60 -7.14
CA TYR D 211 -7.26 38.05 -8.08
C TYR D 211 -7.36 36.54 -8.21
N ALA D 212 -8.52 35.98 -7.92
CA ALA D 212 -8.70 34.54 -8.04
C ALA D 212 -8.37 34.02 -9.44
N VAL D 213 -8.85 34.72 -10.46
CA VAL D 213 -8.53 34.39 -11.84
C VAL D 213 -7.80 35.55 -12.51
N ALA D 214 -7.11 35.25 -13.60
CA ALA D 214 -6.35 36.27 -14.29
C ALA D 214 -7.28 37.30 -14.91
W W E . 11.58 -14.50 -26.14
PB 2MD F . 4.77 -10.68 -26.81
O3B 2MD F . 4.12 -11.19 -25.46
O1B 2MD F . 4.11 -9.44 -27.16
O2B 2MD F . 4.92 -11.75 -27.82
O3A 2MD F . 6.25 -10.24 -26.33
C10 2MD F . 7.23 -11.24 -26.10
C11 2MD F . 8.64 -10.66 -26.19
O11 2MD F . 8.76 -9.59 -25.22
C12 2MD F . 9.70 -11.71 -25.80
S12 2MD F . 9.65 -13.09 -26.79
C13 2MD F . 10.96 -11.19 -25.41
S13 2MD F . 12.19 -12.44 -25.16
C14 2MD F . 11.15 -9.78 -24.80
N15 2MD F . 11.12 -9.93 -23.33
C16 2MD F . 11.15 -8.74 -22.64
C15 2MD F . 11.91 -8.58 -21.38
O14 2MD F . 12.57 -9.51 -20.91
N17 2MD F . 11.90 -7.39 -20.81
C17 2MD F . 11.19 -6.37 -21.34
N16 2MD F . 11.18 -5.15 -20.69
N18 2MD F . 10.49 -6.49 -22.47
C20 2MD F . 10.47 -7.68 -23.13
N8 2MD F . 9.82 -7.82 -24.26
C7 2MD F . 9.98 -8.86 -25.20
PA 2MD F . 2.73 -11.88 -25.15
O1A 2MD F . 1.72 -11.28 -26.02
O2A 2MD F . 2.43 -11.70 -23.70
O5' 2MD F . 2.86 -13.46 -25.43
C5' 2MD F . 2.50 -14.04 -26.67
C4' 2MD F . 0.99 -14.00 -26.91
O4' 2MD F . 0.51 -15.23 -27.44
C1' 2MD F . -0.89 -15.31 -27.24
N9 2MD F . -1.32 -16.63 -27.68
C4 2MD F . -1.90 -16.83 -28.83
N3 2MD F . -2.24 -16.04 -29.83
C2 2MD F . -2.81 -16.55 -30.93
N2 2MD F . -3.16 -15.69 -31.95
N1 2MD F . -3.08 -17.84 -31.11
C6 2MD F . -2.81 -18.75 -30.15
O6 2MD F . -3.07 -19.95 -30.37
C5 2MD F . -2.16 -18.28 -28.91
N7 2MD F . -1.71 -18.82 -27.77
C8 2MD F . -1.20 -17.82 -27.04
C2' 2MD F . -0.93 -14.96 -25.78
O2' 2MD F . -2.25 -14.71 -25.34
C3' 2MD F . 0.06 -13.78 -25.72
O3' 2MD F . -0.54 -12.49 -25.88
PB MGD G . 15.35 -13.68 -17.77
O1B MGD G . 14.62 -14.13 -16.61
O2B MGD G . 14.84 -12.55 -18.48
O3B MGD G . 15.20 -14.86 -18.80
O3A MGD G . 14.92 -16.69 -20.56
PA MGD G . 15.99 -15.97 -19.58
O1A MGD G . 16.42 -17.01 -18.63
O2A MGD G . 16.98 -15.23 -20.36
O5' MGD G . 16.95 -13.49 -17.56
C5' MGD G . 17.68 -14.61 -17.06
C4' MGD G . 18.67 -14.14 -15.99
O4' MGD G . 19.53 -13.13 -16.49
C3' MGD G . 18.02 -13.41 -14.81
O3' MGD G . 18.17 -14.24 -13.68
C2' MGD G . 18.76 -12.08 -14.64
O2' MGD G . 19.20 -11.80 -13.33
C1' MGD G . 20.03 -12.34 -15.40
N9 MGD G . 20.79 -11.21 -15.93
C8 MGD G . 20.40 -9.94 -16.17
N7 MGD G . 21.40 -9.22 -16.72
C5 MGD G . 22.44 -10.06 -16.83
C6 MGD G . 23.80 -9.96 -17.33
O6 MGD G . 24.21 -8.88 -17.77
N1 MGD G . 24.57 -11.05 -17.25
C2 MGD G . 24.16 -12.22 -16.77
N2 MGD G . 25.07 -13.28 -16.76
N3 MGD G . 22.91 -12.41 -16.30
C4 MGD G . 22.04 -11.38 -16.32
C10 MGD G . 14.31 -15.88 -21.52
C11 MGD G . 13.35 -16.84 -22.23
O11 MGD G . 12.48 -17.34 -21.21
C12 MGD G . 12.48 -16.22 -23.31
S12 MGD G . 13.32 -15.40 -24.58
C13 MGD G . 11.11 -16.31 -23.35
S13 MGD G . 10.16 -15.65 -24.62
C14 MGD G . 10.32 -17.12 -22.32
N15 MGD G . 9.70 -16.26 -21.29
C16 MGD G . 9.40 -16.85 -20.07
C17 MGD G . 8.45 -16.20 -19.15
O17 MGD G . 7.93 -15.11 -19.46
N18 MGD G . 8.24 -16.80 -17.98
C19 MGD G . 8.82 -18.00 -17.68
N19 MGD G . 8.55 -18.63 -16.44
N20 MGD G . 9.66 -18.61 -18.52
C21 MGD G . 9.96 -18.06 -19.72
N22 MGD G . 10.79 -18.70 -20.55
C23 MGD G . 11.35 -18.06 -21.68
UNK UNX H . 10.78 -15.96 -27.90
FE1 SF4 I . 6.66 -25.60 -17.54
FE2 SF4 I . 7.99 -25.07 -20.01
FE3 SF4 I . 7.24 -27.68 -19.33
FE4 SF4 I . 5.30 -25.85 -19.94
S1 SF4 I . 6.98 -26.61 -21.42
S2 SF4 I . 5.24 -27.32 -18.10
S3 SF4 I . 6.19 -23.97 -19.09
S4 SF4 I . 8.79 -26.38 -18.27
CA CA J . 35.36 -31.98 -24.15
N1 EPE K . -0.89 -18.52 11.38
C2 EPE K . -2.20 -19.00 10.91
C3 EPE K . -3.07 -19.67 11.99
N4 EPE K . -2.33 -20.44 12.97
C5 EPE K . -1.06 -19.90 13.41
C6 EPE K . -0.18 -19.50 12.22
C7 EPE K . -3.10 -21.19 13.96
C8 EPE K . -4.53 -21.49 13.51
O8 EPE K . -4.49 -21.92 12.17
C9 EPE K . -0.07 -18.20 10.20
C10 EPE K . -0.64 -16.96 9.50
S EPE K . 0.51 -16.16 8.35
O1S EPE K . 1.77 -15.82 9.03
O2S EPE K . 0.80 -17.09 7.26
O3S EPE K . -0.06 -14.93 7.79
FE1 SF4 L . 8.54 -30.43 -6.97
FE2 SF4 L . 6.61 -28.75 -5.89
FE3 SF4 L . 9.28 -28.22 -5.45
FE4 SF4 L . 8.18 -27.92 -8.05
S1 SF4 L . 7.66 -26.73 -6.20
S2 SF4 L . 10.22 -28.90 -7.44
S3 SF4 L . 6.60 -29.61 -7.96
S4 SF4 L . 8.04 -30.11 -4.74
FE1 SF4 M . -2.99 -34.77 -3.52
FE2 SF4 M . -0.53 -33.60 -3.12
FE3 SF4 M . -2.32 -33.88 -1.01
FE4 SF4 M . -2.80 -32.07 -3.02
S1 SF4 M . -1.01 -32.11 -1.55
S2 SF4 M . -4.25 -33.56 -2.07
S3 SF4 M . -1.97 -33.05 -4.83
S4 SF4 M . -1.43 -35.64 -2.13
FE1 SF4 N . -2.52 -32.22 11.20
FE2 SF4 N . -2.75 -33.68 8.87
FE3 SF4 N . -1.57 -34.81 11.22
FE4 SF4 N . -4.29 -34.27 11.16
S1 SF4 N . -3.13 -35.89 9.86
S2 SF4 N . -2.95 -33.78 12.82
S3 SF4 N . -4.33 -32.32 9.81
S4 SF4 N . -0.75 -33.01 9.89
W W O . -13.12 22.95 28.81
PB 2MD P . -7.80 27.56 32.25
O3B 2MD P . -7.14 28.08 30.88
O1B 2MD P . -7.47 28.53 33.29
O2B 2MD P . -7.43 26.18 32.48
O3A 2MD P . -9.39 27.67 32.05
C10 2MD P . -10.04 26.83 31.14
C11 2MD P . -11.53 26.80 31.43
O11 2MD P . -12.05 28.08 31.06
C12 2MD P . -12.14 25.74 30.51
S12 2MD P . -11.65 24.11 30.38
C13 2MD P . -13.49 26.14 30.02
S13 2MD P . -14.35 24.89 29.09
C14 2MD P . -14.20 27.45 30.33
N15 2MD P . -14.30 28.21 29.06
C16 2MD P . -14.74 29.48 29.19
C15 2MD P . -15.61 30.08 28.16
O14 2MD P . -15.95 29.41 27.12
N17 2MD P . -16.02 31.34 28.38
C17 2MD P . -15.66 32.01 29.50
N16 2MD P . -16.10 33.30 29.70
N18 2MD P . -14.88 31.46 30.45
C20 2MD P . -14.43 30.19 30.31
N8 2MD P . -13.67 29.67 31.27
C7 2MD P . -13.42 28.29 31.36
PA 2MD P . -5.61 28.13 30.45
O1A 2MD P . -4.78 28.43 31.63
O2A 2MD P . -5.56 29.15 29.38
O5' 2MD P . -5.35 26.69 29.76
C5' 2MD P . -4.61 25.63 30.35
C4' 2MD P . -3.20 26.06 30.78
O4' 2MD P . -2.26 24.97 30.68
C1' 2MD P . -0.95 25.48 30.58
N9 2MD P . -0.07 24.37 30.18
C4 2MD P . 0.66 23.71 31.08
N3 2MD P . 0.83 23.85 32.39
C2 2MD P . 1.62 23.00 33.07
N2 2MD P . 1.77 23.20 34.44
N1 2MD P . 2.28 21.99 32.49
C6 2MD P . 2.20 21.75 31.16
O6 2MD P . 2.84 20.81 30.63
C5 2MD P . 1.32 22.64 30.36
N7 2MD P . 0.95 22.76 29.08
C8 2MD P . 0.09 23.80 28.98
C2' 2MD P . -1.21 26.53 29.52
O2' 2MD P . -0.09 27.36 29.56
C3' 2MD P . -2.50 27.19 30.00
O3' 2MD P . -2.15 28.25 30.89
PB MGD Q . -17.68 27.21 22.04
O1B MGD Q . -17.08 27.89 20.90
O2B MGD Q . -17.51 28.01 23.25
O3B MGD Q . -16.99 25.83 22.23
O3A MGD Q . -16.13 23.56 22.59
PA MGD Q . -17.46 24.32 22.18
O1A MGD Q . -17.71 23.88 20.80
O2A MGD Q . -18.61 24.08 23.06
O5' MGD Q . -19.25 27.00 21.84
C5' MGD Q . -19.66 26.29 20.67
C4' MGD Q . -20.82 27.00 19.98
O4' MGD Q . -21.95 27.14 20.80
C3' MGD Q . -20.53 28.43 19.54
O3' MGD Q . -20.47 28.40 18.13
C2' MGD Q . -21.70 29.29 20.03
O2' MGD Q . -22.26 30.19 19.08
C1' MGD Q . -22.74 28.25 20.39
N9 MGD Q . -23.77 28.60 21.40
C8 MGD Q . -23.75 29.55 22.34
N7 MGD Q . -24.88 29.50 23.08
C5 MGD Q . -25.63 28.49 22.62
C6 MGD Q . -26.91 27.86 22.95
O6 MGD Q . -27.61 28.34 23.87
N1 MGD Q . -27.32 26.81 22.20
C2 MGD Q . -26.57 26.32 21.19
N2 MGD Q . -27.02 25.22 20.45
N3 MGD Q . -25.38 26.86 20.86
C4 MGD Q . -24.88 27.90 21.53
C10 MGD Q . -15.68 23.76 23.93
C11 MGD Q . -14.40 22.92 24.06
O11 MGD Q . -13.48 23.42 23.08
C12 MGD Q . -13.70 23.02 25.44
S12 MGD Q . -14.65 22.66 26.81
C13 MGD Q . -12.38 23.31 25.48
S13 MGD Q . -11.58 23.39 27.00
C14 MGD Q . -11.44 23.51 24.29
N15 MGD Q . -11.24 24.91 24.01
C16 MGD Q . -10.85 25.28 22.72
C17 MGD Q . -10.26 26.60 22.48
O17 MGD Q . -10.11 27.36 23.46
N18 MGD Q . -9.94 26.93 21.21
C19 MGD Q . -10.12 26.05 20.20
N19 MGD Q . -9.80 26.37 18.87
N20 MGD Q . -10.67 24.84 20.41
C21 MGD Q . -11.02 24.45 21.67
N22 MGD Q . -11.51 23.24 21.87
C23 MGD Q . -12.16 22.88 23.09
UNK UNX R . -11.85 21.07 29.52
FE1 SF4 S . -5.86 20.89 15.98
FE2 SF4 S . -4.28 19.74 17.91
FE3 SF4 S . -5.62 18.10 16.18
FE4 SF4 S . -7.04 19.48 18.15
S1 SF4 S . -5.50 17.73 18.47
S2 SF4 S . -7.56 19.29 15.90
S3 SF4 S . -5.79 21.40 18.24
S4 SF4 S . -3.96 19.64 15.65
CA CA T . -30.58 3.76 14.61
N1 EPE U . -3.31 45.13 -2.67
C2 EPE U . -1.94 44.70 -2.35
C3 EPE U . -0.94 45.30 -3.32
N4 EPE U . -1.36 45.16 -4.71
C5 EPE U . -2.77 45.28 -5.06
C6 EPE U . -3.70 44.68 -4.02
C7 EPE U . -0.38 45.23 -5.77
C8 EPE U . 1.00 45.71 -5.31
O8 EPE U . 1.70 44.63 -4.75
C9 EPE U . -4.26 44.57 -1.70
C10 EPE U . -3.98 45.11 -0.30
S EPE U . -5.24 44.58 0.90
O1S EPE U . -4.87 45.00 2.26
O2S EPE U . -5.36 43.12 0.83
O3S EPE U . -6.51 45.18 0.49
FE1 SF4 V . -7.09 22.73 4.37
FE2 SF4 V . -7.40 24.17 6.74
FE3 SF4 V . -8.54 25.06 4.35
FE4 SF4 V . -5.81 25.25 4.70
S1 SF4 V . -7.43 26.32 5.93
S2 SF4 V . -6.90 24.38 2.84
S3 SF4 V . -5.37 23.35 5.88
S4 SF4 V . -9.08 23.11 5.50
FE1 SF4 W . 4.98 24.82 0.38
FE2 SF4 W . 2.26 25.19 0.48
FE3 SF4 W . 3.82 26.77 -1.19
FE4 SF4 W . 3.85 27.16 1.54
S1 SF4 W . 2.05 27.35 0.19
S2 SF4 W . 5.60 27.04 0.06
S3 SF4 W . 3.56 25.01 2.41
S4 SF4 W . 3.60 24.52 -1.36
FE1 SF4 X . 2.59 35.19 -10.07
FE2 SF4 X . 3.44 32.75 -8.99
FE3 SF4 X . 2.53 32.95 -11.66
FE4 SF4 X . 4.96 34.13 -11.00
S1 SF4 X . 4.42 31.85 -10.96
S2 SF4 X . 3.44 35.12 -12.24
S3 SF4 X . 4.51 34.84 -8.82
S4 SF4 X . 1.31 33.23 -9.63
#